data_9MTH
#
_entry.id   9MTH
#
_cell.length_a   1.00
_cell.length_b   1.00
_cell.length_c   1.00
_cell.angle_alpha   90.00
_cell.angle_beta   90.00
_cell.angle_gamma   90.00
#
_symmetry.space_group_name_H-M   'P 1'
#
loop_
_entity.id
_entity.type
_entity.pdbx_description
1 polymer 'Hemagglutinin (HA1 polypeptide) from influenza H1N1 A/Solomon Island/3/2006'
2 polymer 'Hemagglutinin (HA2 polypeptide) from influenza H1N1 A/Solomon Island/3/2006'
3 polymer 'Heavy chain of Fab from porcine antibody 14-8'
4 polymer 'Light chain of Fab from porcine antibody 14-8'
#
loop_
_entity_poly.entity_id
_entity_poly.type
_entity_poly.pdbx_seq_one_letter_code
_entity_poly.pdbx_strand_id
1 'polypeptide(L)'
;DTICIGYHANNSTDTVDTVLEKNVTVTHSVNLLEDSHNGKLCLLKGIAPLQLGNCSVAGWILGNPECELLISRESWSYIV
EKPNPENGTCYPGHFADYEELREQLSSVSSFERFEIFPKESSWPNHTTTGVSASCSHNGESSFYKNLLWLTGKNGLYPNL
SKSYANNKEKEVLVLWGVHHPPNIGDQRALYHKENAYVSVVSSHYSRKFTPEIAKRPKVRDQEGRINYYWTLLEPGDTII
FEANGNLIAPRYAFALSRGFGSGIINSNAPMDECDAKCQTPQGAINSSLPFQNVHPVTIGECPKYVRSAKLRMVTGLRNI
PSIQSR
;
A,C,E
2 'polypeptide(L)'
;GLFGAIAGFIEGGWTGMVDGWYGYHHQNEQGSGYAADQKSTQNAINGITNKVNSVIEKMNTQFTAVGKEFNKLERRMENL
NKKVDDGFIDIWTYNAELLVLLENERTLDFHDSNVKNLYEKVKSQLKNNAKEIGNGCFEFYHKCNDECMESVKNGTYDYP
KYSEESKLNREKIDGVKLESMGVYQILAIYSTVASSLVLLVSLGAISFWMCSNGSLQCRICI
;
B,D,F
3 'polypeptide(L)'
;EEKLVESGGGLVQSGGSLRLSCVGSGFDLSDNAFTWVRQAPGKGLEWVATISTNGGSTYYADSVTGRFTISKDNSRNTIY
LQMNSLRTEDTAHYYCARYKVCHRYGLSCYYYGMDRWGPGVEVVVSSASTKGPS
;
H,I,M
4 'polypeptide(L)'
;QTVIQEPAMSVSPGGTVTLTCAFSSGSVTTSNYPGWYQQTPGQPPRQVIYSTNSRPTVVPSRFSGAISGNKATLTITGAQ
AEDEADYFCGLYKNSANIPFGGGTHLTVLGQPKAAP
;
J,L,N
#
# COMPACT_ATOMS: atom_id res chain seq x y z
N ASP A 1 -17.34 14.53 -47.89
CA ASP A 1 -17.19 15.33 -46.67
C ASP A 1 -17.02 14.43 -45.46
N THR A 2 -15.83 14.44 -44.87
CA THR A 2 -15.49 13.56 -43.77
C THR A 2 -15.05 14.36 -42.55
N ILE A 3 -15.47 13.89 -41.38
CA ILE A 3 -14.96 14.37 -40.10
C ILE A 3 -14.36 13.18 -39.37
N CYS A 4 -13.11 13.32 -38.93
CA CYS A 4 -12.40 12.21 -38.32
C CYS A 4 -11.94 12.56 -36.91
N ILE A 5 -12.06 11.59 -36.00
CA ILE A 5 -11.71 11.77 -34.60
C ILE A 5 -10.39 11.05 -34.32
N GLY A 6 -9.48 11.74 -33.68
CA GLY A 6 -8.17 11.19 -33.36
C GLY A 6 -7.67 11.74 -32.05
N TYR A 7 -6.39 11.52 -31.78
CA TYR A 7 -5.78 11.98 -30.55
C TYR A 7 -4.44 12.63 -30.88
N HIS A 8 -3.66 12.90 -29.86
CA HIS A 8 -2.47 13.73 -29.95
C HIS A 8 -1.20 12.90 -29.93
N ALA A 9 -0.25 13.27 -30.78
CA ALA A 9 1.06 12.65 -30.80
C ALA A 9 2.13 13.74 -30.90
N ASN A 10 3.31 13.45 -30.39
CA ASN A 10 4.40 14.42 -30.39
C ASN A 10 5.73 13.68 -30.53
N ASN A 11 6.82 14.44 -30.49
CA ASN A 11 8.16 13.88 -30.67
C ASN A 11 8.76 13.36 -29.37
N SER A 12 7.98 13.27 -28.30
CA SER A 12 8.52 12.84 -27.01
C SER A 12 8.99 11.40 -27.07
N THR A 13 10.12 11.13 -26.42
CA THR A 13 10.66 9.78 -26.31
C THR A 13 10.62 9.27 -24.87
N ASP A 14 9.86 9.93 -24.00
CA ASP A 14 9.74 9.48 -22.62
C ASP A 14 8.98 8.17 -22.57
N THR A 15 9.43 7.28 -21.69
CA THR A 15 8.83 5.97 -21.53
C THR A 15 8.46 5.74 -20.07
N VAL A 16 7.34 5.06 -19.86
CA VAL A 16 6.87 4.71 -18.53
C VAL A 16 6.60 3.21 -18.49
N ASP A 17 6.63 2.67 -17.28
CA ASP A 17 6.32 1.27 -17.05
C ASP A 17 4.89 1.11 -16.58
N THR A 18 4.25 0.02 -17.02
CA THR A 18 2.86 -0.24 -16.74
C THR A 18 2.73 -1.67 -16.25
N VAL A 19 1.66 -1.94 -15.49
CA VAL A 19 1.45 -3.27 -14.91
C VAL A 19 1.32 -4.33 -16.01
N LEU A 20 0.86 -3.95 -17.20
CA LEU A 20 0.66 -4.90 -18.28
C LEU A 20 1.75 -4.88 -19.32
N GLU A 21 2.37 -3.72 -19.57
CA GLU A 21 3.41 -3.59 -20.57
C GLU A 21 4.55 -2.73 -20.03
N LYS A 22 5.77 -3.14 -20.32
CA LYS A 22 6.94 -2.36 -19.95
C LYS A 22 7.42 -1.53 -21.13
N ASN A 23 8.03 -0.38 -20.82
CA ASN A 23 8.64 0.50 -21.81
C ASN A 23 7.61 1.01 -22.81
N VAL A 24 6.64 1.76 -22.29
CA VAL A 24 5.56 2.35 -23.09
C VAL A 24 5.91 3.81 -23.33
N THR A 25 6.06 4.19 -24.60
CA THR A 25 6.36 5.57 -24.94
C THR A 25 5.11 6.43 -24.80
N VAL A 26 5.25 7.55 -24.10
CA VAL A 26 4.13 8.41 -23.76
C VAL A 26 4.47 9.83 -24.15
N THR A 27 3.43 10.65 -24.30
CA THR A 27 3.62 12.03 -24.75
C THR A 27 4.19 12.90 -23.63
N HIS A 28 3.80 12.65 -22.39
CA HIS A 28 4.28 13.44 -21.27
C HIS A 28 4.33 12.57 -20.02
N SER A 29 5.19 12.94 -19.07
CA SER A 29 5.35 12.23 -17.82
C SER A 29 5.76 13.20 -16.73
N VAL A 30 5.55 12.79 -15.49
CA VAL A 30 5.97 13.57 -14.33
C VAL A 30 6.78 12.66 -13.42
N ASN A 31 7.86 13.20 -12.86
CA ASN A 31 8.75 12.44 -12.00
C ASN A 31 8.24 12.53 -10.56
N LEU A 32 8.00 11.37 -9.95
CA LEU A 32 7.61 11.29 -8.55
C LEU A 32 8.81 11.06 -7.64
N LEU A 33 10.01 11.06 -8.19
CA LEU A 33 11.22 10.71 -7.47
C LEU A 33 12.28 11.77 -7.71
N GLU A 34 12.95 12.19 -6.63
CA GLU A 34 14.03 13.15 -6.73
C GLU A 34 15.37 12.45 -6.59
N ASP A 35 16.25 12.68 -7.56
CA ASP A 35 17.55 12.03 -7.60
C ASP A 35 18.71 12.99 -7.42
N SER A 36 18.44 14.26 -7.12
CA SER A 36 19.48 15.27 -7.06
C SER A 36 19.37 16.06 -5.76
N HIS A 37 20.46 16.76 -5.43
CA HIS A 37 20.54 17.53 -4.19
C HIS A 37 21.27 18.84 -4.46
N ASN A 38 21.21 19.74 -3.48
CA ASN A 38 21.87 21.04 -3.61
C ASN A 38 23.38 20.91 -3.59
N GLY A 39 23.90 19.92 -2.87
CA GLY A 39 25.34 19.78 -2.73
C GLY A 39 25.95 20.67 -1.67
N LYS A 40 25.10 21.34 -0.90
CA LYS A 40 25.55 22.25 0.17
C LYS A 40 24.67 22.14 1.42
N LEU A 41 25.24 22.33 2.60
CA LEU A 41 24.45 22.34 3.83
C LEU A 41 23.70 23.66 3.98
N CYS A 42 22.46 23.56 4.41
CA CYS A 42 21.59 24.73 4.48
C CYS A 42 20.71 24.63 5.72
N LEU A 43 20.10 25.75 6.08
CA LEU A 43 19.40 25.86 7.35
C LEU A 43 18.16 24.97 7.38
N LEU A 44 17.80 24.55 8.59
CA LEU A 44 16.58 23.77 8.85
C LEU A 44 15.72 24.50 9.87
N LYS A 45 14.43 24.66 9.53
CA LYS A 45 13.49 25.46 10.31
C LYS A 45 13.98 26.88 10.53
N GLY A 46 14.80 27.40 9.63
CA GLY A 46 15.33 28.74 9.78
C GLY A 46 16.46 28.88 10.75
N ILE A 47 16.92 27.78 11.36
CA ILE A 47 18.01 27.81 12.32
C ILE A 47 19.21 27.09 11.71
N ALA A 48 20.35 27.75 11.71
CA ALA A 48 21.54 27.21 11.08
C ALA A 48 22.12 26.07 11.91
N PRO A 49 22.82 25.14 11.28
CA PRO A 49 23.52 24.11 12.03
C PRO A 49 24.77 24.64 12.72
N LEU A 50 25.20 23.92 13.75
CA LEU A 50 26.41 24.26 14.47
C LEU A 50 27.58 23.53 13.84
N GLN A 51 28.40 24.27 13.09
CA GLN A 51 29.60 23.71 12.48
C GLN A 51 30.70 23.60 13.52
N LEU A 52 31.37 22.45 13.56
CA LEU A 52 32.43 22.19 14.52
C LEU A 52 33.82 22.24 13.92
N GLY A 53 33.94 22.27 12.60
CA GLY A 53 35.27 22.30 12.00
C GLY A 53 36.00 21.00 12.26
N ASN A 54 37.23 21.12 12.75
CA ASN A 54 38.08 19.96 12.99
C ASN A 54 37.85 19.32 14.35
N CYS A 55 36.91 19.84 15.14
CA CYS A 55 36.63 19.29 16.45
C CYS A 55 35.51 18.25 16.39
N SER A 56 35.36 17.53 17.49
CA SER A 56 34.24 16.63 17.72
C SER A 56 33.36 17.17 18.83
N VAL A 57 32.25 16.49 19.09
CA VAL A 57 31.35 16.91 20.16
C VAL A 57 32.06 16.85 21.50
N ALA A 58 32.81 15.77 21.75
CA ALA A 58 33.54 15.63 23.00
C ALA A 58 34.56 16.76 23.16
N GLY A 59 35.35 17.00 22.11
CA GLY A 59 36.38 18.02 22.20
C GLY A 59 35.80 19.42 22.35
N TRP A 60 34.70 19.69 21.65
CA TRP A 60 34.09 21.01 21.71
C TRP A 60 33.42 21.25 23.05
N ILE A 61 32.80 20.22 23.61
CA ILE A 61 32.08 20.40 24.87
C ILE A 61 33.04 20.34 26.05
N LEU A 62 34.21 19.73 25.89
CA LEU A 62 35.22 19.78 26.93
C LEU A 62 36.12 21.01 26.82
N GLY A 63 36.07 21.72 25.70
CA GLY A 63 36.90 22.88 25.51
C GLY A 63 38.32 22.55 25.12
N ASN A 64 38.48 21.86 24.00
CA ASN A 64 39.82 21.60 23.49
C ASN A 64 40.51 22.93 23.20
N PRO A 65 41.79 23.06 23.53
CA PRO A 65 42.46 24.36 23.34
C PRO A 65 42.41 24.86 21.90
N GLU A 66 42.53 23.97 20.92
CA GLU A 66 42.43 24.36 19.52
C GLU A 66 41.00 24.21 19.00
N CYS A 67 40.06 24.75 19.76
CA CYS A 67 38.66 24.81 19.35
C CYS A 67 38.07 26.15 19.75
N GLU A 68 38.88 27.21 19.67
CA GLU A 68 38.47 28.53 20.12
C GLU A 68 37.90 29.42 19.03
N LEU A 69 38.17 29.13 17.76
CA LEU A 69 37.64 29.95 16.68
C LEU A 69 36.12 29.81 16.55
N LEU A 70 35.53 28.82 17.23
CA LEU A 70 34.09 28.60 17.20
C LEU A 70 33.35 29.79 17.79
N ILE A 71 32.40 30.32 17.03
CA ILE A 71 31.61 31.45 17.49
C ILE A 71 30.51 30.95 18.42
N SER A 72 30.10 31.81 19.35
CA SER A 72 29.05 31.44 20.30
C SER A 72 27.71 31.32 19.58
N ARG A 73 27.02 30.21 19.82
CA ARG A 73 25.73 29.95 19.19
C ARG A 73 24.72 29.65 20.28
N GLU A 74 23.56 30.30 20.20
CA GLU A 74 22.53 30.13 21.22
C GLU A 74 21.54 29.03 20.87
N SER A 75 21.46 28.63 19.62
CA SER A 75 20.53 27.59 19.19
C SER A 75 20.95 27.09 17.82
N TRP A 76 20.92 25.77 17.63
CA TRP A 76 21.21 25.17 16.34
C TRP A 76 20.22 24.05 16.07
N SER A 77 19.89 23.86 14.79
CA SER A 77 18.95 22.83 14.39
C SER A 77 19.60 21.45 14.45
N TYR A 78 20.84 21.34 13.99
CA TYR A 78 21.56 20.07 14.00
C TYR A 78 23.05 20.38 14.03
N ILE A 79 23.87 19.32 14.01
CA ILE A 79 25.32 19.43 14.14
C ILE A 79 25.96 18.84 12.90
N VAL A 80 27.06 19.46 12.46
CA VAL A 80 27.84 19.00 11.31
C VAL A 80 29.25 18.67 11.79
N GLU A 81 29.73 17.50 11.40
CA GLU A 81 31.06 17.03 11.76
C GLU A 81 31.78 16.48 10.54
N LYS A 82 33.08 16.31 10.70
CA LYS A 82 33.90 15.71 9.65
C LYS A 82 33.95 14.21 9.93
N PRO A 83 33.97 13.33 8.92
CA PRO A 83 33.93 11.88 9.15
C PRO A 83 34.90 11.40 10.21
N ASN A 84 36.10 11.96 10.26
CA ASN A 84 37.13 11.56 11.23
C ASN A 84 37.73 12.81 11.87
N PRO A 85 37.04 13.38 12.86
CA PRO A 85 37.60 14.56 13.55
C PRO A 85 38.91 14.20 14.24
N GLU A 86 39.84 15.15 14.25
CA GLU A 86 41.16 14.90 14.81
C GLU A 86 41.39 15.60 16.14
N ASN A 87 40.85 16.80 16.33
CA ASN A 87 41.02 17.53 17.58
C ASN A 87 39.81 17.27 18.47
N GLY A 88 39.87 16.16 19.20
CA GLY A 88 38.82 15.80 20.13
C GLY A 88 39.26 15.91 21.57
N THR A 89 39.40 14.77 22.26
CA THR A 89 39.90 14.74 23.62
C THR A 89 41.42 14.69 23.57
N CYS A 90 42.05 15.82 23.91
CA CYS A 90 43.51 15.90 23.83
C CYS A 90 44.17 14.92 24.79
N TYR A 91 43.68 14.86 26.03
CA TYR A 91 44.16 13.87 26.98
C TYR A 91 43.41 12.57 26.77
N PRO A 92 44.11 11.45 26.53
CA PRO A 92 43.40 10.20 26.21
C PRO A 92 42.57 9.72 27.38
N GLY A 93 41.44 9.08 27.06
CA GLY A 93 40.59 8.54 28.09
C GLY A 93 39.25 8.14 27.50
N HIS A 94 38.39 7.66 28.39
CA HIS A 94 37.06 7.19 28.01
C HIS A 94 36.01 8.25 28.36
N PHE A 95 35.13 8.51 27.41
CA PHE A 95 34.04 9.48 27.58
C PHE A 95 32.75 8.68 27.78
N ALA A 96 32.24 8.68 29.01
CA ALA A 96 31.06 7.91 29.35
C ALA A 96 29.81 8.48 28.68
N ASP A 97 28.98 7.58 28.14
CA ASP A 97 27.72 7.94 27.50
C ASP A 97 27.93 8.98 26.40
N TYR A 98 28.93 8.76 25.57
CA TYR A 98 29.25 9.71 24.51
C TYR A 98 28.11 9.82 23.50
N GLU A 99 27.53 8.69 23.10
CA GLU A 99 26.41 8.71 22.16
C GLU A 99 25.17 9.36 22.74
N GLU A 100 24.88 9.11 24.02
CA GLU A 100 23.77 9.80 24.66
C GLU A 100 23.97 11.31 24.65
N LEU A 101 25.18 11.76 25.00
CA LEU A 101 25.45 13.20 24.99
C LEU A 101 25.32 13.78 23.59
N ARG A 102 25.81 13.06 22.58
CA ARG A 102 25.68 13.51 21.21
C ARG A 102 24.21 13.65 20.81
N GLU A 103 23.38 12.70 21.22
CA GLU A 103 21.96 12.77 20.90
C GLU A 103 21.29 13.94 21.64
N GLN A 104 21.68 14.19 22.87
CA GLN A 104 21.08 15.29 23.62
C GLN A 104 21.46 16.65 23.05
N LEU A 105 22.69 16.79 22.56
CA LEU A 105 23.19 18.05 22.05
C LEU A 105 22.89 18.28 20.58
N SER A 106 22.13 17.39 19.94
CA SER A 106 21.86 17.52 18.52
C SER A 106 21.12 18.81 18.21
N SER A 107 20.12 19.15 19.02
CA SER A 107 19.38 20.39 18.84
C SER A 107 19.04 20.99 20.19
N VAL A 108 19.32 22.27 20.35
CA VAL A 108 19.00 23.01 21.57
C VAL A 108 18.27 24.29 21.19
N SER A 109 17.21 24.61 21.94
CA SER A 109 16.52 25.88 21.74
C SER A 109 17.28 27.03 22.37
N SER A 110 17.89 26.79 23.54
CA SER A 110 18.73 27.77 24.21
C SER A 110 20.01 27.09 24.67
N PHE A 111 21.11 27.82 24.68
CA PHE A 111 22.41 27.28 25.05
C PHE A 111 23.27 28.41 25.59
N GLU A 112 23.57 28.35 26.88
CA GLU A 112 24.39 29.38 27.53
C GLU A 112 25.51 28.71 28.29
N ARG A 113 26.72 29.25 28.15
CA ARG A 113 27.87 28.77 28.89
C ARG A 113 28.13 29.69 30.07
N PHE A 114 28.12 29.13 31.28
CA PHE A 114 28.33 29.91 32.48
C PHE A 114 29.30 29.20 33.41
N GLU A 115 29.98 29.99 34.24
CA GLU A 115 31.00 29.48 35.15
C GLU A 115 30.33 28.83 36.35
N ILE A 116 30.33 27.50 36.39
CA ILE A 116 29.78 26.80 37.54
C ILE A 116 30.67 26.98 38.76
N PHE A 117 31.99 26.88 38.60
CA PHE A 117 32.93 27.07 39.69
C PHE A 117 34.00 28.04 39.21
N PRO A 118 34.03 29.26 39.75
CA PRO A 118 35.06 30.22 39.33
C PRO A 118 36.45 29.71 39.63
N LYS A 119 37.38 30.05 38.73
CA LYS A 119 38.77 29.61 38.91
C LYS A 119 39.46 30.38 40.03
N GLU A 120 39.29 31.70 40.06
CA GLU A 120 39.97 32.51 41.06
C GLU A 120 39.50 32.18 42.46
N SER A 121 38.20 31.98 42.64
CA SER A 121 37.62 31.56 43.91
C SER A 121 37.43 30.03 43.89
N SER A 122 36.77 29.53 44.93
CA SER A 122 36.28 28.17 45.05
C SER A 122 37.36 27.11 45.12
N TRP A 123 38.63 27.48 44.94
CA TRP A 123 39.75 26.53 45.07
C TRP A 123 40.88 27.19 45.85
N PRO A 124 40.66 27.47 47.13
CA PRO A 124 41.69 28.20 47.90
C PRO A 124 42.77 27.32 48.46
N ASN A 125 42.56 26.01 48.55
CA ASN A 125 43.54 25.11 49.14
C ASN A 125 44.17 24.16 48.13
N HIS A 126 43.92 24.35 46.84
CA HIS A 126 44.48 23.52 45.80
C HIS A 126 45.07 24.40 44.70
N THR A 127 45.97 23.81 43.92
CA THR A 127 46.56 24.49 42.78
C THR A 127 45.72 24.24 41.53
N THR A 128 45.41 25.30 40.80
CA THR A 128 44.51 25.23 39.66
C THR A 128 45.24 25.52 38.34
N THR A 129 46.50 25.13 38.22
CA THR A 129 47.30 25.39 37.04
C THR A 129 47.72 24.09 36.35
N GLY A 130 46.84 23.09 36.38
CA GLY A 130 47.13 21.85 35.69
C GLY A 130 47.29 22.07 34.19
N VAL A 131 48.36 21.52 33.63
CA VAL A 131 48.72 21.73 32.24
C VAL A 131 49.38 20.46 31.71
N SER A 132 49.01 20.06 30.50
CA SER A 132 49.53 18.85 29.89
C SER A 132 50.05 19.16 28.49
N ALA A 133 51.11 18.45 28.08
CA ALA A 133 51.69 18.66 26.77
C ALA A 133 50.83 18.12 25.65
N SER A 134 49.94 17.17 25.94
CA SER A 134 49.05 16.63 24.92
C SER A 134 47.94 17.60 24.54
N CYS A 135 47.72 18.65 25.32
CA CYS A 135 46.72 19.66 25.03
C CYS A 135 47.39 20.98 24.68
N SER A 136 48.46 20.90 23.89
CA SER A 136 49.27 22.06 23.58
C SER A 136 48.51 23.00 22.64
N HIS A 137 48.48 24.28 22.99
CA HIS A 137 47.88 25.32 22.17
C HIS A 137 48.95 26.32 21.77
N ASN A 138 49.01 26.64 20.48
CA ASN A 138 49.99 27.56 19.90
C ASN A 138 51.37 27.40 20.54
N GLY A 139 51.89 26.17 20.49
CA GLY A 139 53.23 25.90 20.95
C GLY A 139 53.36 25.38 22.37
N GLU A 140 52.98 26.18 23.36
CA GLU A 140 53.19 25.75 24.74
C GLU A 140 52.00 24.94 25.24
N SER A 141 52.27 24.12 26.25
CA SER A 141 51.27 23.20 26.78
C SER A 141 50.17 23.92 27.53
N SER A 142 48.96 23.37 27.45
CA SER A 142 47.78 23.96 28.07
C SER A 142 46.83 22.84 28.47
N PHE A 143 45.59 23.20 28.77
CA PHE A 143 44.57 22.24 29.19
C PHE A 143 43.22 22.70 28.64
N TYR A 144 42.16 22.00 29.03
CA TYR A 144 40.83 22.33 28.56
C TYR A 144 40.38 23.69 29.11
N LYS A 145 39.39 24.27 28.43
CA LYS A 145 38.81 25.52 28.90
C LYS A 145 37.67 25.29 29.89
N ASN A 146 36.91 24.22 29.71
CA ASN A 146 35.72 23.96 30.51
C ASN A 146 36.01 23.10 31.74
N LEU A 147 37.24 22.69 31.96
CA LEU A 147 37.61 21.88 33.10
C LEU A 147 38.83 22.49 33.78
N LEU A 148 39.03 22.12 35.05
CA LEU A 148 40.11 22.66 35.86
C LEU A 148 40.80 21.50 36.56
N TRP A 149 42.10 21.36 36.32
CA TRP A 149 42.87 20.29 36.95
C TRP A 149 43.37 20.76 38.31
N LEU A 150 43.00 20.02 39.36
CA LEU A 150 43.39 20.39 40.71
C LEU A 150 44.52 19.49 41.19
N THR A 151 45.59 20.11 41.68
CA THR A 151 46.71 19.42 42.28
C THR A 151 46.97 20.00 43.66
N GLY A 152 47.53 19.17 44.54
CA GLY A 152 47.71 19.58 45.92
C GLY A 152 48.64 20.78 46.04
N LYS A 153 48.25 21.72 46.88
CA LYS A 153 49.07 22.88 47.21
C LYS A 153 49.93 22.57 48.42
N ASN A 154 50.99 23.36 48.59
CA ASN A 154 51.97 23.16 49.67
C ASN A 154 52.53 21.75 49.50
N GLY A 155 52.27 20.83 50.43
CA GLY A 155 52.72 19.47 50.26
C GLY A 155 51.64 18.47 50.60
N LEU A 156 50.38 18.91 50.57
CA LEU A 156 49.27 18.09 50.95
C LEU A 156 48.07 18.41 50.07
N TYR A 157 47.17 17.44 49.94
CA TYR A 157 45.95 17.58 49.15
C TYR A 157 44.76 17.56 50.10
N PRO A 158 44.21 18.71 50.46
CA PRO A 158 43.09 18.72 51.40
C PRO A 158 41.85 18.08 50.82
N ASN A 159 41.00 17.57 51.71
CA ASN A 159 39.69 17.10 51.31
C ASN A 159 38.89 18.24 50.70
N LEU A 160 38.14 17.93 49.65
CA LEU A 160 37.38 18.92 48.91
C LEU A 160 35.92 18.53 48.86
N SER A 161 35.04 19.50 49.15
CA SER A 161 33.60 19.27 49.09
C SER A 161 32.96 20.54 48.54
N LYS A 162 32.52 20.49 47.28
CA LYS A 162 31.90 21.62 46.61
C LYS A 162 30.47 21.26 46.23
N SER A 163 29.63 22.28 46.12
CA SER A 163 28.21 22.09 45.82
C SER A 163 27.72 23.20 44.90
N TYR A 164 26.88 22.83 43.93
CA TYR A 164 26.24 23.77 43.03
C TYR A 164 24.75 23.51 42.99
N ALA A 165 23.95 24.55 43.21
CA ALA A 165 22.50 24.45 43.16
C ALA A 165 21.99 25.09 41.87
N ASN A 166 21.10 24.39 41.18
CA ASN A 166 20.58 24.86 39.91
C ASN A 166 19.45 25.84 40.14
N ASN A 167 19.63 27.06 39.63
CA ASN A 167 18.62 28.12 39.73
C ASN A 167 18.47 28.82 38.38
N LYS A 168 18.68 28.07 37.30
CA LYS A 168 18.63 28.62 35.95
C LYS A 168 17.32 28.36 35.24
N GLU A 169 16.34 27.75 35.91
CA GLU A 169 15.06 27.38 35.31
C GLU A 169 15.24 26.50 34.07
N LYS A 170 16.41 25.88 33.94
CA LYS A 170 16.72 25.02 32.82
C LYS A 170 17.65 23.91 33.31
N GLU A 171 17.69 22.81 32.56
CA GLU A 171 18.61 21.73 32.88
C GLU A 171 20.03 22.14 32.52
N VAL A 172 20.96 21.89 33.43
CA VAL A 172 22.34 22.35 33.29
C VAL A 172 23.23 21.13 33.05
N LEU A 173 24.03 21.18 31.99
CA LEU A 173 24.96 20.10 31.70
C LEU A 173 26.25 20.31 32.46
N VAL A 174 26.61 19.34 33.29
CA VAL A 174 27.81 19.41 34.12
C VAL A 174 28.76 18.30 33.69
N LEU A 175 29.99 18.68 33.40
CA LEU A 175 31.01 17.75 32.94
C LEU A 175 32.20 17.80 33.89
N TRP A 176 32.70 16.63 34.26
CA TRP A 176 33.88 16.52 35.10
C TRP A 176 34.71 15.34 34.63
N GLY A 177 35.79 15.05 35.35
CA GLY A 177 36.65 13.95 34.96
C GLY A 177 37.36 13.38 36.16
N VAL A 178 37.83 12.14 35.99
CA VAL A 178 38.58 11.43 37.00
C VAL A 178 39.90 10.97 36.39
N HIS A 179 41.00 11.26 37.08
CA HIS A 179 42.34 11.04 36.57
C HIS A 179 42.91 9.73 37.08
N HIS A 180 43.46 8.93 36.17
CA HIS A 180 44.10 7.65 36.48
C HIS A 180 45.57 7.76 36.09
N PRO A 181 46.45 7.97 37.07
CA PRO A 181 47.88 8.09 36.77
C PRO A 181 48.47 6.78 36.31
N PRO A 182 49.58 6.80 35.57
CA PRO A 182 50.12 5.55 35.04
C PRO A 182 50.82 4.70 36.09
N ASN A 183 51.50 5.33 37.05
CA ASN A 183 52.21 4.59 38.09
C ASN A 183 51.88 5.20 39.44
N ILE A 184 52.23 4.47 40.49
CA ILE A 184 51.96 4.93 41.85
C ILE A 184 52.73 6.20 42.17
N GLY A 185 53.93 6.34 41.60
CA GLY A 185 54.73 7.52 41.81
C GLY A 185 54.02 8.80 41.40
N ASP A 186 53.37 8.77 40.22
CA ASP A 186 52.61 9.94 39.78
C ASP A 186 51.46 10.23 40.73
N GLN A 187 50.77 9.20 41.20
CA GLN A 187 49.66 9.39 42.13
C GLN A 187 50.13 10.08 43.40
N ARG A 188 51.23 9.58 43.97
CA ARG A 188 51.77 10.20 45.21
C ARG A 188 52.21 11.64 44.91
N ALA A 189 52.89 11.85 43.79
CA ALA A 189 53.41 13.17 43.48
C ALA A 189 52.29 14.20 43.33
N LEU A 190 51.20 13.81 42.68
CA LEU A 190 50.14 14.77 42.37
C LEU A 190 49.18 14.92 43.54
N TYR A 191 48.66 13.82 44.08
CA TYR A 191 47.56 13.88 45.02
C TYR A 191 47.91 13.43 46.43
N HIS A 192 49.12 12.90 46.65
CA HIS A 192 49.66 12.62 47.97
C HIS A 192 48.89 11.55 48.74
N LYS A 193 47.97 10.85 48.10
CA LYS A 193 47.21 9.78 48.74
C LYS A 193 47.39 8.50 47.94
N GLU A 194 47.61 7.39 48.66
CA GLU A 194 47.74 6.09 48.00
C GLU A 194 46.47 5.74 47.24
N ASN A 195 45.32 5.95 47.87
CA ASN A 195 44.02 5.69 47.26
C ASN A 195 43.14 6.91 47.45
N ALA A 196 42.46 7.31 46.37
CA ALA A 196 41.61 8.49 46.38
C ALA A 196 40.20 8.09 45.97
N TYR A 197 39.25 8.97 46.25
CA TYR A 197 37.86 8.73 45.91
C TYR A 197 37.24 10.03 45.38
N VAL A 198 36.36 9.90 44.39
CA VAL A 198 35.59 11.02 43.87
C VAL A 198 34.11 10.64 43.90
N SER A 199 33.33 11.35 44.70
CA SER A 199 31.91 11.09 44.86
C SER A 199 31.13 12.24 44.26
N VAL A 200 30.26 11.93 43.30
CA VAL A 200 29.36 12.91 42.70
C VAL A 200 27.94 12.51 43.03
N VAL A 201 27.22 13.40 43.70
CA VAL A 201 25.89 13.09 44.23
C VAL A 201 24.91 14.14 43.76
N SER A 202 23.75 13.71 43.26
CA SER A 202 22.66 14.61 42.93
C SER A 202 21.36 13.90 43.29
N SER A 203 20.24 14.54 42.94
CA SER A 203 18.93 13.97 43.24
C SER A 203 18.65 12.71 42.46
N HIS A 204 19.18 12.58 41.24
CA HIS A 204 18.93 11.42 40.39
C HIS A 204 20.22 10.83 39.82
N TYR A 205 21.38 11.30 40.26
CA TYR A 205 22.66 10.75 39.81
C TYR A 205 23.57 10.64 41.02
N SER A 206 24.25 9.49 41.13
CA SER A 206 25.15 9.24 42.25
C SER A 206 26.18 8.22 41.82
N ARG A 207 27.45 8.52 42.04
CA ARG A 207 28.52 7.61 41.58
C ARG A 207 29.82 7.87 42.33
N LYS A 208 30.53 6.82 42.68
CA LYS A 208 31.83 6.87 43.34
C LYS A 208 32.88 6.33 42.39
N PHE A 209 34.00 7.03 42.31
CA PHE A 209 35.09 6.70 41.41
C PHE A 209 36.37 6.50 42.20
N THR A 210 37.14 5.50 41.84
CA THR A 210 38.44 5.29 42.44
C THR A 210 39.51 5.22 41.36
N PRO A 211 40.64 5.88 41.56
CA PRO A 211 41.74 5.78 40.59
C PRO A 211 42.13 4.34 40.33
N GLU A 212 42.39 4.04 39.05
CA GLU A 212 42.81 2.72 38.61
C GLU A 212 44.19 2.88 37.96
N ILE A 213 45.23 2.73 38.79
CA ILE A 213 46.60 2.94 38.34
C ILE A 213 47.02 1.76 37.48
N ALA A 214 47.34 2.03 36.21
CA ALA A 214 47.76 0.98 35.30
C ALA A 214 48.65 1.59 34.22
N LYS A 215 49.47 0.74 33.61
CA LYS A 215 50.45 1.17 32.62
C LYS A 215 49.84 0.96 31.23
N ARG A 216 48.90 1.81 30.88
CA ARG A 216 48.18 1.68 29.62
C ARG A 216 49.08 2.04 28.44
N PRO A 217 48.75 1.56 27.24
CA PRO A 217 49.57 1.89 26.07
C PRO A 217 49.59 3.39 25.81
N LYS A 218 50.75 3.87 25.33
CA LYS A 218 50.99 5.29 25.18
C LYS A 218 50.17 5.84 24.03
N VAL A 219 49.36 6.86 24.32
CA VAL A 219 48.57 7.56 23.31
C VAL A 219 48.71 9.06 23.57
N ARG A 220 49.02 9.81 22.52
CA ARG A 220 49.24 11.26 22.61
C ARG A 220 50.33 11.61 23.61
N ASP A 221 51.38 10.78 23.67
CA ASP A 221 52.52 10.93 24.55
C ASP A 221 52.14 10.87 26.03
N GLN A 222 50.98 10.33 26.36
CA GLN A 222 50.56 10.16 27.75
C GLN A 222 50.19 8.71 28.01
N GLU A 223 50.48 8.25 29.22
CA GLU A 223 50.20 6.87 29.62
C GLU A 223 49.03 6.76 30.59
N GLY A 224 48.86 7.75 31.47
CA GLY A 224 47.65 7.80 32.27
C GLY A 224 46.46 8.29 31.47
N ARG A 225 45.29 8.19 32.08
CA ARG A 225 44.04 8.49 31.39
C ARG A 225 43.20 9.46 32.21
N ILE A 226 42.21 10.06 31.55
CA ILE A 226 41.19 10.85 32.21
C ILE A 226 39.84 10.38 31.70
N ASN A 227 39.00 9.89 32.60
CA ASN A 227 37.66 9.46 32.24
C ASN A 227 36.68 10.60 32.46
N TYR A 228 35.97 10.99 31.42
CA TYR A 228 35.10 12.15 31.43
C TYR A 228 33.66 11.71 31.66
N TYR A 229 32.99 12.35 32.62
CA TYR A 229 31.62 12.04 32.96
C TYR A 229 30.77 13.29 32.87
N TRP A 230 29.49 13.11 32.58
CA TRP A 230 28.56 14.21 32.43
C TRP A 230 27.23 13.86 33.06
N THR A 231 26.50 14.90 33.47
CA THR A 231 25.18 14.75 34.04
C THR A 231 24.32 15.95 33.66
N LEU A 232 23.01 15.74 33.70
CA LEU A 232 22.04 16.78 33.41
C LEU A 232 21.30 17.11 34.69
N LEU A 233 21.50 18.32 35.21
CA LEU A 233 20.90 18.77 36.46
C LEU A 233 19.54 19.37 36.17
N GLU A 234 18.51 18.84 36.82
CA GLU A 234 17.15 19.33 36.71
C GLU A 234 17.04 20.70 37.37
N PRO A 235 16.06 21.51 36.97
CA PRO A 235 15.85 22.79 37.66
C PRO A 235 15.54 22.56 39.14
N GLY A 236 16.11 23.42 39.97
CA GLY A 236 15.95 23.28 41.41
C GLY A 236 16.57 22.02 41.98
N ASP A 237 17.78 21.70 41.54
CA ASP A 237 18.47 20.51 42.00
C ASP A 237 19.94 20.85 42.25
N THR A 238 20.59 20.02 43.06
CA THR A 238 21.94 20.28 43.54
C THR A 238 22.87 19.14 43.13
N ILE A 239 24.13 19.50 42.87
CA ILE A 239 25.19 18.56 42.58
C ILE A 239 26.32 18.78 43.58
N ILE A 240 26.84 17.68 44.12
CA ILE A 240 27.83 17.71 45.18
C ILE A 240 29.03 16.89 44.76
N PHE A 241 30.20 17.51 44.76
CA PHE A 241 31.46 16.85 44.48
C PHE A 241 32.26 16.73 45.77
N GLU A 242 32.74 15.53 46.04
CA GLU A 242 33.65 15.32 47.16
C GLU A 242 34.84 14.51 46.67
N ALA A 243 36.04 14.94 47.03
CA ALA A 243 37.23 14.27 46.53
C ALA A 243 38.42 14.54 47.42
N ASN A 244 39.24 13.51 47.62
CA ASN A 244 40.56 13.66 48.22
C ASN A 244 41.66 13.43 47.19
N GLY A 245 41.32 13.37 45.91
CA GLY A 245 42.30 13.27 44.86
C GLY A 245 41.66 12.84 43.57
N ASN A 246 42.42 13.04 42.48
CA ASN A 246 42.04 12.54 41.15
C ASN A 246 40.71 13.12 40.67
N LEU A 247 40.58 14.44 40.74
CA LEU A 247 39.38 15.12 40.27
C LEU A 247 39.76 16.20 39.26
N ILE A 248 39.19 16.11 38.07
CA ILE A 248 39.28 17.17 37.07
C ILE A 248 37.97 17.95 37.20
N ALA A 249 38.01 18.99 38.03
CA ALA A 249 36.79 19.65 38.47
C ALA A 249 36.12 20.40 37.32
N PRO A 250 34.79 20.51 37.36
CA PRO A 250 34.11 21.35 36.37
C PRO A 250 34.43 22.81 36.57
N ARG A 251 34.47 23.54 35.47
CA ARG A 251 34.68 24.98 35.49
C ARG A 251 33.58 25.74 34.77
N TYR A 252 33.09 25.23 33.65
CA TYR A 252 32.03 25.86 32.88
C TYR A 252 30.89 24.87 32.71
N ALA A 253 29.68 25.30 33.03
CA ALA A 253 28.49 24.49 32.85
C ALA A 253 27.62 25.09 31.76
N PHE A 254 26.93 24.20 31.03
CA PHE A 254 26.13 24.60 29.89
C PHE A 254 24.66 24.50 30.29
N ALA A 255 23.98 25.65 30.33
CA ALA A 255 22.55 25.68 30.59
C ALA A 255 21.80 25.62 29.26
N LEU A 256 21.14 24.50 29.01
CA LEU A 256 20.55 24.24 27.71
C LEU A 256 19.10 23.80 27.87
N SER A 257 18.33 23.98 26.81
CA SER A 257 16.95 23.53 26.73
C SER A 257 16.83 22.64 25.51
N ARG A 258 16.37 21.40 25.74
CA ARG A 258 16.28 20.42 24.63
C ARG A 258 15.18 20.81 23.65
N GLY A 259 15.45 20.65 22.36
CA GLY A 259 14.49 20.95 21.32
C GLY A 259 13.98 19.69 20.64
N PHE A 260 13.79 19.76 19.34
CA PHE A 260 13.35 18.60 18.57
C PHE A 260 14.49 17.59 18.43
N GLY A 261 14.14 16.38 18.03
CA GLY A 261 15.13 15.33 17.89
C GLY A 261 15.87 15.39 16.58
N SER A 262 17.11 15.86 16.61
CA SER A 262 17.96 15.99 15.44
C SER A 262 19.11 15.00 15.53
N GLY A 263 20.03 15.10 14.57
CA GLY A 263 21.17 14.20 14.53
C GLY A 263 22.43 14.95 14.16
N ILE A 264 23.48 14.19 13.86
CA ILE A 264 24.78 14.73 13.50
C ILE A 264 25.08 14.27 12.08
N ILE A 265 25.27 15.21 11.17
CA ILE A 265 25.63 14.91 9.80
C ILE A 265 27.14 14.91 9.69
N ASN A 266 27.72 13.76 9.34
CA ASN A 266 29.15 13.63 9.15
C ASN A 266 29.45 13.90 7.68
N SER A 267 29.80 15.15 7.38
CA SER A 267 30.02 15.56 6.01
C SER A 267 31.03 16.69 5.97
N ASN A 268 31.64 16.85 4.79
CA ASN A 268 32.51 17.99 4.48
C ASN A 268 31.94 18.64 3.23
N ALA A 269 30.96 19.52 3.43
CA ALA A 269 30.29 20.22 2.35
C ALA A 269 30.12 21.68 2.75
N PRO A 270 30.08 22.60 1.78
CA PRO A 270 29.93 24.01 2.11
C PRO A 270 28.62 24.30 2.83
N MET A 271 28.66 25.29 3.71
CA MET A 271 27.49 25.76 4.45
C MET A 271 27.05 27.08 3.85
N ASP A 272 25.75 27.18 3.54
CA ASP A 272 25.21 28.39 2.94
C ASP A 272 23.99 28.83 3.75
N GLU A 273 23.25 29.78 3.20
CA GLU A 273 22.14 30.44 3.89
C GLU A 273 20.82 30.12 3.21
N CYS A 274 20.61 28.86 2.86
CA CYS A 274 19.40 28.43 2.19
C CYS A 274 18.25 28.37 3.18
N ASP A 275 17.14 27.75 2.76
CA ASP A 275 16.08 27.39 3.69
C ASP A 275 15.44 26.12 3.13
N ALA A 276 15.93 24.98 3.59
CA ALA A 276 15.49 23.68 3.10
C ALA A 276 14.66 22.96 4.15
N LYS A 277 13.96 21.92 3.71
CA LYS A 277 13.18 21.07 4.60
C LYS A 277 13.84 19.75 4.92
N CYS A 278 14.74 19.27 4.05
CA CYS A 278 15.44 18.02 4.28
C CYS A 278 16.93 18.22 4.02
N GLN A 279 17.74 17.49 4.78
CA GLN A 279 19.18 17.54 4.64
C GLN A 279 19.75 16.12 4.59
N THR A 280 20.66 15.90 3.65
CA THR A 280 21.37 14.64 3.51
C THR A 280 22.85 14.90 3.72
N PRO A 281 23.66 13.89 4.05
CA PRO A 281 25.09 14.13 4.24
C PRO A 281 25.83 14.61 2.98
N GLN A 282 25.15 14.74 1.84
CA GLN A 282 25.74 15.34 0.66
C GLN A 282 25.12 16.67 0.29
N GLY A 283 23.90 16.93 0.71
CA GLY A 283 23.23 18.18 0.37
C GLY A 283 21.76 18.12 0.71
N ALA A 284 21.10 19.25 0.49
CA ALA A 284 19.69 19.37 0.79
C ALA A 284 18.82 18.88 -0.36
N ILE A 285 17.68 18.32 -0.02
CA ILE A 285 16.71 17.84 -1.00
C ILE A 285 15.53 18.81 -0.94
N ASN A 286 15.49 19.74 -1.88
CA ASN A 286 14.37 20.67 -1.98
C ASN A 286 13.26 19.96 -2.76
N SER A 287 12.40 19.27 -2.03
CA SER A 287 11.43 18.38 -2.65
C SER A 287 10.02 18.68 -2.19
N SER A 288 9.13 18.90 -3.14
CA SER A 288 7.71 18.69 -2.94
C SER A 288 7.30 17.29 -3.35
N LEU A 289 8.23 16.52 -3.92
CA LEU A 289 7.96 15.18 -4.38
C LEU A 289 7.89 14.23 -3.19
N PRO A 290 7.13 13.13 -3.32
CA PRO A 290 6.94 12.23 -2.18
C PRO A 290 8.05 11.21 -1.95
N PHE A 291 8.95 11.00 -2.89
CA PHE A 291 9.94 9.94 -2.79
C PHE A 291 11.31 10.47 -3.19
N GLN A 292 12.35 9.85 -2.63
CA GLN A 292 13.72 10.24 -2.91
C GLN A 292 14.60 8.99 -2.90
N ASN A 293 15.77 9.10 -3.53
CA ASN A 293 16.73 8.01 -3.53
C ASN A 293 18.16 8.53 -3.39
N VAL A 294 18.34 9.67 -2.71
CA VAL A 294 19.68 10.22 -2.54
C VAL A 294 20.41 9.49 -1.42
N HIS A 295 19.85 9.52 -0.21
CA HIS A 295 20.50 8.88 0.92
C HIS A 295 19.44 8.42 1.92
N PRO A 296 19.57 7.22 2.48
CA PRO A 296 18.63 6.79 3.51
C PRO A 296 18.71 7.62 4.79
N VAL A 297 19.88 8.16 5.12
CA VAL A 297 20.03 8.97 6.33
C VAL A 297 19.70 10.41 5.99
N THR A 298 18.72 10.98 6.70
CA THR A 298 18.23 12.31 6.40
C THR A 298 17.83 12.99 7.70
N ILE A 299 17.81 14.32 7.66
CA ILE A 299 17.34 15.13 8.79
C ILE A 299 16.29 16.10 8.28
N GLY A 300 15.14 16.11 8.93
CA GLY A 300 14.06 17.03 8.59
C GLY A 300 12.90 16.33 7.91
N GLU A 301 11.92 17.15 7.53
CA GLU A 301 10.78 16.66 6.76
C GLU A 301 11.26 16.29 5.36
N CYS A 302 11.42 14.99 5.12
CA CYS A 302 12.08 14.51 3.92
C CYS A 302 11.24 13.47 3.22
N PRO A 303 11.35 13.36 1.90
CA PRO A 303 10.67 12.26 1.19
C PRO A 303 11.20 10.90 1.64
N LYS A 304 10.33 9.90 1.55
CA LYS A 304 10.72 8.56 1.96
C LYS A 304 11.74 7.98 0.97
N TYR A 305 12.71 7.26 1.51
CA TYR A 305 13.74 6.67 0.67
C TYR A 305 13.23 5.40 0.01
N VAL A 306 13.60 5.21 -1.25
CA VAL A 306 13.24 4.04 -2.02
C VAL A 306 14.47 3.53 -2.75
N ARG A 307 14.53 2.22 -2.95
CA ARG A 307 15.59 1.60 -3.75
C ARG A 307 15.14 1.44 -5.20
N SER A 308 14.66 2.55 -5.76
CA SER A 308 14.14 2.59 -7.12
C SER A 308 14.91 3.61 -7.93
N ALA A 309 15.13 3.29 -9.20
CA ALA A 309 15.89 4.16 -10.08
C ALA A 309 15.02 5.09 -10.93
N LYS A 310 13.74 4.77 -11.09
CA LYS A 310 12.88 5.54 -11.99
C LYS A 310 11.43 5.36 -11.56
N LEU A 311 10.76 6.37 -11.18
CA LEU A 311 9.33 6.32 -10.82
C LEU A 311 8.64 7.47 -11.56
N ARG A 312 8.26 7.29 -12.78
CA ARG A 312 7.61 8.27 -13.65
C ARG A 312 6.15 7.90 -13.85
N MET A 313 5.27 8.87 -13.62
CA MET A 313 3.84 8.68 -13.74
C MET A 313 3.37 9.40 -15.00
N VAL A 314 2.63 8.69 -15.84
CA VAL A 314 2.24 9.22 -17.13
C VAL A 314 1.09 10.18 -16.97
N THR A 315 1.23 11.38 -17.54
CA THR A 315 0.18 12.39 -17.57
C THR A 315 -0.54 12.43 -18.92
N GLY A 316 0.19 12.26 -20.01
CA GLY A 316 -0.39 12.22 -21.33
C GLY A 316 -0.87 10.82 -21.69
N LEU A 317 -0.85 10.55 -22.99
CA LEU A 317 -1.30 9.27 -23.53
C LEU A 317 -0.21 8.65 -24.38
N ARG A 318 -0.52 7.48 -24.94
CA ARG A 318 0.44 6.75 -25.74
C ARG A 318 0.85 7.55 -26.96
N ASN A 319 2.13 7.43 -27.33
CA ASN A 319 2.69 8.14 -28.47
C ASN A 319 2.78 7.19 -29.65
N ILE A 320 1.89 7.37 -30.61
CA ILE A 320 1.87 6.55 -31.82
C ILE A 320 1.88 7.48 -33.02
N PRO A 321 3.01 8.13 -33.34
CA PRO A 321 3.05 9.06 -34.47
C PRO A 321 3.19 8.35 -35.81
N LEU B 2 -9.40 -1.22 -21.05
CA LEU B 2 -9.02 -0.95 -22.43
C LEU B 2 -10.28 -0.92 -23.27
N PHE B 3 -10.53 0.20 -23.94
CA PHE B 3 -11.80 0.41 -24.64
C PHE B 3 -11.70 0.28 -26.15
N GLY B 4 -10.51 0.00 -26.69
CA GLY B 4 -10.38 -0.30 -28.10
C GLY B 4 -10.38 0.89 -29.02
N ALA B 5 -10.23 2.11 -28.51
CA ALA B 5 -10.18 3.29 -29.37
C ALA B 5 -8.77 3.76 -29.67
N ILE B 6 -7.89 3.78 -28.68
CA ILE B 6 -6.48 4.10 -28.89
C ILE B 6 -5.74 2.80 -29.15
N ALA B 7 -4.97 2.78 -30.24
CA ALA B 7 -4.33 1.57 -30.76
C ALA B 7 -5.39 0.51 -31.10
N GLY B 8 -6.61 0.95 -31.34
CA GLY B 8 -7.71 0.07 -31.69
C GLY B 8 -8.20 0.33 -33.09
N PHE B 9 -9.36 0.95 -33.23
CA PHE B 9 -9.84 1.35 -34.55
C PHE B 9 -9.33 2.72 -34.97
N ILE B 10 -8.52 3.37 -34.13
CA ILE B 10 -7.74 4.54 -34.52
C ILE B 10 -6.28 4.15 -34.31
N GLU B 11 -5.58 3.83 -35.39
CA GLU B 11 -4.26 3.22 -35.28
C GLU B 11 -3.25 4.18 -34.67
N GLY B 12 -3.21 5.42 -35.16
CA GLY B 12 -2.15 6.33 -34.77
C GLY B 12 -2.69 7.69 -34.37
N GLY B 13 -1.83 8.46 -33.71
CA GLY B 13 -2.17 9.80 -33.30
C GLY B 13 -1.84 10.84 -34.36
N TRP B 14 -2.20 12.07 -34.06
CA TRP B 14 -2.00 13.19 -34.97
C TRP B 14 -0.94 14.13 -34.39
N THR B 15 0.15 14.32 -35.11
CA THR B 15 1.19 15.25 -34.69
C THR B 15 0.80 16.70 -34.95
N GLY B 16 -0.06 16.96 -35.93
CA GLY B 16 -0.41 18.32 -36.27
C GLY B 16 -1.36 18.99 -35.30
N MET B 17 -2.09 18.21 -34.51
CA MET B 17 -3.03 18.74 -33.53
C MET B 17 -2.34 18.76 -32.16
N VAL B 18 -1.81 19.92 -31.79
CA VAL B 18 -0.91 20.04 -30.66
C VAL B 18 -1.52 20.79 -29.49
N ASP B 19 -2.66 21.45 -29.67
CA ASP B 19 -3.26 22.27 -28.62
C ASP B 19 -4.35 21.53 -27.85
N GLY B 20 -4.36 20.21 -27.90
CA GLY B 20 -5.34 19.43 -27.17
C GLY B 20 -4.92 17.99 -27.16
N TRP B 21 -5.73 17.18 -26.47
CA TRP B 21 -5.50 15.74 -26.43
C TRP B 21 -6.41 14.99 -27.40
N TYR B 22 -7.64 15.44 -27.58
CA TYR B 22 -8.59 14.78 -28.47
C TYR B 22 -9.18 15.84 -29.39
N GLY B 23 -9.45 15.47 -30.62
CA GLY B 23 -9.91 16.44 -31.58
C GLY B 23 -10.54 15.83 -32.80
N TYR B 24 -10.90 16.72 -33.73
CA TYR B 24 -11.54 16.36 -34.97
C TYR B 24 -10.69 16.82 -36.14
N HIS B 25 -10.80 16.10 -37.26
CA HIS B 25 -10.18 16.50 -38.52
C HIS B 25 -11.25 16.47 -39.59
N HIS B 26 -11.63 17.63 -40.09
CA HIS B 26 -12.70 17.73 -41.06
C HIS B 26 -12.14 18.05 -42.44
N GLN B 27 -12.87 17.60 -43.47
CA GLN B 27 -12.49 17.83 -44.85
C GLN B 27 -13.73 18.18 -45.64
N ASN B 28 -13.72 19.35 -46.27
CA ASN B 28 -14.86 19.89 -47.00
C ASN B 28 -14.42 20.29 -48.39
N GLU B 29 -15.36 20.86 -49.15
CA GLU B 29 -14.99 21.59 -50.36
C GLU B 29 -14.26 22.88 -50.00
N GLN B 30 -14.67 23.51 -48.90
CA GLN B 30 -14.02 24.74 -48.46
C GLN B 30 -12.57 24.51 -48.07
N GLY B 31 -12.30 23.43 -47.35
CA GLY B 31 -10.95 23.09 -46.95
C GLY B 31 -10.96 22.09 -45.80
N SER B 32 -9.77 21.60 -45.48
CA SER B 32 -9.57 20.64 -44.41
C SER B 32 -8.87 21.31 -43.23
N GLY B 33 -9.11 20.76 -42.04
CA GLY B 33 -8.48 21.34 -40.87
C GLY B 33 -8.70 20.51 -39.62
N TYR B 34 -7.82 20.75 -38.65
CA TYR B 34 -7.90 20.16 -37.32
C TYR B 34 -8.66 21.09 -36.39
N ALA B 35 -9.21 20.51 -35.33
CA ALA B 35 -9.86 21.29 -34.28
C ALA B 35 -9.89 20.46 -33.00
N ALA B 36 -9.09 20.85 -32.01
CA ALA B 36 -9.07 20.12 -30.76
C ALA B 36 -10.36 20.37 -29.97
N ASP B 37 -10.84 19.32 -29.32
CA ASP B 37 -12.01 19.42 -28.46
C ASP B 37 -11.57 19.96 -27.11
N GLN B 38 -11.97 21.20 -26.81
CA GLN B 38 -11.49 21.90 -25.62
C GLN B 38 -12.10 21.38 -24.33
N LYS B 39 -13.39 21.05 -24.34
CA LYS B 39 -14.08 20.64 -23.12
C LYS B 39 -13.51 19.33 -22.57
N SER B 40 -13.42 18.31 -23.44
CA SER B 40 -12.92 17.01 -23.00
C SER B 40 -11.46 17.12 -22.58
N THR B 41 -10.67 17.88 -23.33
CA THR B 41 -9.26 18.07 -22.99
C THR B 41 -9.12 18.74 -21.62
N GLN B 42 -9.93 19.76 -21.35
CA GLN B 42 -9.85 20.43 -20.06
C GLN B 42 -10.30 19.52 -18.92
N ASN B 43 -11.35 18.73 -19.13
CA ASN B 43 -11.77 17.79 -18.09
C ASN B 43 -10.69 16.76 -17.82
N ALA B 44 -10.06 16.22 -18.87
CA ALA B 44 -8.99 15.26 -18.69
C ALA B 44 -7.79 15.90 -17.98
N ILE B 45 -7.46 17.14 -18.33
CA ILE B 45 -6.35 17.82 -17.68
C ILE B 45 -6.65 18.01 -16.20
N ASN B 46 -7.88 18.39 -15.87
CA ASN B 46 -8.28 18.53 -14.47
C ASN B 46 -8.14 17.21 -13.73
N GLY B 47 -8.60 16.12 -14.34
CA GLY B 47 -8.48 14.81 -13.72
C GLY B 47 -7.04 14.38 -13.49
N ILE B 48 -6.20 14.54 -14.50
CA ILE B 48 -4.80 14.14 -14.38
C ILE B 48 -4.10 15.00 -13.33
N THR B 49 -4.38 16.30 -13.31
CA THR B 49 -3.79 17.17 -12.30
C THR B 49 -4.22 16.75 -10.90
N ASN B 50 -5.50 16.41 -10.73
CA ASN B 50 -5.97 15.96 -9.42
C ASN B 50 -5.28 14.67 -9.01
N LYS B 51 -5.08 13.75 -9.95
CA LYS B 51 -4.40 12.49 -9.64
C LYS B 51 -2.96 12.73 -9.23
N VAL B 52 -2.24 13.59 -9.97
CA VAL B 52 -0.85 13.87 -9.65
C VAL B 52 -0.75 14.54 -8.28
N ASN B 53 -1.64 15.49 -8.01
CA ASN B 53 -1.63 16.16 -6.72
C ASN B 53 -2.02 15.22 -5.60
N SER B 54 -2.90 14.25 -5.86
CA SER B 54 -3.27 13.29 -4.85
C SER B 54 -2.09 12.39 -4.52
N VAL B 55 -1.32 11.98 -5.52
CA VAL B 55 -0.14 11.17 -5.24
C VAL B 55 0.93 11.99 -4.52
N ILE B 56 1.08 13.26 -4.86
CA ILE B 56 2.20 14.06 -4.35
C ILE B 56 1.91 14.61 -2.96
N GLU B 57 0.77 15.28 -2.77
CA GLU B 57 0.52 16.08 -1.58
C GLU B 57 -0.26 15.34 -0.50
N LYS B 58 -0.38 14.02 -0.58
CA LYS B 58 -0.97 13.24 0.50
C LYS B 58 0.05 12.53 1.36
N MET B 59 1.32 12.91 1.17
CA MET B 59 2.44 12.39 1.99
C MET B 59 2.93 13.56 2.82
N ASN B 60 2.42 13.72 4.02
CA ASN B 60 2.90 14.76 4.93
C ASN B 60 3.64 14.08 6.07
N THR B 61 4.92 14.40 6.21
CA THR B 61 5.76 13.80 7.24
C THR B 61 6.00 14.80 8.37
N GLN B 62 6.76 14.36 9.36
CA GLN B 62 7.13 15.18 10.50
C GLN B 62 8.64 15.24 10.60
N PHE B 63 9.13 16.22 11.37
CA PHE B 63 10.56 16.41 11.51
C PHE B 63 11.16 15.23 12.27
N THR B 64 11.85 14.35 11.55
CA THR B 64 12.53 13.22 12.13
C THR B 64 13.99 13.24 11.71
N ALA B 65 14.82 12.53 12.46
CA ALA B 65 16.25 12.43 12.19
C ALA B 65 16.61 10.95 12.12
N VAL B 66 16.47 10.37 10.93
CA VAL B 66 16.87 8.98 10.73
C VAL B 66 18.38 8.87 10.91
N GLY B 67 18.79 7.94 11.77
CA GLY B 67 20.21 7.75 12.04
C GLY B 67 20.53 7.80 13.52
N LYS B 68 21.11 6.72 14.03
CA LYS B 68 21.39 6.60 15.45
C LYS B 68 22.82 6.09 15.62
N GLU B 69 23.40 6.39 16.78
CA GLU B 69 24.75 5.95 17.10
C GLU B 69 24.72 4.97 18.26
N PHE B 70 25.37 3.83 18.10
CA PHE B 70 25.43 2.80 19.13
C PHE B 70 26.84 2.24 19.16
N ASN B 71 27.38 2.01 20.35
CA ASN B 71 28.69 1.39 20.47
C ASN B 71 28.57 -0.12 20.42
N LYS B 72 29.86 -0.74 20.62
CA LYS B 72 29.95 -2.21 20.50
C LYS B 72 29.01 -2.90 21.50
N LEU B 73 28.84 -2.40 22.64
CA LEU B 73 28.15 -3.07 23.73
C LEU B 73 26.64 -3.13 23.53
N GLU B 74 26.11 -2.43 22.51
CA GLU B 74 24.70 -2.52 22.16
C GLU B 74 24.62 -2.78 20.65
N ARG B 75 24.73 -4.06 20.30
CA ARG B 75 24.55 -4.45 18.90
C ARG B 75 23.08 -4.74 18.61
N ARG B 76 22.40 -5.43 19.53
CA ARG B 76 20.98 -5.69 19.37
C ARG B 76 20.25 -4.39 19.08
N MET B 77 20.52 -3.37 19.90
CA MET B 77 19.99 -2.03 19.69
C MET B 77 20.15 -1.64 18.23
N GLU B 78 21.40 -1.63 17.76
CA GLU B 78 21.70 -1.32 16.38
C GLU B 78 20.94 -2.23 15.43
N ASN B 79 21.00 -3.54 15.67
CA ASN B 79 20.32 -4.48 14.80
C ASN B 79 18.82 -4.29 14.81
N LEU B 80 18.26 -3.71 15.88
CA LEU B 80 16.85 -3.37 15.85
C LEU B 80 16.61 -2.16 14.96
N ASN B 81 17.46 -1.13 15.10
CA ASN B 81 17.26 0.11 14.36
C ASN B 81 17.22 -0.13 12.86
N LYS B 82 18.22 -0.84 12.34
CA LYS B 82 18.21 -1.15 10.92
C LYS B 82 16.99 -1.99 10.54
N LYS B 83 16.58 -2.92 11.41
CA LYS B 83 15.39 -3.71 11.11
C LYS B 83 14.18 -2.82 10.93
N VAL B 84 14.14 -1.71 11.66
CA VAL B 84 13.12 -0.70 11.40
C VAL B 84 13.37 -0.04 10.05
N ASP B 85 14.56 0.56 9.91
CA ASP B 85 14.83 1.39 8.74
C ASP B 85 14.60 0.62 7.45
N ASP B 86 15.37 -0.44 7.24
CA ASP B 86 15.19 -1.27 6.05
C ASP B 86 13.72 -1.64 5.87
N GLY B 87 13.07 -2.07 6.96
CA GLY B 87 11.67 -2.44 6.85
C GLY B 87 10.84 -1.35 6.21
N PHE B 88 10.93 -0.13 6.75
CA PHE B 88 10.17 0.97 6.17
C PHE B 88 10.51 1.12 4.69
N ILE B 89 11.80 1.11 4.37
CA ILE B 89 12.21 1.26 2.98
C ILE B 89 11.52 0.22 2.13
N ASP B 90 11.58 -1.05 2.56
CA ASP B 90 10.94 -2.11 1.79
C ASP B 90 9.50 -1.76 1.49
N ILE B 91 8.75 -1.39 2.53
CA ILE B 91 7.33 -1.10 2.33
C ILE B 91 7.17 -0.03 1.27
N TRP B 92 7.89 1.09 1.44
CA TRP B 92 7.74 2.17 0.49
C TRP B 92 8.19 1.74 -0.89
N THR B 93 9.30 1.01 -0.97
CA THR B 93 9.79 0.59 -2.27
C THR B 93 8.81 -0.38 -2.93
N TYR B 94 8.03 -1.10 -2.14
CA TYR B 94 7.04 -1.98 -2.75
C TYR B 94 5.76 -1.24 -3.06
N ASN B 95 5.48 -0.15 -2.33
CA ASN B 95 4.23 0.56 -2.57
C ASN B 95 4.38 1.48 -3.78
N ALA B 96 5.33 2.43 -3.70
CA ALA B 96 5.50 3.40 -4.77
C ALA B 96 5.67 2.72 -6.12
N GLU B 97 6.59 1.77 -6.22
CA GLU B 97 6.80 1.07 -7.48
C GLU B 97 5.53 0.37 -7.95
N LEU B 98 4.78 -0.25 -7.04
CA LEU B 98 3.55 -0.90 -7.42
C LEU B 98 2.40 0.08 -7.53
N LEU B 99 2.59 1.29 -7.02
CA LEU B 99 1.54 2.30 -7.11
C LEU B 99 1.51 2.91 -8.50
N VAL B 100 2.62 3.55 -8.89
CA VAL B 100 2.72 4.23 -10.18
C VAL B 100 2.20 3.34 -11.29
N LEU B 101 2.79 2.14 -11.42
CA LEU B 101 2.37 1.17 -12.43
C LEU B 101 0.86 1.16 -12.58
N LEU B 102 0.15 0.88 -11.50
CA LEU B 102 -1.30 0.74 -11.59
C LEU B 102 -1.94 2.00 -12.14
N GLU B 103 -1.64 3.16 -11.55
CA GLU B 103 -2.24 4.38 -12.09
C GLU B 103 -1.83 4.61 -13.53
N ASN B 104 -0.60 4.28 -13.90
CA ASN B 104 -0.21 4.40 -15.29
C ASN B 104 -1.20 3.65 -16.17
N GLU B 105 -1.45 2.37 -15.85
CA GLU B 105 -2.46 1.62 -16.57
C GLU B 105 -3.79 2.36 -16.58
N ARG B 106 -4.22 2.79 -15.39
CA ARG B 106 -5.49 3.49 -15.29
C ARG B 106 -5.51 4.71 -16.18
N THR B 107 -4.41 5.48 -16.19
CA THR B 107 -4.37 6.67 -17.03
C THR B 107 -4.51 6.29 -18.49
N LEU B 108 -3.80 5.24 -18.91
CA LEU B 108 -3.90 4.80 -20.30
C LEU B 108 -5.29 4.29 -20.63
N ASP B 109 -6.04 3.81 -19.63
CA ASP B 109 -7.44 3.50 -19.87
C ASP B 109 -8.26 4.78 -19.98
N PHE B 110 -8.00 5.73 -19.09
CA PHE B 110 -8.81 6.94 -19.02
C PHE B 110 -8.84 7.66 -20.36
N HIS B 111 -7.65 7.95 -20.91
CA HIS B 111 -7.59 8.60 -22.21
C HIS B 111 -8.34 7.80 -23.25
N ASP B 112 -8.17 6.48 -23.24
CA ASP B 112 -8.89 5.63 -24.19
C ASP B 112 -10.38 5.89 -24.11
N SER B 113 -10.94 5.87 -22.89
CA SER B 113 -12.36 6.14 -22.73
C SER B 113 -12.72 7.50 -23.31
N ASN B 114 -11.88 8.51 -23.03
CA ASN B 114 -12.15 9.85 -23.50
C ASN B 114 -12.23 9.88 -25.02
N VAL B 115 -11.40 9.09 -25.70
CA VAL B 115 -11.51 9.00 -27.15
C VAL B 115 -12.79 8.27 -27.53
N LYS B 116 -13.03 7.12 -26.90
CA LYS B 116 -14.13 6.25 -27.31
C LYS B 116 -15.47 6.96 -27.20
N ASN B 117 -15.71 7.60 -26.05
CA ASN B 117 -16.94 8.36 -25.87
C ASN B 117 -17.07 9.45 -26.94
N LEU B 118 -15.97 10.13 -27.24
CA LEU B 118 -16.00 11.15 -28.27
C LEU B 118 -16.41 10.57 -29.61
N TYR B 119 -15.98 9.33 -29.90
CA TYR B 119 -16.40 8.68 -31.13
C TYR B 119 -17.87 8.28 -31.06
N GLU B 120 -18.34 7.90 -29.87
CA GLU B 120 -19.73 7.46 -29.75
C GLU B 120 -20.69 8.63 -29.88
N LYS B 121 -20.35 9.73 -29.23
CA LYS B 121 -21.23 10.93 -29.20
C LYS B 121 -21.58 11.42 -30.60
N VAL B 122 -20.60 11.57 -31.46
CA VAL B 122 -20.83 12.00 -32.84
C VAL B 122 -21.62 10.95 -33.61
N LYS B 123 -21.33 9.67 -33.33
CA LYS B 123 -22.13 8.61 -33.93
C LYS B 123 -23.60 8.81 -33.64
N SER B 124 -23.94 8.97 -32.35
CA SER B 124 -25.33 9.13 -31.97
C SER B 124 -25.93 10.40 -32.54
N GLN B 125 -25.07 11.30 -33.01
CA GLN B 125 -25.54 12.55 -33.60
C GLN B 125 -25.77 12.40 -35.08
N LEU B 126 -24.94 11.60 -35.76
CA LEU B 126 -25.00 11.53 -37.21
C LEU B 126 -25.97 10.46 -37.69
N LYS B 127 -26.09 9.36 -36.96
CA LYS B 127 -27.06 8.30 -37.24
C LYS B 127 -26.81 7.78 -38.65
N ASN B 128 -27.88 7.57 -39.42
CA ASN B 128 -27.75 7.10 -40.79
C ASN B 128 -27.35 8.21 -41.76
N ASN B 129 -27.23 9.45 -41.29
CA ASN B 129 -26.82 10.53 -42.17
C ASN B 129 -25.35 10.43 -42.57
N ALA B 130 -24.57 9.61 -41.86
CA ALA B 130 -23.15 9.44 -42.17
C ALA B 130 -22.81 7.97 -42.09
N LYS B 131 -21.75 7.59 -42.81
CA LYS B 131 -21.32 6.20 -42.91
C LYS B 131 -19.91 6.08 -42.35
N GLU B 132 -19.71 5.10 -41.47
CA GLU B 132 -18.40 4.85 -40.88
C GLU B 132 -17.48 4.26 -41.94
N ILE B 133 -16.41 4.99 -42.27
CA ILE B 133 -15.49 4.57 -43.32
C ILE B 133 -14.25 3.88 -42.75
N GLY B 134 -14.31 3.43 -41.50
CA GLY B 134 -13.13 2.87 -40.86
C GLY B 134 -12.20 3.94 -40.35
N ASN B 135 -11.12 3.49 -39.72
CA ASN B 135 -10.14 4.39 -39.10
C ASN B 135 -10.81 5.29 -38.08
N GLY B 136 -11.96 4.84 -37.58
CA GLY B 136 -12.70 5.58 -36.59
C GLY B 136 -13.21 6.93 -37.04
N CYS B 137 -13.82 7.00 -38.23
CA CYS B 137 -14.44 8.25 -38.62
C CYS B 137 -15.44 8.04 -39.75
N PHE B 138 -16.08 9.14 -40.15
CA PHE B 138 -17.33 9.13 -40.88
C PHE B 138 -17.23 9.92 -42.17
N GLU B 139 -18.05 9.53 -43.14
CA GLU B 139 -18.24 10.27 -44.38
C GLU B 139 -19.71 10.62 -44.49
N PHE B 140 -20.00 11.89 -44.75
CA PHE B 140 -21.38 12.36 -44.78
C PHE B 140 -22.05 11.97 -46.08
N TYR B 141 -23.35 11.70 -46.00
CA TYR B 141 -24.17 11.44 -47.19
C TYR B 141 -24.72 12.71 -47.81
N HIS B 142 -24.44 13.88 -47.22
CA HIS B 142 -24.86 15.16 -47.76
C HIS B 142 -23.66 16.09 -47.80
N LYS B 143 -23.91 17.35 -48.13
CA LYS B 143 -22.85 18.35 -48.23
C LYS B 143 -22.84 19.15 -46.94
N CYS B 144 -21.77 18.99 -46.15
CA CYS B 144 -21.62 19.76 -44.92
C CYS B 144 -20.67 20.92 -45.17
N ASN B 145 -21.15 22.13 -44.95
CA ASN B 145 -20.29 23.30 -44.97
C ASN B 145 -19.61 23.44 -43.62
N ASP B 146 -18.92 24.58 -43.42
CA ASP B 146 -18.26 24.81 -42.15
C ASP B 146 -19.26 24.88 -41.01
N GLU B 147 -20.48 25.35 -41.28
CA GLU B 147 -21.50 25.38 -40.25
C GLU B 147 -21.89 23.98 -39.80
N CYS B 148 -22.02 23.04 -40.74
CA CYS B 148 -22.40 21.68 -40.37
C CYS B 148 -21.37 21.05 -39.44
N MET B 149 -20.09 21.13 -39.81
CA MET B 149 -19.06 20.52 -38.97
C MET B 149 -18.85 21.28 -37.68
N GLU B 150 -19.00 22.60 -37.68
CA GLU B 150 -18.96 23.35 -36.43
C GLU B 150 -20.09 22.91 -35.51
N SER B 151 -21.28 22.65 -36.05
CA SER B 151 -22.38 22.15 -35.25
C SER B 151 -22.12 20.74 -34.73
N VAL B 152 -21.50 19.90 -35.55
CA VAL B 152 -21.17 18.54 -35.12
C VAL B 152 -20.20 18.58 -33.94
N LYS B 153 -19.18 19.43 -34.05
CA LYS B 153 -18.22 19.56 -32.95
C LYS B 153 -18.86 20.18 -31.71
N ASN B 154 -19.73 21.18 -31.91
CA ASN B 154 -20.35 21.87 -30.78
C ASN B 154 -21.24 20.94 -29.99
N GLY B 155 -22.04 20.14 -30.69
CA GLY B 155 -22.94 19.21 -30.02
C GLY B 155 -24.39 19.36 -30.40
N THR B 156 -24.64 20.06 -31.51
CA THR B 156 -25.99 20.35 -31.99
C THR B 156 -26.00 20.16 -33.49
N TYR B 157 -26.15 18.92 -33.98
CA TYR B 157 -26.01 18.67 -35.44
C TYR B 157 -27.28 19.06 -36.21
N ASP B 158 -28.44 19.03 -35.57
CA ASP B 158 -29.73 19.29 -36.29
C ASP B 158 -29.90 18.20 -37.34
N TYR B 159 -30.12 16.96 -36.90
CA TYR B 159 -30.29 15.81 -37.83
C TYR B 159 -31.47 16.02 -38.80
N PRO B 160 -32.72 16.33 -38.36
CA PRO B 160 -33.84 16.42 -39.31
C PRO B 160 -33.58 17.28 -40.53
N LYS B 161 -32.78 18.35 -40.43
CA LYS B 161 -32.66 19.28 -41.55
C LYS B 161 -31.96 18.63 -42.74
N TYR B 162 -30.99 17.76 -42.50
CA TYR B 162 -30.30 17.07 -43.59
C TYR B 162 -30.84 15.68 -43.86
N SER B 163 -31.94 15.29 -43.22
CA SER B 163 -32.43 13.91 -43.29
C SER B 163 -32.86 13.50 -44.69
N GLU B 164 -33.59 14.38 -45.40
CA GLU B 164 -34.15 14.01 -46.70
C GLU B 164 -33.11 13.90 -47.80
N GLU B 165 -32.17 14.84 -47.87
CA GLU B 165 -31.10 14.74 -48.86
C GLU B 165 -30.22 13.53 -48.57
N SER B 166 -29.94 13.28 -47.30
CA SER B 166 -29.15 12.12 -46.92
C SER B 166 -29.85 10.82 -47.33
N LYS B 167 -31.18 10.76 -47.13
CA LYS B 167 -31.94 9.59 -47.55
C LYS B 167 -31.88 9.41 -49.07
N LEU B 168 -32.03 10.52 -49.80
CA LEU B 168 -32.00 10.45 -51.25
C LEU B 168 -30.66 9.94 -51.75
N ASN B 169 -29.57 10.42 -51.15
CA ASN B 169 -28.24 10.02 -51.58
C ASN B 169 -27.85 8.62 -51.11
N ARG B 170 -28.33 8.21 -49.94
CA ARG B 170 -27.98 6.90 -49.39
C ARG B 170 -28.69 5.77 -50.13
N GLU B 171 -29.97 5.93 -50.44
CA GLU B 171 -30.72 4.94 -51.20
C GLU B 171 -30.28 5.05 -52.65
N LYS B 172 -29.19 4.37 -52.98
CA LYS B 172 -28.62 4.45 -54.32
C LYS B 172 -28.13 3.09 -54.79
N ASP C 1 -25.14 -19.75 -42.45
CA ASP C 1 -23.73 -19.62 -42.14
C ASP C 1 -23.52 -18.68 -40.97
N THR C 2 -22.84 -19.14 -39.94
CA THR C 2 -22.66 -18.38 -38.71
C THR C 2 -21.20 -18.38 -38.28
N ILE C 3 -20.79 -17.27 -37.67
CA ILE C 3 -19.53 -17.16 -36.96
C ILE C 3 -19.84 -16.64 -35.56
N CYS C 4 -19.28 -17.31 -34.55
CA CYS C 4 -19.59 -17.02 -33.16
C CYS C 4 -18.31 -16.70 -32.41
N ILE C 5 -18.39 -15.78 -31.46
CA ILE C 5 -17.26 -15.44 -30.62
C ILE C 5 -17.52 -15.91 -29.20
N GLY C 6 -16.57 -16.65 -28.64
CA GLY C 6 -16.67 -17.14 -27.29
C GLY C 6 -15.35 -17.10 -26.57
N TYR C 7 -15.27 -17.74 -25.40
CA TYR C 7 -14.04 -17.75 -24.63
C TYR C 7 -13.77 -19.16 -24.14
N HIS C 8 -12.77 -19.29 -23.29
CA HIS C 8 -12.18 -20.57 -22.91
C HIS C 8 -12.78 -21.05 -21.59
N ALA C 9 -12.93 -22.36 -21.47
CA ALA C 9 -13.39 -23.00 -20.25
C ALA C 9 -12.73 -24.35 -20.11
N ASN C 10 -12.65 -24.85 -18.89
CA ASN C 10 -12.03 -26.15 -18.63
C ASN C 10 -12.60 -26.71 -17.33
N ASN C 11 -12.04 -27.84 -16.90
CA ASN C 11 -12.47 -28.59 -15.73
C ASN C 11 -11.89 -28.06 -14.44
N SER C 12 -11.21 -26.92 -14.46
CA SER C 12 -10.55 -26.40 -13.27
C SER C 12 -11.57 -26.03 -12.20
N THR C 13 -11.24 -26.34 -10.95
CA THR C 13 -12.06 -25.97 -9.80
C THR C 13 -11.35 -24.97 -8.90
N ASP C 14 -10.28 -24.34 -9.40
CA ASP C 14 -9.60 -23.31 -8.64
C ASP C 14 -10.52 -22.11 -8.43
N THR C 15 -10.46 -21.56 -7.22
CA THR C 15 -11.28 -20.41 -6.86
C THR C 15 -10.38 -19.29 -6.35
N VAL C 16 -10.75 -18.06 -6.70
CA VAL C 16 -10.06 -16.87 -6.22
C VAL C 16 -11.08 -15.94 -5.60
N ASP C 17 -10.58 -15.05 -4.74
CA ASP C 17 -11.41 -14.04 -4.10
C ASP C 17 -11.24 -12.71 -4.83
N THR C 18 -12.34 -11.99 -4.97
CA THR C 18 -12.37 -10.72 -5.70
C THR C 18 -13.01 -9.68 -4.80
N VAL C 19 -12.71 -8.40 -5.09
CA VAL C 19 -13.18 -7.31 -4.25
C VAL C 19 -14.71 -7.21 -4.29
N LEU C 20 -15.34 -7.74 -5.33
CA LEU C 20 -16.79 -7.66 -5.46
C LEU C 20 -17.49 -8.99 -5.24
N GLU C 21 -16.79 -10.11 -5.41
CA GLU C 21 -17.40 -11.43 -5.26
C GLU C 21 -16.38 -12.38 -4.66
N LYS C 22 -16.86 -13.28 -3.80
CA LYS C 22 -16.03 -14.29 -3.18
C LYS C 22 -16.26 -15.64 -3.82
N ASN C 23 -15.21 -16.47 -3.82
CA ASN C 23 -15.25 -17.83 -4.36
C ASN C 23 -15.65 -17.84 -5.83
N VAL C 24 -14.81 -17.21 -6.65
CA VAL C 24 -15.01 -17.14 -8.09
C VAL C 24 -14.15 -18.20 -8.74
N THR C 25 -14.79 -19.13 -9.45
CA THR C 25 -14.07 -20.20 -10.12
C THR C 25 -13.38 -19.67 -11.37
N VAL C 26 -12.09 -19.99 -11.51
CA VAL C 26 -11.26 -19.48 -12.59
C VAL C 26 -10.56 -20.65 -13.27
N THR C 27 -10.09 -20.40 -14.49
CA THR C 27 -9.42 -21.43 -15.27
C THR C 27 -7.99 -21.69 -14.81
N HIS C 28 -7.29 -20.67 -14.33
CA HIS C 28 -5.93 -20.86 -13.87
C HIS C 28 -5.59 -19.78 -12.86
N SER C 29 -4.67 -20.11 -11.95
CA SER C 29 -4.26 -19.20 -10.89
C SER C 29 -2.82 -19.48 -10.53
N VAL C 30 -2.20 -18.50 -9.88
CA VAL C 30 -0.83 -18.61 -9.39
C VAL C 30 -0.81 -18.26 -7.91
N ASN C 31 0.01 -18.96 -7.15
CA ASN C 31 0.11 -18.74 -5.71
C ASN C 31 1.20 -17.72 -5.41
N LEU C 32 0.85 -16.72 -4.61
CA LEU C 32 1.81 -15.73 -4.11
C LEU C 32 2.24 -16.01 -2.68
N LEU C 33 1.91 -17.18 -2.16
CA LEU C 33 2.15 -17.55 -0.78
C LEU C 33 2.86 -18.88 -0.70
N GLU C 34 3.94 -18.93 0.07
CA GLU C 34 4.68 -20.17 0.29
C GLU C 34 4.26 -20.78 1.63
N ASP C 35 3.68 -21.97 1.56
CA ASP C 35 3.18 -22.66 2.75
C ASP C 35 4.08 -23.81 3.18
N SER C 36 5.20 -24.03 2.50
CA SER C 36 5.98 -25.24 2.69
C SER C 36 7.45 -24.89 2.91
N HIS C 37 8.18 -25.83 3.50
CA HIS C 37 9.60 -25.69 3.76
C HIS C 37 10.28 -27.03 3.49
N ASN C 38 11.61 -26.97 3.34
CA ASN C 38 12.37 -28.19 3.11
C ASN C 38 12.33 -29.12 4.32
N GLY C 39 12.04 -28.57 5.50
CA GLY C 39 12.05 -29.37 6.70
C GLY C 39 13.43 -29.68 7.23
N LYS C 40 14.45 -28.97 6.73
CA LYS C 40 15.83 -29.28 7.08
C LYS C 40 16.66 -28.00 6.99
N LEU C 41 17.69 -27.94 7.82
CA LEU C 41 18.57 -26.77 7.84
C LEU C 41 19.60 -26.86 6.71
N CYS C 42 19.80 -25.73 6.03
CA CYS C 42 20.67 -25.69 4.86
C CYS C 42 21.52 -24.44 4.91
N LEU C 43 22.51 -24.39 4.02
CA LEU C 43 23.50 -23.33 4.05
C LEU C 43 22.87 -21.98 3.72
N LEU C 44 23.48 -20.91 4.23
CA LEU C 44 23.01 -19.55 4.00
C LEU C 44 24.19 -18.71 3.55
N LYS C 45 24.03 -18.03 2.42
CA LYS C 45 25.05 -17.20 1.77
C LYS C 45 26.28 -18.01 1.40
N GLY C 46 26.17 -19.32 1.25
CA GLY C 46 27.31 -20.15 0.92
C GLY C 46 28.13 -20.65 2.09
N ILE C 47 27.77 -20.26 3.32
CA ILE C 47 28.50 -20.66 4.51
C ILE C 47 27.56 -21.46 5.41
N ALA C 48 28.06 -22.58 5.92
CA ALA C 48 27.26 -23.43 6.79
C ALA C 48 27.07 -22.77 8.15
N PRO C 49 25.99 -23.12 8.85
CA PRO C 49 25.83 -22.63 10.22
C PRO C 49 26.69 -23.40 11.21
N LEU C 50 26.72 -22.89 12.44
CA LEU C 50 27.47 -23.52 13.51
C LEU C 50 26.54 -24.44 14.29
N GLN C 51 26.81 -25.73 14.25
CA GLN C 51 26.03 -26.72 14.98
C GLN C 51 26.68 -26.96 16.34
N LEU C 52 25.93 -26.67 17.41
CA LEU C 52 26.45 -26.75 18.76
C LEU C 52 26.14 -28.07 19.45
N GLY C 53 25.35 -28.93 18.84
CA GLY C 53 24.98 -30.17 19.50
C GLY C 53 24.20 -29.91 20.76
N ASN C 54 24.59 -30.59 21.85
CA ASN C 54 23.90 -30.44 23.12
C ASN C 54 24.39 -29.24 23.91
N CYS C 55 25.37 -28.50 23.42
CA CYS C 55 25.93 -27.37 24.12
C CYS C 55 25.12 -26.10 23.88
N SER C 56 25.35 -25.11 24.73
CA SER C 56 24.86 -23.77 24.53
C SER C 56 26.00 -22.86 24.08
N VAL C 57 25.66 -21.62 23.73
CA VAL C 57 26.68 -20.67 23.32
C VAL C 57 27.64 -20.40 24.47
N ALA C 58 27.13 -20.27 25.68
CA ALA C 58 27.98 -20.07 26.84
C ALA C 58 28.88 -21.27 27.07
N GLY C 59 28.32 -22.48 26.98
CA GLY C 59 29.13 -23.68 27.16
C GLY C 59 30.18 -23.84 26.07
N TRP C 60 29.81 -23.52 24.83
CA TRP C 60 30.75 -23.61 23.73
C TRP C 60 31.88 -22.61 23.88
N ILE C 61 31.57 -21.37 24.28
CA ILE C 61 32.58 -20.32 24.28
C ILE C 61 33.42 -20.38 25.54
N LEU C 62 32.89 -20.95 26.62
CA LEU C 62 33.69 -21.13 27.84
C LEU C 62 34.50 -22.42 27.80
N GLY C 63 34.24 -23.31 26.85
CA GLY C 63 34.96 -24.55 26.77
C GLY C 63 34.49 -25.61 27.74
N ASN C 64 33.21 -25.97 27.65
CA ASN C 64 32.69 -27.05 28.46
C ASN C 64 33.46 -28.33 28.15
N PRO C 65 33.80 -29.12 29.17
CA PRO C 65 34.58 -30.34 28.91
C PRO C 65 33.90 -31.30 27.96
N GLU C 66 32.58 -31.42 28.01
CA GLU C 66 31.85 -32.28 27.08
C GLU C 66 31.36 -31.49 25.86
N CYS C 67 32.26 -30.80 25.19
CA CYS C 67 31.81 -29.94 24.08
C CYS C 67 32.95 -29.69 23.11
N GLU C 68 33.77 -30.69 22.85
CA GLU C 68 34.92 -30.54 21.94
C GLU C 68 34.66 -31.37 20.69
N LEU C 69 33.71 -32.29 20.77
CA LEU C 69 33.35 -33.10 19.58
C LEU C 69 33.17 -32.16 18.40
N LEU C 70 32.79 -30.92 18.67
CA LEU C 70 32.55 -29.96 17.60
C LEU C 70 33.85 -29.63 16.87
N ILE C 71 33.79 -29.67 15.54
CA ILE C 71 34.94 -29.41 14.68
C ILE C 71 35.17 -27.92 14.61
N SER C 72 36.45 -27.51 14.67
CA SER C 72 36.80 -26.10 14.61
C SER C 72 36.35 -25.50 13.28
N ARG C 73 35.80 -24.29 13.35
CA ARG C 73 35.28 -23.60 12.17
C ARG C 73 35.79 -22.18 12.19
N GLU C 74 35.89 -21.58 11.00
CA GLU C 74 36.47 -20.25 10.88
C GLU C 74 35.44 -19.19 10.50
N SER C 75 34.25 -19.58 10.08
CA SER C 75 33.19 -18.65 9.72
C SER C 75 31.89 -19.41 9.60
N TRP C 76 30.82 -18.82 10.12
CA TRP C 76 29.49 -19.42 10.04
C TRP C 76 28.45 -18.34 9.75
N SER C 77 27.39 -18.73 9.04
CA SER C 77 26.33 -17.77 8.72
C SER C 77 25.43 -17.53 9.91
N TYR C 78 25.08 -18.59 10.65
CA TYR C 78 24.21 -18.46 11.82
C TYR C 78 24.52 -19.62 12.77
N ILE C 79 23.84 -19.62 13.90
CA ILE C 79 24.03 -20.61 14.96
C ILE C 79 22.76 -21.44 15.09
N VAL C 80 22.93 -22.75 15.26
CA VAL C 80 21.82 -23.67 15.53
C VAL C 80 21.95 -24.17 16.95
N GLU C 81 20.87 -24.03 17.72
CA GLU C 81 20.84 -24.38 19.13
C GLU C 81 19.67 -25.33 19.39
N LYS C 82 19.75 -26.17 20.29
CA LYS C 82 18.64 -27.05 20.63
C LYS C 82 17.71 -26.28 21.57
N PRO C 83 16.45 -26.42 21.54
CA PRO C 83 15.50 -25.59 22.30
C PRO C 83 15.85 -25.44 23.77
N ASN C 84 16.36 -26.49 24.42
CA ASN C 84 16.78 -26.42 25.82
C ASN C 84 18.13 -27.12 25.96
N PRO C 85 19.22 -26.39 25.70
CA PRO C 85 20.55 -27.00 25.81
C PRO C 85 20.83 -27.46 27.23
N GLU C 86 21.61 -28.54 27.35
CA GLU C 86 21.85 -29.17 28.64
C GLU C 86 23.29 -29.09 29.12
N ASN C 87 24.25 -28.87 28.23
CA ASN C 87 25.66 -28.75 28.60
C ASN C 87 26.09 -27.31 28.34
N GLY C 88 25.85 -26.44 29.32
CA GLY C 88 26.26 -25.06 29.20
C GLY C 88 27.37 -24.71 30.18
N THR C 89 27.07 -23.85 31.15
CA THR C 89 28.02 -23.49 32.19
C THR C 89 27.96 -24.57 33.26
N CYS C 90 28.94 -25.47 33.25
CA CYS C 90 28.95 -26.59 34.19
C CYS C 90 29.01 -26.09 35.63
N TYR C 91 29.92 -25.18 35.90
CA TYR C 91 29.96 -24.53 37.20
C TYR C 91 28.81 -23.54 37.29
N PRO C 92 27.96 -23.61 38.32
CA PRO C 92 26.84 -22.67 38.40
C PRO C 92 27.33 -21.24 38.54
N GLY C 93 26.60 -20.32 37.93
CA GLY C 93 26.97 -18.92 38.01
C GLY C 93 26.16 -18.06 37.06
N HIS C 94 26.61 -16.82 36.89
CA HIS C 94 25.94 -15.84 36.06
C HIS C 94 26.87 -15.42 34.93
N PHE C 95 26.33 -15.36 33.72
CA PHE C 95 27.07 -14.94 32.53
C PHE C 95 26.61 -13.54 32.17
N ALA C 96 27.50 -12.56 32.34
CA ALA C 96 27.15 -11.17 32.10
C ALA C 96 27.01 -10.90 30.61
N ASP C 97 25.97 -10.17 30.22
CA ASP C 97 25.73 -9.78 28.84
C ASP C 97 25.67 -11.00 27.92
N TYR C 98 24.97 -12.03 28.36
CA TYR C 98 24.88 -13.26 27.58
C TYR C 98 24.20 -13.02 26.24
N GLU C 99 23.09 -12.27 26.25
CA GLU C 99 22.39 -11.97 25.01
C GLU C 99 23.21 -11.10 24.07
N GLU C 100 23.94 -10.12 24.59
CA GLU C 100 24.84 -9.34 23.77
C GLU C 100 25.93 -10.20 23.14
N LEU C 101 26.52 -11.12 23.90
CA LEU C 101 27.54 -12.00 23.35
C LEU C 101 26.95 -12.90 22.26
N ARG C 102 25.74 -13.41 22.51
CA ARG C 102 25.08 -14.23 21.50
C ARG C 102 24.83 -13.45 20.22
N GLU C 103 24.42 -12.19 20.35
CA GLU C 103 24.23 -11.35 19.17
C GLU C 103 25.54 -11.09 18.43
N GLN C 104 26.62 -10.85 19.17
CA GLN C 104 27.92 -10.62 18.55
C GLN C 104 28.47 -11.85 17.84
N LEU C 105 28.24 -13.04 18.40
CA LEU C 105 28.79 -14.28 17.87
C LEU C 105 27.86 -14.94 16.86
N SER C 106 26.76 -14.29 16.50
CA SER C 106 25.78 -14.93 15.60
C SER C 106 26.41 -15.25 14.25
N SER C 107 27.19 -14.33 13.70
CA SER C 107 27.90 -14.54 12.44
C SER C 107 29.28 -13.94 12.53
N VAL C 108 30.28 -14.69 12.09
CA VAL C 108 31.66 -14.23 12.07
C VAL C 108 32.25 -14.53 10.69
N SER C 109 33.04 -13.59 10.18
CA SER C 109 33.77 -13.82 8.94
C SER C 109 35.09 -14.55 9.19
N SER C 110 35.73 -14.26 10.32
CA SER C 110 36.93 -14.96 10.76
C SER C 110 36.76 -15.33 12.22
N PHE C 111 37.33 -16.46 12.62
CA PHE C 111 37.24 -16.92 14.00
C PHE C 111 38.42 -17.84 14.26
N GLU C 112 39.41 -17.36 15.01
CA GLU C 112 40.60 -18.13 15.34
C GLU C 112 40.79 -18.13 16.85
N ARG C 113 40.99 -19.32 17.41
CA ARG C 113 41.25 -19.47 18.84
C ARG C 113 42.75 -19.52 19.08
N PHE C 114 43.23 -18.71 20.00
CA PHE C 114 44.65 -18.65 20.31
C PHE C 114 44.84 -18.47 21.81
N GLU C 115 46.01 -18.87 22.29
CA GLU C 115 46.32 -18.82 23.71
C GLU C 115 46.68 -17.39 24.10
N ILE C 116 45.92 -16.82 25.03
CA ILE C 116 46.20 -15.46 25.49
C ILE C 116 47.23 -15.48 26.62
N PHE C 117 47.10 -16.43 27.55
CA PHE C 117 48.03 -16.59 28.67
C PHE C 117 48.38 -18.08 28.74
N PRO C 118 49.52 -18.47 28.18
CA PRO C 118 49.90 -19.90 28.18
C PRO C 118 49.99 -20.44 29.60
N LYS C 119 49.46 -21.65 29.79
CA LYS C 119 49.39 -22.23 31.12
C LYS C 119 50.77 -22.49 31.69
N GLU C 120 51.68 -22.99 30.85
CA GLU C 120 53.00 -23.42 31.32
C GLU C 120 53.83 -22.25 31.86
N SER C 121 53.79 -21.10 31.20
CA SER C 121 54.73 -20.03 31.52
C SER C 121 54.06 -18.67 31.67
N SER C 122 52.96 -18.60 32.40
CA SER C 122 52.37 -17.30 32.71
C SER C 122 51.95 -17.21 34.17
N TRP C 123 51.79 -18.35 34.83
CA TRP C 123 51.44 -18.35 36.25
C TRP C 123 52.45 -19.20 37.02
N PRO C 124 53.62 -18.67 37.32
CA PRO C 124 54.65 -19.48 37.98
C PRO C 124 54.50 -19.52 39.50
N ASN C 125 53.84 -18.53 40.08
CA ASN C 125 53.65 -18.47 41.52
C ASN C 125 52.30 -19.00 41.98
N HIS C 126 51.48 -19.53 41.08
CA HIS C 126 50.17 -20.05 41.41
C HIS C 126 50.00 -21.46 40.88
N THR C 127 49.02 -22.17 41.43
CA THR C 127 48.65 -23.49 40.95
C THR C 127 47.58 -23.38 39.87
N THR C 128 47.78 -24.15 38.81
CA THR C 128 46.90 -24.08 37.64
C THR C 128 46.14 -25.38 37.41
N THR C 129 45.87 -26.15 38.46
CA THR C 129 45.18 -27.43 38.33
C THR C 129 43.83 -27.41 39.02
N GLY C 130 43.15 -26.27 39.00
CA GLY C 130 41.81 -26.20 39.57
C GLY C 130 40.87 -27.13 38.83
N VAL C 131 40.14 -27.94 39.60
CA VAL C 131 39.29 -28.98 39.06
C VAL C 131 37.99 -29.04 39.85
N SER C 132 36.87 -29.17 39.15
CA SER C 132 35.56 -29.22 39.76
C SER C 132 34.83 -30.49 39.33
N ALA C 133 34.09 -31.07 40.27
CA ALA C 133 33.32 -32.28 40.01
C ALA C 133 32.12 -32.03 39.11
N SER C 134 31.59 -30.81 39.08
CA SER C 134 30.47 -30.48 38.22
C SER C 134 30.84 -30.51 36.74
N CYS C 135 32.06 -30.09 36.41
CA CYS C 135 32.56 -30.18 35.04
C CYS C 135 33.30 -31.49 34.80
N SER C 136 32.59 -32.60 35.02
CA SER C 136 33.21 -33.91 34.91
C SER C 136 33.18 -34.40 33.48
N HIS C 137 34.35 -34.72 32.95
CA HIS C 137 34.50 -35.25 31.59
C HIS C 137 34.94 -36.70 31.66
N ASN C 138 34.18 -37.57 31.01
CA ASN C 138 34.44 -39.02 30.97
C ASN C 138 34.87 -39.55 32.34
N GLY C 139 33.95 -39.43 33.29
CA GLY C 139 34.16 -39.98 34.61
C GLY C 139 34.80 -39.05 35.62
N GLU C 140 36.09 -38.75 35.47
CA GLU C 140 36.76 -37.95 36.48
C GLU C 140 36.56 -36.47 36.22
N SER C 141 36.71 -35.69 37.29
CA SER C 141 36.40 -34.27 37.30
C SER C 141 37.41 -33.46 36.49
N SER C 142 36.93 -32.36 35.91
CA SER C 142 37.74 -31.49 35.08
C SER C 142 37.22 -30.06 35.20
N PHE C 143 37.66 -29.20 34.28
CA PHE C 143 37.28 -27.80 34.26
C PHE C 143 37.20 -27.33 32.81
N TYR C 144 36.95 -26.04 32.63
CA TYR C 144 36.81 -25.48 31.30
C TYR C 144 38.14 -25.52 30.56
N LYS C 145 38.07 -25.45 29.23
CA LYS C 145 39.28 -25.43 28.42
C LYS C 145 39.82 -24.02 28.23
N ASN C 146 38.92 -23.03 28.08
CA ASN C 146 39.33 -21.66 27.81
C ASN C 146 39.56 -20.85 29.08
N LEU C 147 39.31 -21.42 30.26
CA LEU C 147 39.52 -20.74 31.52
C LEU C 147 40.47 -21.56 32.38
N LEU C 148 41.14 -20.88 33.31
CA LEU C 148 42.13 -21.53 34.16
C LEU C 148 41.91 -21.09 35.60
N TRP C 149 41.73 -22.04 36.49
CA TRP C 149 41.46 -21.76 37.90
C TRP C 149 42.78 -21.63 38.64
N LEU C 150 43.04 -20.44 39.17
CA LEU C 150 44.28 -20.18 39.91
C LEU C 150 44.01 -20.31 41.40
N THR C 151 44.84 -21.10 42.07
CA THR C 151 44.77 -21.29 43.50
C THR C 151 46.18 -21.11 44.07
N GLY C 152 46.25 -20.62 45.30
CA GLY C 152 47.53 -20.28 45.92
C GLY C 152 48.50 -21.44 46.02
N LYS C 153 49.73 -21.22 45.55
CA LYS C 153 50.82 -22.16 45.69
C LYS C 153 51.49 -21.97 47.04
N ASN C 154 52.14 -23.04 47.50
CA ASN C 154 52.80 -23.06 48.82
C ASN C 154 51.71 -22.75 49.85
N GLY C 155 51.83 -21.67 50.61
CA GLY C 155 50.78 -21.32 51.55
C GLY C 155 50.27 -19.90 51.37
N LEU C 156 50.65 -19.27 50.26
CA LEU C 156 50.30 -17.88 50.03
C LEU C 156 49.82 -17.70 48.60
N TYR C 157 49.03 -16.66 48.38
CA TYR C 157 48.50 -16.31 47.06
C TYR C 157 49.10 -14.98 46.63
N PRO C 158 50.13 -14.97 45.78
CA PRO C 158 50.76 -13.71 45.42
C PRO C 158 49.85 -12.81 44.59
N ASN C 159 50.19 -11.54 44.55
CA ASN C 159 49.48 -10.59 43.71
C ASN C 159 49.69 -10.91 42.23
N LEU C 160 48.75 -10.47 41.40
CA LEU C 160 48.77 -10.74 39.98
C LEU C 160 48.92 -9.44 39.21
N SER C 161 49.62 -9.50 38.09
CA SER C 161 49.66 -8.38 37.15
C SER C 161 49.99 -8.97 35.79
N LYS C 162 48.99 -9.15 34.95
CA LYS C 162 49.17 -9.70 33.61
C LYS C 162 48.62 -8.73 32.58
N SER C 163 49.26 -8.67 31.43
CA SER C 163 48.89 -7.75 30.38
C SER C 163 48.97 -8.44 29.03
N TYR C 164 47.96 -8.18 28.19
CA TYR C 164 47.97 -8.67 26.81
C TYR C 164 47.69 -7.51 25.88
N ALA C 165 48.55 -7.34 24.87
CA ALA C 165 48.34 -6.34 23.84
C ALA C 165 47.87 -7.02 22.56
N ASN C 166 46.87 -6.41 21.93
CA ASN C 166 46.25 -6.96 20.73
C ASN C 166 47.02 -6.47 19.51
N ASN C 167 47.67 -7.40 18.81
CA ASN C 167 48.45 -7.10 17.62
C ASN C 167 47.97 -7.95 16.45
N LYS C 168 46.66 -8.13 16.33
CA LYS C 168 46.09 -9.03 15.32
C LYS C 168 45.28 -8.27 14.27
N GLU C 169 45.08 -6.97 14.44
CA GLU C 169 44.21 -6.17 13.57
C GLU C 169 42.79 -6.71 13.52
N LYS C 170 42.41 -7.50 14.52
CA LYS C 170 41.06 -8.05 14.64
C LYS C 170 40.66 -8.01 16.10
N GLU C 171 39.40 -7.65 16.35
CA GLU C 171 38.91 -7.58 17.72
C GLU C 171 38.97 -8.94 18.38
N VAL C 172 39.44 -8.97 19.63
CA VAL C 172 39.71 -10.20 20.36
C VAL C 172 38.72 -10.33 21.50
N LEU C 173 38.04 -11.46 21.58
CA LEU C 173 37.07 -11.72 22.64
C LEU C 173 37.79 -12.38 23.81
N VAL C 174 37.77 -11.72 24.96
CA VAL C 174 38.44 -12.19 26.16
C VAL C 174 37.40 -12.53 27.20
N LEU C 175 37.50 -13.74 27.76
CA LEU C 175 36.56 -14.24 28.75
C LEU C 175 37.31 -14.58 30.04
N TRP C 176 36.73 -14.20 31.17
CA TRP C 176 37.31 -14.52 32.46
C TRP C 176 36.18 -14.72 33.46
N GLY C 177 36.54 -15.01 34.71
CA GLY C 177 35.54 -15.29 35.72
C GLY C 177 36.00 -14.88 37.09
N VAL C 178 35.03 -14.65 37.97
CA VAL C 178 35.27 -14.32 39.36
C VAL C 178 34.54 -15.34 40.22
N HIS C 179 35.25 -15.92 41.19
CA HIS C 179 34.76 -17.02 41.99
C HIS C 179 34.24 -16.50 43.33
N HIS C 180 33.07 -16.99 43.74
CA HIS C 180 32.45 -16.63 45.00
C HIS C 180 32.26 -17.91 45.82
N PRO C 181 33.10 -18.17 46.81
CA PRO C 181 32.96 -19.40 47.59
C PRO C 181 31.71 -19.36 48.45
N PRO C 182 31.19 -20.52 48.84
CA PRO C 182 29.96 -20.52 49.64
C PRO C 182 30.18 -20.09 51.08
N ASN C 183 31.32 -20.44 51.66
CA ASN C 183 31.62 -20.13 53.05
C ASN C 183 32.99 -19.48 53.15
N ILE C 184 33.22 -18.78 54.27
CA ILE C 184 34.46 -18.04 54.45
C ILE C 184 35.64 -19.00 54.52
N GLY C 185 35.43 -20.18 55.11
CA GLY C 185 36.50 -21.16 55.18
C GLY C 185 37.04 -21.55 53.83
N ASP C 186 36.17 -21.72 52.84
CA ASP C 186 36.62 -22.00 51.48
C ASP C 186 37.44 -20.86 50.91
N GLN C 187 37.01 -19.62 51.14
CA GLN C 187 37.77 -18.46 50.68
C GLN C 187 39.17 -18.46 51.27
N ARG C 188 39.26 -18.70 52.58
CA ARG C 188 40.59 -18.71 53.26
C ARG C 188 41.43 -19.88 52.73
N ALA C 189 40.82 -21.04 52.52
CA ALA C 189 41.58 -22.22 52.10
C ALA C 189 42.11 -22.06 50.69
N LEU C 190 41.32 -21.47 49.79
CA LEU C 190 41.72 -21.41 48.39
C LEU C 190 42.60 -20.20 48.11
N TYR C 191 42.26 -19.04 48.67
CA TYR C 191 42.90 -17.80 48.28
C TYR C 191 43.67 -17.10 49.39
N HIS C 192 43.56 -17.58 50.63
CA HIS C 192 44.34 -17.13 51.78
C HIS C 192 44.10 -15.67 52.17
N LYS C 193 43.15 -14.99 51.53
CA LYS C 193 42.82 -13.62 51.88
C LYS C 193 41.35 -13.54 52.28
N GLU C 194 41.08 -12.86 53.38
CA GLU C 194 39.72 -12.67 53.86
C GLU C 194 38.85 -11.92 52.86
N ASN C 195 39.39 -10.87 52.24
CA ASN C 195 38.73 -10.18 51.15
C ASN C 195 39.72 -10.02 49.99
N ALA C 196 39.18 -9.99 48.77
CA ALA C 196 40.01 -9.98 47.58
C ALA C 196 39.42 -9.02 46.57
N TYR C 197 40.18 -8.77 45.51
CA TYR C 197 39.74 -7.88 44.44
C TYR C 197 40.27 -8.38 43.11
N VAL C 198 39.49 -8.17 42.06
CA VAL C 198 39.90 -8.46 40.69
C VAL C 198 39.65 -7.22 39.84
N SER C 199 40.71 -6.64 39.30
CA SER C 199 40.61 -5.46 38.47
C SER C 199 40.92 -5.81 37.03
N VAL C 200 40.00 -5.50 36.13
CA VAL C 200 40.18 -5.71 34.70
C VAL C 200 40.12 -4.34 34.02
N VAL C 201 41.22 -3.93 33.41
CA VAL C 201 41.35 -2.58 32.87
C VAL C 201 41.76 -2.66 31.40
N SER C 202 41.02 -1.97 30.54
CA SER C 202 41.39 -1.80 29.15
C SER C 202 41.21 -0.34 28.78
N SER C 203 41.46 -0.02 27.51
CA SER C 203 41.31 1.35 27.06
C SER C 203 39.87 1.83 27.15
N HIS C 204 38.92 0.95 26.80
CA HIS C 204 37.51 1.33 26.75
C HIS C 204 36.66 0.48 27.69
N TYR C 205 37.26 -0.35 28.53
CA TYR C 205 36.54 -1.16 29.51
C TYR C 205 37.33 -1.17 30.80
N SER C 206 36.61 -1.07 31.91
CA SER C 206 37.24 -1.04 33.22
C SER C 206 36.27 -1.48 34.29
N ARG C 207 36.66 -2.44 35.13
CA ARG C 207 35.75 -2.95 36.14
C ARG C 207 36.54 -3.52 37.31
N LYS C 208 35.91 -3.49 38.48
CA LYS C 208 36.50 -3.96 39.73
C LYS C 208 35.51 -4.90 40.39
N PHE C 209 35.96 -6.10 40.75
CA PHE C 209 35.11 -7.14 41.29
C PHE C 209 35.58 -7.51 42.70
N THR C 210 34.62 -7.81 43.56
CA THR C 210 34.89 -8.21 44.91
C THR C 210 34.12 -9.50 45.19
N PRO C 211 34.79 -10.52 45.74
CA PRO C 211 34.09 -11.76 46.09
C PRO C 211 32.94 -11.51 47.06
N GLU C 212 31.85 -12.24 46.85
CA GLU C 212 30.66 -12.14 47.68
C GLU C 212 30.32 -13.54 48.20
N ILE C 213 30.64 -13.79 49.46
CA ILE C 213 30.43 -15.10 50.06
C ILE C 213 28.96 -15.23 50.45
N ALA C 214 28.32 -16.30 49.99
CA ALA C 214 26.92 -16.54 50.29
C ALA C 214 26.62 -18.03 50.15
N LYS C 215 25.63 -18.49 50.92
CA LYS C 215 25.20 -19.88 50.89
C LYS C 215 24.02 -20.03 49.92
N ARG C 216 24.36 -19.98 48.63
CA ARG C 216 23.35 -20.01 47.58
C ARG C 216 22.79 -21.42 47.42
N PRO C 217 21.64 -21.57 46.77
CA PRO C 217 21.07 -22.91 46.59
C PRO C 217 22.03 -23.83 45.84
N LYS C 218 21.99 -25.11 46.23
CA LYS C 218 22.89 -26.10 45.65
C LYS C 218 22.33 -26.57 44.31
N VAL C 219 22.93 -26.11 43.22
CA VAL C 219 22.64 -26.61 41.88
C VAL C 219 23.94 -27.11 41.29
N ARG C 220 23.86 -28.16 40.48
CA ARG C 220 25.03 -28.87 39.96
C ARG C 220 25.95 -29.32 41.09
N ASP C 221 25.36 -29.71 42.22
CA ASP C 221 26.09 -30.22 43.38
C ASP C 221 27.12 -29.24 43.92
N GLN C 222 26.89 -27.93 43.70
CA GLN C 222 27.82 -26.88 44.20
C GLN C 222 27.01 -25.68 44.73
N GLU C 223 27.50 -25.01 45.78
CA GLU C 223 26.86 -23.85 46.37
C GLU C 223 27.54 -22.54 46.02
N GLY C 224 28.87 -22.56 45.84
CA GLY C 224 29.57 -21.39 45.36
C GLY C 224 29.26 -21.13 43.90
N ARG C 225 29.66 -19.94 43.44
CA ARG C 225 29.30 -19.50 42.09
C ARG C 225 30.53 -18.96 41.38
N ILE C 226 30.43 -18.89 40.05
CA ILE C 226 31.43 -18.21 39.23
C ILE C 226 30.69 -17.28 38.28
N ASN C 227 31.02 -15.99 38.34
CA ASN C 227 30.44 -15.00 37.44
C ASN C 227 31.39 -14.81 36.26
N TYR C 228 30.87 -15.04 35.06
CA TYR C 228 31.66 -15.01 33.83
C TYR C 228 31.49 -13.67 33.14
N TYR C 229 32.60 -13.07 32.74
CA TYR C 229 32.62 -11.77 32.10
C TYR C 229 33.41 -11.83 30.81
N TRP C 230 33.05 -10.96 29.86
CA TRP C 230 33.69 -10.95 28.56
C TRP C 230 33.88 -9.51 28.09
N THR C 231 34.87 -9.33 27.22
CA THR C 231 35.17 -8.03 26.66
C THR C 231 35.70 -8.21 25.23
N LEU C 232 35.60 -7.15 24.45
CA LEU C 232 36.06 -7.13 23.06
C LEU C 232 37.18 -6.11 22.92
N LEU C 233 38.41 -6.60 22.84
CA LEU C 233 39.57 -5.73 22.65
C LEU C 233 39.67 -5.29 21.20
N GLU C 234 39.81 -3.97 21.00
CA GLU C 234 40.04 -3.40 19.69
C GLU C 234 41.47 -3.65 19.25
N PRO C 235 41.75 -3.56 17.95
CA PRO C 235 43.14 -3.67 17.48
C PRO C 235 43.99 -2.57 18.09
N GLY C 236 45.22 -2.92 18.44
CA GLY C 236 46.14 -1.99 19.07
C GLY C 236 45.66 -1.52 20.43
N ASP C 237 45.16 -2.45 21.25
CA ASP C 237 44.67 -2.13 22.58
C ASP C 237 45.18 -3.18 23.55
N THR C 238 45.23 -2.81 24.82
CA THR C 238 45.84 -3.63 25.86
C THR C 238 44.84 -3.89 26.98
N ILE C 239 44.82 -5.13 27.48
CA ILE C 239 44.02 -5.52 28.63
C ILE C 239 44.94 -5.89 29.77
N ILE C 240 44.55 -5.54 30.99
CA ILE C 240 45.36 -5.76 32.18
C ILE C 240 44.50 -6.42 33.24
N PHE C 241 44.96 -7.56 33.74
CA PHE C 241 44.31 -8.27 34.85
C PHE C 241 45.18 -8.14 36.10
N GLU C 242 44.56 -7.73 37.20
CA GLU C 242 45.20 -7.75 38.50
C GLU C 242 44.27 -8.44 39.49
N ALA C 243 44.85 -9.24 40.38
CA ALA C 243 44.02 -9.94 41.35
C ALA C 243 44.88 -10.43 42.49
N ASN C 244 44.30 -10.42 43.70
CA ASN C 244 44.89 -11.09 44.84
C ASN C 244 44.04 -12.28 45.27
N GLY C 245 43.16 -12.76 44.40
CA GLY C 245 42.32 -13.90 44.69
C GLY C 245 41.02 -13.87 43.91
N ASN C 246 40.39 -15.03 43.77
CA ASN C 246 39.06 -15.15 43.17
C ASN C 246 39.07 -14.72 41.70
N LEU C 247 40.00 -15.28 40.94
CA LEU C 247 40.12 -14.99 39.52
C LEU C 247 40.19 -16.29 38.74
N ILE C 248 39.29 -16.46 37.77
CA ILE C 248 39.36 -17.56 36.81
C ILE C 248 39.96 -16.95 35.56
N ALA C 249 41.28 -17.10 35.42
CA ALA C 249 42.01 -16.35 34.42
C ALA C 249 41.70 -16.86 33.01
N PRO C 250 41.76 -15.99 32.01
CA PRO C 250 41.62 -16.45 30.62
C PRO C 250 42.78 -17.34 30.21
N ARG C 251 42.48 -18.32 29.38
CA ARG C 251 43.48 -19.20 28.80
C ARG C 251 43.49 -19.16 27.29
N TYR C 252 42.33 -19.07 26.65
CA TYR C 252 42.22 -18.94 25.21
C TYR C 252 41.36 -17.73 24.89
N ALA C 253 41.79 -16.94 23.91
CA ALA C 253 41.03 -15.82 23.41
C ALA C 253 40.46 -16.17 22.04
N PHE C 254 39.81 -15.20 21.41
CA PHE C 254 39.13 -15.42 20.14
C PHE C 254 39.28 -14.18 19.28
N ALA C 255 40.11 -14.25 18.24
CA ALA C 255 40.26 -13.15 17.30
C ALA C 255 39.22 -13.32 16.20
N LEU C 256 38.22 -12.46 16.19
CA LEU C 256 37.08 -12.61 15.29
C LEU C 256 36.79 -11.28 14.60
N SER C 257 36.21 -11.38 13.42
CA SER C 257 35.69 -10.22 12.68
C SER C 257 34.21 -10.44 12.47
N ARG C 258 33.39 -9.51 12.75
CA ARG C 258 31.94 -9.74 12.67
C ARG C 258 31.48 -9.56 11.24
N GLY C 259 30.46 -10.21 10.86
CA GLY C 259 29.92 -10.22 9.51
C GLY C 259 28.51 -9.66 9.45
N PHE C 260 27.66 -10.27 8.63
CA PHE C 260 26.28 -9.82 8.51
C PHE C 260 25.52 -10.12 9.80
N GLY C 261 24.58 -9.23 10.12
CA GLY C 261 23.74 -9.42 11.30
C GLY C 261 22.85 -10.63 11.18
N SER C 262 23.12 -11.66 11.98
CA SER C 262 22.38 -12.91 11.94
C SER C 262 21.88 -13.24 13.33
N GLY C 263 21.35 -14.45 13.50
CA GLY C 263 20.79 -14.85 14.78
C GLY C 263 20.97 -16.30 15.10
N ILE C 264 20.27 -16.78 16.12
CA ILE C 264 20.35 -18.16 16.57
C ILE C 264 19.00 -18.82 16.34
N ILE C 265 19.00 -19.93 15.59
CA ILE C 265 17.79 -20.70 15.38
C ILE C 265 17.75 -21.84 16.38
N ASN C 266 16.70 -21.85 17.20
CA ASN C 266 16.49 -22.89 18.21
C ASN C 266 15.65 -23.98 17.58
N SER C 267 16.31 -25.02 17.05
CA SER C 267 15.61 -26.08 16.36
C SER C 267 16.37 -27.38 16.51
N ASN C 268 15.64 -28.48 16.31
CA ASN C 268 16.21 -29.82 16.20
C ASN C 268 15.76 -30.38 14.85
N ALA C 269 16.52 -30.04 13.82
CA ALA C 269 16.22 -30.43 12.45
C ALA C 269 17.50 -30.87 11.76
N PRO C 270 17.41 -31.76 10.77
CA PRO C 270 18.62 -32.23 10.10
C PRO C 270 19.34 -31.09 9.38
N MET C 271 20.66 -31.22 9.31
CA MET C 271 21.51 -30.25 8.63
C MET C 271 22.01 -30.86 7.33
N ASP C 272 21.81 -30.14 6.22
CA ASP C 272 22.24 -30.60 4.92
C ASP C 272 23.09 -29.53 4.23
N GLU C 273 23.40 -29.77 2.97
CA GLU C 273 24.28 -28.91 2.18
C GLU C 273 23.52 -28.24 1.03
N CYS C 274 22.35 -27.70 1.31
CA CYS C 274 21.56 -27.00 0.31
C CYS C 274 22.17 -25.63 0.06
N ASP C 275 21.49 -24.80 -0.71
CA ASP C 275 21.82 -23.38 -0.84
C ASP C 275 20.49 -22.62 -0.80
N ALA C 276 20.07 -22.24 0.39
CA ALA C 276 18.80 -21.58 0.60
C ALA C 276 19.00 -20.08 0.78
N LYS C 277 17.92 -19.34 0.58
CA LYS C 277 17.92 -17.90 0.77
C LYS C 277 17.28 -17.48 2.10
N CYS C 278 16.35 -18.28 2.62
CA CYS C 278 15.70 -18.00 3.89
C CYS C 278 15.61 -19.27 4.72
N GLN C 279 15.81 -19.12 6.02
CA GLN C 279 15.73 -20.22 6.97
C GLN C 279 14.72 -19.89 8.06
N THR C 280 13.97 -20.91 8.48
CA THR C 280 13.03 -20.84 9.59
C THR C 280 13.36 -21.96 10.55
N PRO C 281 12.96 -21.86 11.83
CA PRO C 281 13.32 -22.86 12.85
C PRO C 281 12.76 -24.23 12.56
N GLN C 282 12.21 -24.45 11.38
CA GLN C 282 11.56 -25.75 11.08
C GLN C 282 11.87 -26.12 9.64
N GLY C 283 12.86 -25.49 9.04
CA GLY C 283 13.15 -25.72 7.62
C GLY C 283 13.45 -24.47 6.85
N ALA C 284 13.77 -24.59 5.56
CA ALA C 284 14.06 -23.43 4.70
C ALA C 284 12.92 -23.13 3.74
N ILE C 285 12.64 -21.85 3.50
CA ILE C 285 11.60 -21.47 2.51
C ILE C 285 12.41 -21.20 1.24
N ASN C 286 12.01 -21.83 0.14
CA ASN C 286 12.79 -21.71 -1.11
C ASN C 286 11.83 -21.27 -2.21
N SER C 287 11.44 -20.01 -2.20
CA SER C 287 10.59 -19.52 -3.29
C SER C 287 10.97 -18.09 -3.68
N SER C 288 10.60 -17.70 -4.89
CA SER C 288 10.79 -16.31 -5.30
C SER C 288 9.49 -15.61 -4.96
N LEU C 289 8.55 -16.33 -4.35
CA LEU C 289 7.22 -15.78 -4.04
C LEU C 289 7.39 -14.63 -3.06
N PRO C 290 6.56 -13.59 -3.13
CA PRO C 290 6.73 -12.39 -2.29
C PRO C 290 6.32 -12.57 -0.84
N PHE C 291 5.43 -13.50 -0.51
CA PHE C 291 4.88 -13.60 0.86
C PHE C 291 5.03 -15.01 1.40
N GLN C 292 4.95 -15.19 2.71
CA GLN C 292 5.05 -16.49 3.36
C GLN C 292 4.14 -16.53 4.59
N ASN C 293 3.83 -17.75 5.03
CA ASN C 293 3.07 -17.95 6.25
C ASN C 293 3.61 -19.13 7.05
N VAL C 294 4.91 -19.40 6.92
CA VAL C 294 5.53 -20.54 7.59
C VAL C 294 5.87 -20.16 9.02
N HIS C 295 6.71 -19.13 9.20
CA HIS C 295 7.14 -18.75 10.53
C HIS C 295 7.50 -17.27 10.53
N PRO C 296 7.01 -16.50 11.50
CA PRO C 296 7.35 -15.07 11.54
C PRO C 296 8.82 -14.80 11.80
N VAL C 297 9.55 -15.74 12.41
CA VAL C 297 10.96 -15.55 12.73
C VAL C 297 11.77 -16.28 11.66
N THR C 298 12.55 -15.52 10.90
CA THR C 298 13.33 -16.06 9.79
C THR C 298 14.71 -15.44 9.79
N ILE C 299 15.64 -16.11 9.13
CA ILE C 299 17.00 -15.62 8.93
C ILE C 299 17.32 -15.64 7.45
N GLY C 300 17.80 -14.52 6.94
CA GLY C 300 18.17 -14.40 5.54
C GLY C 300 17.14 -13.60 4.75
N GLU C 301 17.43 -13.46 3.47
CA GLU C 301 16.51 -12.80 2.55
C GLU C 301 15.25 -13.64 2.41
N CYS C 302 14.16 -13.19 3.03
CA CYS C 302 12.98 -14.03 3.19
C CYS C 302 11.75 -13.28 2.74
N PRO C 303 10.73 -13.99 2.25
CA PRO C 303 9.44 -13.35 1.98
C PRO C 303 8.83 -12.78 3.25
N LYS C 304 8.05 -11.73 3.09
CA LYS C 304 7.40 -11.08 4.23
C LYS C 304 6.32 -11.98 4.80
N TYR C 305 6.27 -12.04 6.14
CA TYR C 305 5.26 -12.84 6.80
C TYR C 305 3.90 -12.15 6.76
N VAL C 306 2.86 -12.94 6.50
CA VAL C 306 1.49 -12.44 6.43
C VAL C 306 0.58 -13.43 7.13
N ARG C 307 -0.43 -12.91 7.84
CA ARG C 307 -1.42 -13.75 8.51
C ARG C 307 -2.58 -14.06 7.56
N SER C 308 -2.24 -14.74 6.46
CA SER C 308 -3.23 -15.11 5.46
C SER C 308 -3.03 -16.57 5.10
N ALA C 309 -4.13 -17.25 4.81
CA ALA C 309 -4.08 -18.67 4.48
C ALA C 309 -4.15 -18.95 2.99
N LYS C 310 -4.49 -17.95 2.17
CA LYS C 310 -4.65 -18.17 0.74
C LYS C 310 -4.49 -16.83 0.03
N LEU C 311 -3.57 -16.64 -0.81
CA LEU C 311 -3.35 -15.41 -1.62
C LEU C 311 -3.13 -15.90 -3.05
N ARG C 312 -4.11 -16.14 -3.82
CA ARG C 312 -4.09 -16.66 -5.18
C ARG C 312 -4.47 -15.56 -6.16
N MET C 313 -3.64 -15.39 -7.19
CA MET C 313 -3.87 -14.37 -8.20
C MET C 313 -4.31 -15.04 -9.49
N VAL C 314 -5.38 -14.52 -10.08
CA VAL C 314 -5.98 -15.17 -11.24
C VAL C 314 -5.19 -14.80 -12.49
N THR C 315 -4.84 -15.82 -13.28
CA THR C 315 -4.19 -15.61 -14.56
C THR C 315 -5.11 -15.89 -15.73
N GLY C 316 -6.16 -16.68 -15.51
CA GLY C 316 -7.13 -16.95 -16.55
C GLY C 316 -8.40 -16.14 -16.38
N LEU C 317 -9.54 -16.71 -16.76
CA LEU C 317 -10.81 -16.01 -16.71
C LEU C 317 -11.83 -16.87 -15.99
N ARG C 318 -13.05 -16.34 -15.88
CA ARG C 318 -14.11 -17.06 -15.19
C ARG C 318 -14.44 -18.36 -15.92
N ASN C 319 -14.68 -19.40 -15.14
CA ASN C 319 -14.96 -20.73 -15.68
C ASN C 319 -16.47 -20.92 -15.72
N ILE C 320 -17.03 -20.93 -16.92
CA ILE C 320 -18.46 -21.18 -17.12
C ILE C 320 -18.60 -22.28 -18.17
N PRO C 321 -18.47 -23.55 -17.79
CA PRO C 321 -18.51 -24.67 -18.73
C PRO C 321 -19.91 -25.19 -18.99
N LEU D 2 -16.68 -3.63 -15.75
CA LEU D 2 -17.35 -4.76 -16.38
C LEU D 2 -17.91 -4.30 -17.73
N PHE D 3 -17.70 -5.10 -18.76
CA PHE D 3 -18.05 -4.71 -20.12
C PHE D 3 -19.22 -5.48 -20.72
N GLY D 4 -19.68 -6.55 -20.07
CA GLY D 4 -20.90 -7.20 -20.51
C GLY D 4 -20.73 -8.33 -21.50
N ALA D 5 -19.50 -8.81 -21.69
CA ALA D 5 -19.29 -9.91 -22.62
C ALA D 5 -19.26 -11.26 -21.90
N ILE D 6 -18.37 -11.42 -20.93
CA ILE D 6 -18.33 -12.64 -20.13
C ILE D 6 -19.42 -12.59 -19.08
N ALA D 7 -20.22 -13.65 -19.00
CA ALA D 7 -21.43 -13.67 -18.18
C ALA D 7 -22.38 -12.54 -18.58
N GLY D 8 -22.29 -12.14 -19.83
CA GLY D 8 -23.13 -11.09 -20.38
C GLY D 8 -23.90 -11.60 -21.57
N PHE D 9 -23.70 -11.00 -22.75
CA PHE D 9 -24.33 -11.52 -23.95
C PHE D 9 -23.63 -12.75 -24.50
N ILE D 10 -22.56 -13.22 -23.85
CA ILE D 10 -21.96 -14.52 -24.11
C ILE D 10 -21.96 -15.25 -22.78
N GLU D 11 -22.97 -16.10 -22.56
CA GLU D 11 -23.22 -16.62 -21.22
C GLU D 11 -22.19 -17.65 -20.79
N GLY D 12 -21.73 -18.51 -21.70
CA GLY D 12 -20.89 -19.62 -21.31
C GLY D 12 -19.61 -19.67 -22.13
N GLY D 13 -18.66 -20.44 -21.62
CA GLY D 13 -17.41 -20.67 -22.30
C GLY D 13 -17.44 -21.92 -23.16
N TRP D 14 -16.30 -22.19 -23.79
CA TRP D 14 -16.13 -23.33 -24.67
C TRP D 14 -15.02 -24.22 -24.14
N THR D 15 -15.33 -25.50 -23.95
CA THR D 15 -14.33 -26.47 -23.51
C THR D 15 -13.51 -27.03 -24.67
N GLY D 16 -14.05 -27.01 -25.88
CA GLY D 16 -13.34 -27.54 -27.02
C GLY D 16 -12.23 -26.65 -27.53
N MET D 17 -12.23 -25.38 -27.15
CA MET D 17 -11.20 -24.42 -27.53
C MET D 17 -10.17 -24.37 -26.41
N VAL D 18 -9.06 -25.07 -26.58
CA VAL D 18 -8.09 -25.26 -25.51
C VAL D 18 -6.76 -24.57 -25.79
N ASP D 19 -6.51 -24.08 -27.01
CA ASP D 19 -5.25 -23.45 -27.34
C ASP D 19 -5.33 -21.93 -27.32
N GLY D 20 -6.30 -21.37 -26.63
CA GLY D 20 -6.44 -19.93 -26.56
C GLY D 20 -7.52 -19.56 -25.56
N TRP D 21 -7.62 -18.26 -25.31
CA TRP D 21 -8.64 -17.72 -24.41
C TRP D 21 -9.84 -17.14 -25.15
N TYR D 22 -9.63 -16.60 -26.34
CA TYR D 22 -10.68 -16.01 -27.14
C TYR D 22 -10.62 -16.60 -28.54
N GLY D 23 -11.78 -16.94 -29.09
CA GLY D 23 -11.80 -17.59 -30.38
C GLY D 23 -13.08 -17.45 -31.17
N TYR D 24 -13.17 -18.22 -32.24
CA TYR D 24 -14.30 -18.20 -33.15
C TYR D 24 -14.80 -19.62 -33.34
N HIS D 25 -16.12 -19.74 -33.57
CA HIS D 25 -16.73 -20.99 -33.99
C HIS D 25 -17.50 -20.72 -35.27
N HIS D 26 -17.18 -21.45 -36.33
CA HIS D 26 -17.76 -21.19 -37.64
C HIS D 26 -18.50 -22.42 -38.15
N GLN D 27 -19.58 -22.17 -38.88
CA GLN D 27 -20.40 -23.23 -39.45
C GLN D 27 -20.67 -22.91 -40.91
N ASN D 28 -20.27 -23.80 -41.80
CA ASN D 28 -20.49 -23.64 -43.24
C ASN D 28 -21.22 -24.87 -43.74
N GLU D 29 -21.33 -24.99 -45.07
CA GLU D 29 -21.66 -26.27 -45.67
C GLU D 29 -20.48 -27.22 -45.63
N GLN D 30 -19.26 -26.69 -45.58
CA GLN D 30 -18.08 -27.53 -45.52
C GLN D 30 -17.92 -28.19 -44.17
N GLY D 31 -18.24 -27.48 -43.10
CA GLY D 31 -18.17 -28.02 -41.75
C GLY D 31 -17.94 -26.93 -40.71
N SER D 32 -18.19 -27.28 -39.46
CA SER D 32 -18.01 -26.37 -38.34
C SER D 32 -16.68 -26.62 -37.66
N GLY D 33 -16.18 -25.61 -36.97
CA GLY D 33 -14.91 -25.74 -36.28
C GLY D 33 -14.61 -24.55 -35.41
N TYR D 34 -13.64 -24.74 -34.52
CA TYR D 34 -13.14 -23.72 -33.62
C TYR D 34 -11.83 -23.15 -34.17
N ALA D 35 -11.51 -21.94 -33.74
CA ALA D 35 -10.24 -21.31 -34.10
C ALA D 35 -9.94 -20.22 -33.10
N ALA D 36 -8.91 -20.42 -32.28
CA ALA D 36 -8.53 -19.41 -31.30
C ALA D 36 -7.84 -18.23 -31.97
N ASP D 37 -8.08 -17.04 -31.44
CA ASP D 37 -7.41 -15.83 -31.93
C ASP D 37 -6.03 -15.75 -31.31
N GLN D 38 -4.99 -16.06 -32.09
CA GLN D 38 -3.65 -16.15 -31.55
C GLN D 38 -3.13 -14.80 -31.07
N LYS D 39 -3.40 -13.72 -31.81
CA LYS D 39 -2.82 -12.43 -31.49
C LYS D 39 -3.34 -11.89 -30.16
N SER D 40 -4.67 -11.89 -29.99
CA SER D 40 -5.27 -11.37 -28.76
C SER D 40 -4.88 -12.23 -27.56
N THR D 41 -4.88 -13.56 -27.75
CA THR D 41 -4.48 -14.45 -26.67
C THR D 41 -3.03 -14.24 -26.27
N GLN D 42 -2.14 -14.07 -27.24
CA GLN D 42 -0.74 -13.80 -26.93
C GLN D 42 -0.57 -12.47 -26.21
N ASN D 43 -1.30 -11.44 -26.63
CA ASN D 43 -1.22 -10.15 -25.95
C ASN D 43 -1.71 -10.26 -24.51
N ALA D 44 -2.80 -10.98 -24.30
CA ALA D 44 -3.31 -11.18 -22.94
C ALA D 44 -2.32 -11.96 -22.09
N ILE D 45 -1.69 -12.99 -22.67
CA ILE D 45 -0.71 -13.78 -21.94
C ILE D 45 0.48 -12.91 -21.56
N ASN D 46 0.94 -12.07 -22.49
CA ASN D 46 2.05 -11.17 -22.18
C ASN D 46 1.69 -10.22 -21.05
N GLY D 47 0.48 -9.65 -21.10
CA GLY D 47 0.06 -8.75 -20.04
C GLY D 47 -0.03 -9.42 -18.69
N ILE D 48 -0.60 -10.63 -18.65
CA ILE D 48 -0.73 -11.35 -17.39
C ILE D 48 0.63 -11.75 -16.84
N THR D 49 1.53 -12.19 -17.72
CA THR D 49 2.89 -12.53 -17.28
C THR D 49 3.58 -11.31 -16.71
N ASN D 50 3.42 -10.15 -17.35
CA ASN D 50 4.03 -8.93 -16.85
C ASN D 50 3.43 -8.52 -15.50
N LYS D 51 2.12 -8.69 -15.32
CA LYS D 51 1.50 -8.34 -14.05
C LYS D 51 2.00 -9.24 -12.92
N VAL D 52 2.07 -10.55 -13.16
CA VAL D 52 2.56 -11.48 -12.16
C VAL D 52 4.02 -11.18 -11.82
N ASN D 53 4.84 -10.92 -12.84
CA ASN D 53 6.23 -10.55 -12.60
C ASN D 53 6.36 -9.24 -11.84
N SER D 54 5.50 -8.26 -12.14
CA SER D 54 5.53 -6.99 -11.42
C SER D 54 5.21 -7.19 -9.95
N VAL D 55 4.23 -8.06 -9.65
CA VAL D 55 3.88 -8.32 -8.27
C VAL D 55 5.00 -9.07 -7.55
N ILE D 56 5.57 -10.08 -8.21
CA ILE D 56 6.52 -10.96 -7.53
C ILE D 56 7.89 -10.29 -7.38
N GLU D 57 8.44 -9.78 -8.47
CA GLU D 57 9.83 -9.36 -8.51
C GLU D 57 10.06 -7.91 -8.09
N LYS D 58 9.03 -7.20 -7.65
CA LYS D 58 9.22 -5.89 -7.05
C LYS D 58 9.54 -5.96 -5.56
N MET D 59 9.50 -7.15 -4.97
CA MET D 59 9.86 -7.34 -3.56
C MET D 59 11.31 -7.77 -3.50
N ASN D 60 12.21 -6.80 -3.31
CA ASN D 60 13.64 -7.07 -3.14
C ASN D 60 14.00 -6.69 -1.71
N THR D 61 14.35 -7.69 -0.90
CA THR D 61 14.65 -7.51 0.51
C THR D 61 16.15 -7.62 0.74
N GLN D 62 16.56 -7.21 1.94
CA GLN D 62 17.94 -7.27 2.38
C GLN D 62 18.08 -8.37 3.42
N PHE D 63 19.31 -8.87 3.57
CA PHE D 63 19.58 -9.91 4.55
C PHE D 63 19.27 -9.41 5.95
N THR D 64 18.27 -10.03 6.59
CA THR D 64 17.85 -9.63 7.92
C THR D 64 17.67 -10.88 8.78
N ALA D 65 17.74 -10.68 10.09
CA ALA D 65 17.52 -11.73 11.08
C ALA D 65 16.45 -11.25 12.04
N VAL D 66 15.20 -11.60 11.75
CA VAL D 66 14.10 -11.24 12.64
C VAL D 66 14.17 -12.11 13.88
N GLY D 67 14.29 -11.47 15.04
CA GLY D 67 14.37 -12.19 16.29
C GLY D 67 15.49 -11.70 17.18
N LYS D 68 15.12 -11.30 18.41
CA LYS D 68 16.08 -10.77 19.36
C LYS D 68 15.86 -11.46 20.69
N GLU D 69 16.89 -11.42 21.53
CA GLU D 69 16.86 -12.03 22.86
C GLU D 69 17.03 -10.92 23.89
N PHE D 70 16.16 -10.92 24.89
CA PHE D 70 16.16 -9.89 25.92
C PHE D 70 15.97 -10.55 27.29
N ASN D 71 16.66 -10.04 28.30
CA ASN D 71 16.48 -10.54 29.65
C ASN D 71 15.25 -9.87 30.28
N LYS D 72 14.85 -10.38 31.45
CA LYS D 72 13.67 -9.87 32.11
C LYS D 72 13.83 -8.45 32.62
N LEU D 73 15.04 -7.91 32.63
CA LEU D 73 15.30 -6.56 33.10
C LEU D 73 15.12 -5.51 32.01
N GLU D 74 14.84 -5.92 30.77
CA GLU D 74 14.42 -5.00 29.70
C GLU D 74 13.18 -5.57 29.03
N ARG D 75 12.01 -5.26 29.61
CA ARG D 75 10.75 -5.65 29.01
C ARG D 75 10.30 -4.62 27.98
N ARG D 76 10.68 -3.36 28.19
CA ARG D 76 10.40 -2.33 27.21
C ARG D 76 11.02 -2.67 25.87
N MET D 77 12.18 -3.31 25.91
CA MET D 77 12.90 -3.66 24.70
C MET D 77 12.14 -4.71 23.91
N GLU D 78 11.72 -5.77 24.60
CA GLU D 78 10.96 -6.85 24.00
C GLU D 78 9.64 -6.33 23.44
N ASN D 79 8.99 -5.45 24.21
CA ASN D 79 7.73 -4.89 23.76
C ASN D 79 7.90 -4.03 22.51
N LEU D 80 8.96 -3.22 22.46
CA LEU D 80 9.20 -2.40 21.26
C LEU D 80 9.49 -3.28 20.05
N ASN D 81 10.31 -4.32 20.24
CA ASN D 81 10.62 -5.22 19.13
C ASN D 81 9.36 -5.93 18.64
N LYS D 82 8.53 -6.38 19.57
CA LYS D 82 7.30 -7.07 19.18
C LYS D 82 6.33 -6.11 18.52
N LYS D 83 6.31 -4.84 18.94
CA LYS D 83 5.48 -3.84 18.29
C LYS D 83 5.93 -3.64 16.85
N VAL D 84 7.24 -3.56 16.62
CA VAL D 84 7.76 -3.40 15.26
C VAL D 84 7.36 -4.59 14.41
N ASP D 85 7.56 -5.81 14.92
CA ASP D 85 7.25 -7.00 14.17
C ASP D 85 5.76 -7.08 13.85
N ASP D 86 4.91 -6.81 14.84
CA ASP D 86 3.46 -6.88 14.64
C ASP D 86 2.99 -5.82 13.65
N GLY D 87 3.55 -4.61 13.73
CA GLY D 87 3.17 -3.58 12.79
C GLY D 87 3.53 -3.94 11.37
N PHE D 88 4.74 -4.47 11.16
CA PHE D 88 5.13 -4.89 9.82
C PHE D 88 4.23 -6.01 9.32
N ILE D 89 3.92 -6.98 10.17
CA ILE D 89 3.06 -8.09 9.76
C ILE D 89 1.68 -7.58 9.39
N ASP D 90 1.12 -6.65 10.17
CA ASP D 90 -0.20 -6.12 9.88
C ASP D 90 -0.20 -5.35 8.55
N ILE D 91 0.79 -4.48 8.35
CA ILE D 91 0.86 -3.70 7.11
C ILE D 91 0.94 -4.64 5.92
N TRP D 92 1.84 -5.62 5.99
CA TRP D 92 2.02 -6.51 4.85
C TRP D 92 0.79 -7.38 4.59
N THR D 93 0.16 -7.91 5.65
CA THR D 93 -1.02 -8.73 5.46
C THR D 93 -2.14 -7.94 4.79
N TYR D 94 -2.45 -6.76 5.34
CA TYR D 94 -3.51 -5.94 4.76
C TYR D 94 -3.19 -5.57 3.32
N ASN D 95 -1.97 -5.09 3.06
CA ASN D 95 -1.62 -4.63 1.72
C ASN D 95 -1.68 -5.78 0.72
N ALA D 96 -1.10 -6.93 1.07
CA ALA D 96 -1.08 -8.06 0.15
C ALA D 96 -2.50 -8.55 -0.16
N GLU D 97 -3.32 -8.70 0.88
CA GLU D 97 -4.66 -9.23 0.67
C GLU D 97 -5.49 -8.30 -0.19
N LEU D 98 -5.47 -7.00 0.12
CA LEU D 98 -6.23 -6.06 -0.68
C LEU D 98 -5.68 -5.96 -2.10
N LEU D 99 -4.36 -6.06 -2.24
CA LEU D 99 -3.76 -5.91 -3.56
C LEU D 99 -4.17 -7.06 -4.46
N VAL D 100 -4.14 -8.28 -3.92
CA VAL D 100 -4.60 -9.45 -4.69
C VAL D 100 -6.09 -9.29 -5.02
N LEU D 101 -6.87 -8.81 -4.06
CA LEU D 101 -8.30 -8.63 -4.28
C LEU D 101 -8.55 -7.68 -5.46
N LEU D 102 -7.83 -6.57 -5.53
CA LEU D 102 -8.04 -5.61 -6.60
C LEU D 102 -7.53 -6.14 -7.94
N GLU D 103 -6.37 -6.79 -7.93
CA GLU D 103 -5.79 -7.27 -9.18
C GLU D 103 -6.63 -8.38 -9.80
N ASN D 104 -7.30 -9.19 -8.98
CA ASN D 104 -8.17 -10.21 -9.54
C ASN D 104 -9.31 -9.58 -10.33
N GLU D 105 -9.94 -8.55 -9.77
CA GLU D 105 -11.00 -7.83 -10.47
C GLU D 105 -10.48 -7.18 -11.75
N ARG D 106 -9.28 -6.60 -11.67
CA ARG D 106 -8.69 -5.96 -12.85
C ARG D 106 -8.45 -6.98 -13.95
N THR D 107 -7.95 -8.17 -13.61
CA THR D 107 -7.70 -9.22 -14.60
C THR D 107 -8.99 -9.71 -15.24
N LEU D 108 -10.03 -9.92 -14.44
CA LEU D 108 -11.30 -10.35 -15.01
C LEU D 108 -11.87 -9.29 -15.95
N ASP D 109 -11.77 -8.02 -15.56
CA ASP D 109 -12.23 -6.94 -16.45
C ASP D 109 -11.41 -6.89 -17.72
N PHE D 110 -10.11 -7.17 -17.62
CA PHE D 110 -9.25 -7.22 -18.80
C PHE D 110 -9.72 -8.28 -19.79
N HIS D 111 -10.00 -9.48 -19.29
CA HIS D 111 -10.49 -10.54 -20.17
C HIS D 111 -11.83 -10.17 -20.79
N ASP D 112 -12.74 -9.60 -19.99
CA ASP D 112 -14.03 -9.18 -20.52
C ASP D 112 -13.86 -8.14 -21.62
N SER D 113 -12.95 -7.18 -21.42
CA SER D 113 -12.68 -6.17 -22.43
C SER D 113 -12.14 -6.78 -23.70
N ASN D 114 -11.25 -7.78 -23.56
CA ASN D 114 -10.69 -8.43 -24.74
C ASN D 114 -11.80 -9.10 -25.56
N VAL D 115 -12.69 -9.83 -24.89
CA VAL D 115 -13.78 -10.49 -25.61
C VAL D 115 -14.70 -9.46 -26.26
N LYS D 116 -15.00 -8.36 -25.57
CA LYS D 116 -15.94 -7.37 -26.15
C LYS D 116 -15.27 -6.64 -27.31
N ASN D 117 -13.96 -6.46 -27.26
CA ASN D 117 -13.28 -5.84 -28.39
C ASN D 117 -13.25 -6.77 -29.60
N LEU D 118 -13.08 -8.07 -29.38
CA LEU D 118 -13.16 -9.02 -30.47
C LEU D 118 -14.54 -8.98 -31.14
N TYR D 119 -15.59 -8.98 -30.32
CA TYR D 119 -16.94 -8.93 -30.85
C TYR D 119 -17.17 -7.65 -31.65
N GLU D 120 -16.69 -6.52 -31.11
CA GLU D 120 -16.88 -5.24 -31.79
C GLU D 120 -16.11 -5.19 -33.11
N LYS D 121 -14.90 -5.78 -33.14
CA LYS D 121 -14.13 -5.82 -34.36
C LYS D 121 -14.86 -6.59 -35.45
N VAL D 122 -15.34 -7.79 -35.12
CA VAL D 122 -16.03 -8.57 -36.14
C VAL D 122 -17.35 -7.89 -36.55
N LYS D 123 -18.04 -7.25 -35.61
CA LYS D 123 -19.27 -6.54 -35.93
C LYS D 123 -19.01 -5.39 -36.89
N SER D 124 -17.97 -4.60 -36.64
CA SER D 124 -17.64 -3.50 -37.53
C SER D 124 -17.17 -4.00 -38.89
N GLN D 125 -16.55 -5.18 -38.92
CA GLN D 125 -16.10 -5.73 -40.19
C GLN D 125 -17.26 -6.21 -41.05
N LEU D 126 -18.20 -6.95 -40.46
CA LEU D 126 -19.31 -7.51 -41.23
C LEU D 126 -20.35 -6.47 -41.62
N LYS D 127 -20.60 -5.47 -40.78
CA LYS D 127 -21.60 -4.42 -41.02
C LYS D 127 -22.95 -5.09 -41.23
N ASN D 128 -23.71 -4.72 -42.26
CA ASN D 128 -25.05 -5.27 -42.48
C ASN D 128 -25.04 -6.53 -43.34
N ASN D 129 -23.86 -7.03 -43.74
CA ASN D 129 -23.80 -8.30 -44.44
C ASN D 129 -24.16 -9.47 -43.55
N ALA D 130 -24.16 -9.28 -42.24
CA ALA D 130 -24.56 -10.30 -41.29
C ALA D 130 -25.42 -9.68 -40.21
N LYS D 131 -26.29 -10.49 -39.62
CA LYS D 131 -27.19 -10.05 -38.59
C LYS D 131 -26.82 -10.71 -37.26
N GLU D 132 -26.94 -9.94 -36.18
CA GLU D 132 -26.60 -10.44 -34.86
C GLU D 132 -27.77 -11.23 -34.29
N ILE D 133 -27.47 -12.41 -33.76
CA ILE D 133 -28.50 -13.30 -33.24
C ILE D 133 -28.37 -13.55 -31.75
N GLY D 134 -27.39 -12.98 -31.07
CA GLY D 134 -27.16 -13.27 -29.67
C GLY D 134 -26.07 -14.32 -29.48
N ASN D 135 -25.65 -14.48 -28.23
CA ASN D 135 -24.58 -15.41 -27.87
C ASN D 135 -23.27 -15.05 -28.58
N GLY D 136 -23.15 -13.79 -28.97
CA GLY D 136 -21.99 -13.35 -29.73
C GLY D 136 -21.87 -14.06 -31.06
N CYS D 137 -22.98 -14.19 -31.79
CA CYS D 137 -23.02 -14.94 -33.04
C CYS D 137 -23.54 -14.04 -34.15
N PHE D 138 -23.03 -14.27 -35.36
CA PHE D 138 -23.44 -13.52 -36.55
C PHE D 138 -23.89 -14.50 -37.61
N GLU D 139 -25.13 -14.33 -38.08
CA GLU D 139 -25.65 -15.12 -39.19
C GLU D 139 -25.46 -14.34 -40.48
N PHE D 140 -24.73 -14.92 -41.41
CA PHE D 140 -24.42 -14.24 -42.66
C PHE D 140 -25.64 -14.20 -43.57
N TYR D 141 -25.71 -13.16 -44.40
CA TYR D 141 -26.77 -13.01 -45.39
C TYR D 141 -26.37 -13.60 -46.74
N HIS D 142 -25.24 -14.28 -46.80
CA HIS D 142 -24.77 -14.90 -48.03
C HIS D 142 -24.02 -16.18 -47.66
N LYS D 143 -23.29 -16.74 -48.63
CA LYS D 143 -22.60 -18.01 -48.47
C LYS D 143 -21.13 -17.73 -48.22
N CYS D 144 -20.67 -17.99 -46.99
CA CYS D 144 -19.27 -17.84 -46.64
C CYS D 144 -18.63 -19.21 -46.54
N ASN D 145 -17.74 -19.51 -47.48
CA ASN D 145 -16.93 -20.71 -47.38
C ASN D 145 -15.78 -20.48 -46.40
N ASP D 146 -14.86 -21.44 -46.36
CA ASP D 146 -13.74 -21.33 -45.42
C ASP D 146 -12.90 -20.10 -45.69
N GLU D 147 -12.84 -19.67 -46.95
CA GLU D 147 -12.10 -18.46 -47.31
C GLU D 147 -12.74 -17.22 -46.67
N CYS D 148 -14.07 -17.14 -46.70
CA CYS D 148 -14.76 -15.98 -46.16
C CYS D 148 -14.50 -15.81 -44.66
N MET D 149 -14.73 -16.87 -43.89
CA MET D 149 -14.52 -16.77 -42.46
C MET D 149 -13.05 -16.73 -42.07
N GLU D 150 -12.17 -17.32 -42.88
CA GLU D 150 -10.75 -17.10 -42.65
C GLU D 150 -10.37 -15.64 -42.84
N SER D 151 -10.97 -14.97 -43.84
CA SER D 151 -10.77 -13.55 -44.01
C SER D 151 -11.35 -12.74 -42.85
N VAL D 152 -12.53 -13.15 -42.35
CA VAL D 152 -13.12 -12.48 -41.20
C VAL D 152 -12.20 -12.57 -39.99
N LYS D 153 -11.65 -13.76 -39.74
CA LYS D 153 -10.74 -13.93 -38.61
C LYS D 153 -9.45 -13.14 -38.82
N ASN D 154 -8.90 -13.17 -40.04
CA ASN D 154 -7.63 -12.51 -40.30
C ASN D 154 -7.74 -11.00 -40.15
N GLY D 155 -8.82 -10.41 -40.66
CA GLY D 155 -9.02 -8.99 -40.53
C GLY D 155 -9.31 -8.26 -41.83
N THR D 156 -9.47 -9.00 -42.93
CA THR D 156 -9.71 -8.44 -44.25
C THR D 156 -10.94 -9.13 -44.86
N TYR D 157 -12.13 -8.60 -44.54
CA TYR D 157 -13.37 -9.27 -44.91
C TYR D 157 -13.74 -9.11 -46.37
N ASP D 158 -13.33 -8.02 -47.01
CA ASP D 158 -13.77 -7.68 -48.38
C ASP D 158 -15.29 -7.51 -48.43
N TYR D 159 -15.75 -6.49 -47.70
CA TYR D 159 -17.18 -6.22 -47.63
C TYR D 159 -17.84 -5.96 -48.98
N PRO D 160 -17.29 -5.13 -49.88
CA PRO D 160 -17.99 -4.89 -51.16
C PRO D 160 -18.23 -6.15 -51.97
N LYS D 161 -17.29 -7.10 -51.95
CA LYS D 161 -17.37 -8.27 -52.82
C LYS D 161 -18.63 -9.09 -52.54
N TYR D 162 -19.05 -9.18 -51.28
CA TYR D 162 -20.25 -9.90 -50.92
C TYR D 162 -21.43 -8.96 -50.67
N SER D 163 -21.30 -7.68 -51.02
CA SER D 163 -22.31 -6.70 -50.63
C SER D 163 -23.63 -6.93 -51.36
N GLU D 164 -23.61 -6.85 -52.69
CA GLU D 164 -24.86 -6.83 -53.45
C GLU D 164 -25.68 -8.11 -53.22
N GLU D 165 -25.04 -9.27 -53.26
CA GLU D 165 -25.75 -10.52 -52.97
C GLU D 165 -26.44 -10.44 -51.61
N SER D 166 -25.72 -9.95 -50.60
CA SER D 166 -26.31 -9.81 -49.28
C SER D 166 -27.59 -8.99 -49.35
N LYS D 167 -27.56 -7.87 -50.07
CA LYS D 167 -28.74 -7.04 -50.20
C LYS D 167 -29.89 -7.82 -50.79
N LEU D 168 -29.62 -8.61 -51.83
CA LEU D 168 -30.66 -9.41 -52.46
C LEU D 168 -31.31 -10.36 -51.46
N ASN D 169 -30.52 -10.82 -50.49
CA ASN D 169 -31.04 -11.74 -49.49
C ASN D 169 -31.57 -11.02 -48.25
N ARG D 170 -31.26 -9.74 -48.08
CA ARG D 170 -31.75 -9.00 -46.94
C ARG D 170 -33.08 -8.34 -47.21
N GLU D 171 -33.27 -7.82 -48.43
CA GLU D 171 -34.57 -7.28 -48.84
C GLU D 171 -35.39 -8.40 -49.47
N LYS D 172 -35.66 -9.40 -48.66
CA LYS D 172 -36.44 -10.55 -49.09
C LYS D 172 -37.75 -10.63 -48.32
N ASP E 1 -45.11 5.66 -27.47
CA ASP E 1 -44.76 4.68 -26.45
C ASP E 1 -43.25 4.62 -26.27
N THR E 2 -42.78 5.06 -25.10
CA THR E 2 -41.36 5.18 -24.83
C THR E 2 -41.02 4.43 -23.55
N ILE E 3 -39.87 3.74 -23.56
CA ILE E 3 -39.29 3.17 -22.36
C ILE E 3 -37.92 3.80 -22.15
N CYS E 4 -37.67 4.30 -20.95
CA CYS E 4 -36.45 5.05 -20.69
C CYS E 4 -35.70 4.48 -19.50
N ILE E 5 -34.38 4.51 -19.61
CA ILE E 5 -33.46 3.99 -18.60
C ILE E 5 -32.78 5.14 -17.89
N GLY E 6 -32.77 5.10 -16.57
CA GLY E 6 -32.10 6.11 -15.78
C GLY E 6 -31.57 5.51 -14.51
N TYR E 7 -31.03 6.38 -13.65
CA TYR E 7 -30.45 5.95 -12.39
C TYR E 7 -31.14 6.71 -11.26
N HIS E 8 -30.61 6.55 -10.05
CA HIS E 8 -31.26 7.00 -8.84
C HIS E 8 -30.65 8.31 -8.34
N ALA E 9 -31.51 9.18 -7.82
CA ALA E 9 -31.08 10.43 -7.21
C ALA E 9 -31.91 10.70 -5.97
N ASN E 10 -31.32 11.39 -5.01
CA ASN E 10 -32.01 11.72 -3.77
C ASN E 10 -31.48 13.06 -3.25
N ASN E 11 -31.92 13.43 -2.05
CA ASN E 11 -31.59 14.70 -1.45
C ASN E 11 -30.29 14.67 -0.65
N SER E 12 -29.50 13.61 -0.79
CA SER E 12 -28.26 13.49 -0.02
C SER E 12 -27.25 14.55 -0.46
N THR E 13 -26.54 15.11 0.52
CA THR E 13 -25.47 16.07 0.28
C THR E 13 -24.12 15.52 0.71
N ASP E 14 -24.03 14.20 0.85
CA ASP E 14 -22.78 13.56 1.20
C ASP E 14 -21.74 13.75 0.10
N THR E 15 -20.51 13.99 0.52
CA THR E 15 -19.41 14.29 -0.40
C THR E 15 -18.31 13.26 -0.21
N VAL E 16 -17.79 12.76 -1.32
CA VAL E 16 -16.61 11.88 -1.32
C VAL E 16 -15.56 12.49 -2.22
N ASP E 17 -14.30 12.35 -1.83
CA ASP E 17 -13.20 12.72 -2.69
C ASP E 17 -12.80 11.55 -3.58
N THR E 18 -12.42 11.87 -4.81
CA THR E 18 -12.06 10.85 -5.79
C THR E 18 -10.70 11.19 -6.37
N VAL E 19 -10.03 10.19 -6.91
CA VAL E 19 -8.70 10.38 -7.48
C VAL E 19 -8.71 11.36 -8.65
N LEU E 20 -9.84 11.52 -9.33
CA LEU E 20 -9.89 12.40 -10.48
C LEU E 20 -10.60 13.72 -10.17
N GLU E 21 -11.56 13.73 -9.25
CA GLU E 21 -12.30 14.93 -8.92
C GLU E 21 -12.60 14.97 -7.44
N LYS E 22 -12.44 16.15 -6.84
CA LYS E 22 -12.73 16.39 -5.45
C LYS E 22 -14.17 16.88 -5.29
N ASN E 23 -14.72 16.65 -4.10
CA ASN E 23 -16.05 17.14 -3.72
C ASN E 23 -17.13 16.59 -4.66
N VAL E 24 -17.26 15.27 -4.68
CA VAL E 24 -18.26 14.60 -5.49
C VAL E 24 -19.47 14.29 -4.62
N THR E 25 -20.62 14.82 -5.00
CA THR E 25 -21.85 14.58 -4.26
C THR E 25 -22.42 13.21 -4.63
N VAL E 26 -22.70 12.40 -3.62
CA VAL E 26 -23.11 11.01 -3.84
C VAL E 26 -24.36 10.73 -3.01
N THR E 27 -25.10 9.70 -3.44
CA THR E 27 -26.35 9.35 -2.77
C THR E 27 -26.11 8.75 -1.40
N HIS E 28 -25.07 7.93 -1.26
CA HIS E 28 -24.78 7.29 0.01
C HIS E 28 -23.28 7.15 0.19
N SER E 29 -22.85 7.12 1.45
CA SER E 29 -21.44 6.95 1.79
C SER E 29 -21.36 6.21 3.12
N VAL E 30 -20.22 5.58 3.34
CA VAL E 30 -19.95 4.87 4.58
C VAL E 30 -18.66 5.42 5.18
N ASN E 31 -18.62 5.50 6.50
CA ASN E 31 -17.46 6.03 7.20
C ASN E 31 -16.50 4.91 7.56
N LEU E 32 -15.23 5.12 7.25
CA LEU E 32 -14.16 4.21 7.63
C LEU E 32 -13.30 4.76 8.74
N LEU E 33 -13.77 5.79 9.43
CA LEU E 33 -13.00 6.50 10.44
C LEU E 33 -13.86 6.71 11.68
N GLU E 34 -13.27 6.47 12.85
CA GLU E 34 -13.93 6.75 14.12
C GLU E 34 -13.35 8.02 14.71
N ASP E 35 -14.21 9.01 14.93
CA ASP E 35 -13.82 10.28 15.51
C ASP E 35 -14.39 10.48 16.91
N SER E 36 -15.03 9.46 17.49
CA SER E 36 -15.73 9.61 18.75
C SER E 36 -15.31 8.50 19.70
N HIS E 37 -15.50 8.76 21.00
CA HIS E 37 -15.17 7.83 22.05
C HIS E 37 -16.24 7.86 23.12
N ASN E 38 -16.23 6.83 23.98
CA ASN E 38 -17.21 6.74 25.06
C ASN E 38 -17.07 7.89 26.03
N GLY E 39 -15.83 8.20 26.42
CA GLY E 39 -15.61 9.19 27.48
C GLY E 39 -15.44 8.44 28.79
N LYS E 40 -15.38 7.09 28.70
CA LYS E 40 -15.33 6.27 29.92
C LYS E 40 -14.16 5.29 29.87
N LEU E 41 -13.67 4.88 31.07
CA LEU E 41 -12.62 3.82 31.10
C LEU E 41 -13.37 2.51 31.30
N CYS E 42 -13.25 1.58 30.37
CA CYS E 42 -14.01 0.35 30.30
C CYS E 42 -13.08 -0.85 30.48
N LEU E 43 -13.70 -2.02 30.65
CA LEU E 43 -12.95 -3.25 30.84
C LEU E 43 -12.19 -3.59 29.57
N LEU E 44 -11.07 -4.31 29.74
CA LEU E 44 -10.25 -4.75 28.63
C LEU E 44 -10.08 -6.25 28.74
N LYS E 45 -10.56 -6.99 27.74
CA LYS E 45 -10.63 -8.44 27.72
C LYS E 45 -11.37 -9.01 28.93
N GLY E 46 -12.40 -8.33 29.42
CA GLY E 46 -13.16 -8.80 30.56
C GLY E 46 -12.51 -8.57 31.91
N ILE E 47 -11.36 -7.91 31.95
CA ILE E 47 -10.63 -7.67 33.18
C ILE E 47 -10.58 -6.17 33.43
N ALA E 48 -10.97 -5.77 34.64
CA ALA E 48 -11.03 -4.36 34.97
C ALA E 48 -9.64 -3.77 35.10
N PRO E 49 -9.48 -2.47 34.86
CA PRO E 49 -8.20 -1.81 35.11
C PRO E 49 -7.99 -1.56 36.59
N LEU E 50 -6.73 -1.33 36.95
CA LEU E 50 -6.35 -1.05 38.32
C LEU E 50 -6.33 0.47 38.53
N GLN E 51 -7.33 0.98 39.25
CA GLN E 51 -7.41 2.40 39.53
C GLN E 51 -6.57 2.73 40.75
N LEU E 52 -5.62 3.64 40.59
CA LEU E 52 -4.70 4.01 41.66
C LEU E 52 -5.14 5.23 42.44
N GLY E 53 -6.19 5.93 42.01
CA GLY E 53 -6.60 7.14 42.68
C GLY E 53 -5.54 8.21 42.63
N ASN E 54 -5.19 8.76 43.79
CA ASN E 54 -4.16 9.80 43.86
C ASN E 54 -2.76 9.23 43.96
N CYS E 55 -2.61 7.91 44.01
CA CYS E 55 -1.31 7.28 44.16
C CYS E 55 -0.60 7.17 42.82
N SER E 56 0.72 6.97 42.90
CA SER E 56 1.52 6.59 41.75
C SER E 56 1.87 5.10 41.88
N VAL E 57 2.50 4.56 40.84
CA VAL E 57 2.91 3.16 40.90
C VAL E 57 3.94 2.96 42.00
N ALA E 58 4.89 3.88 42.14
CA ALA E 58 5.89 3.76 43.21
C ALA E 58 5.23 3.82 44.58
N GLY E 59 4.34 4.79 44.78
CA GLY E 59 3.69 4.90 46.08
C GLY E 59 2.80 3.71 46.39
N TRP E 60 2.12 3.18 45.38
CA TRP E 60 1.26 2.03 45.59
C TRP E 60 2.05 0.75 45.88
N ILE E 61 3.15 0.54 45.16
CA ILE E 61 3.94 -0.68 45.36
C ILE E 61 4.82 -0.60 46.60
N LEU E 62 5.13 0.61 47.09
CA LEU E 62 5.86 0.75 48.33
C LEU E 62 4.96 0.81 49.55
N GLY E 63 3.70 1.18 49.41
CA GLY E 63 2.75 1.26 50.53
C GLY E 63 2.63 2.63 51.15
N ASN E 64 2.70 3.70 50.37
CA ASN E 64 2.49 5.06 50.93
C ASN E 64 1.31 4.99 51.88
N PRO E 65 1.48 5.33 53.18
CA PRO E 65 0.38 5.30 54.14
C PRO E 65 -0.90 5.84 53.53
N GLU E 66 -0.86 7.08 53.06
CA GLU E 66 -2.09 7.73 52.53
C GLU E 66 -2.41 7.22 51.14
N CYS E 67 -2.52 5.91 50.99
CA CYS E 67 -2.91 5.32 49.68
C CYS E 67 -3.76 4.09 50.01
N GLU E 68 -3.18 2.92 49.87
CA GLU E 68 -3.91 1.67 50.18
C GLU E 68 -4.71 1.88 51.48
N ARG E 73 -6.51 -5.93 44.30
CA ARG E 73 -7.10 -6.79 43.25
C ARG E 73 -6.09 -7.87 42.89
N GLU E 74 -6.52 -8.88 42.15
CA GLU E 74 -5.61 -9.98 41.81
C GLU E 74 -5.30 -10.08 40.33
N SER E 75 -5.87 -9.21 39.50
CA SER E 75 -5.61 -9.20 38.07
C SER E 75 -6.11 -7.90 37.45
N TRP E 76 -5.27 -7.23 36.67
CA TRP E 76 -5.67 -6.01 35.99
C TRP E 76 -5.10 -6.00 34.58
N SER E 77 -5.92 -5.53 33.64
CA SER E 77 -5.48 -5.45 32.24
C SER E 77 -4.54 -4.27 32.02
N TYR E 78 -4.84 -3.13 32.64
CA TYR E 78 -3.99 -1.95 32.50
C TYR E 78 -4.17 -1.07 33.72
N ILE E 79 -3.22 -0.16 33.91
CA ILE E 79 -3.23 0.74 35.06
C ILE E 79 -3.75 2.10 34.63
N VAL E 80 -4.52 2.74 35.50
CA VAL E 80 -4.99 4.10 35.29
C VAL E 80 -4.34 5.00 36.35
N GLU E 81 -3.75 6.10 35.89
CA GLU E 81 -3.07 7.02 36.78
C GLU E 81 -3.44 8.44 36.43
N LYS E 82 -3.33 9.32 37.42
CA LYS E 82 -3.52 10.74 37.18
C LYS E 82 -2.32 11.32 36.45
N PRO E 83 -2.50 12.44 35.73
CA PRO E 83 -1.37 13.05 35.04
C PRO E 83 -0.22 13.43 35.96
N ASN E 84 -0.51 13.83 37.20
CA ASN E 84 0.54 14.18 38.16
C ASN E 84 0.09 13.74 39.55
N PRO E 85 0.34 12.48 39.90
CA PRO E 85 -0.04 12.00 41.23
C PRO E 85 0.73 12.74 42.32
N GLU E 86 0.07 12.91 43.47
CA GLU E 86 0.66 13.65 44.58
C GLU E 86 1.07 12.80 45.77
N ASN E 87 0.61 11.55 45.84
CA ASN E 87 0.96 10.66 46.94
C ASN E 87 1.75 9.50 46.35
N GLY E 88 3.06 9.70 46.23
CA GLY E 88 3.94 8.66 45.74
C GLY E 88 4.94 8.21 46.79
N THR E 89 6.20 8.58 46.60
CA THR E 89 7.24 8.29 47.58
C THR E 89 7.24 9.40 48.62
N CYS E 90 6.64 9.13 49.78
CA CYS E 90 6.56 10.15 50.83
C CYS E 90 7.95 10.56 51.31
N TYR E 91 8.82 9.58 51.51
CA TYR E 91 10.21 9.88 51.82
C TYR E 91 10.97 10.11 50.52
N PRO E 92 11.61 11.26 50.33
CA PRO E 92 12.26 11.54 49.05
C PRO E 92 13.40 10.58 48.78
N GLY E 93 13.60 10.29 47.50
CA GLY E 93 14.67 9.40 47.10
C GLY E 93 14.58 9.09 45.61
N HIS E 94 15.40 8.14 45.19
CA HIS E 94 15.48 7.73 43.79
C HIS E 94 15.00 6.29 43.68
N PHE E 95 14.07 6.07 42.76
CA PHE E 95 13.52 4.73 42.51
C PHE E 95 14.22 4.16 41.28
N ALA E 96 15.07 3.15 41.50
CA ALA E 96 15.86 2.59 40.42
C ALA E 96 14.98 1.76 39.49
N ASP E 97 15.18 1.95 38.18
CA ASP E 97 14.45 1.20 37.15
C ASP E 97 12.93 1.37 37.32
N TYR E 98 12.49 2.60 37.56
CA TYR E 98 11.08 2.85 37.78
C TYR E 98 10.25 2.56 36.54
N GLU E 99 10.72 2.96 35.36
CA GLU E 99 9.99 2.68 34.13
C GLU E 99 9.91 1.18 33.85
N GLU E 100 10.99 0.44 34.11
CA GLU E 100 10.95 -1.00 33.97
C GLU E 100 9.91 -1.64 34.88
N LEU E 101 9.86 -1.22 36.15
CA LEU E 101 8.86 -1.77 37.06
C LEU E 101 7.46 -1.41 36.61
N ARG E 102 7.26 -0.19 36.13
CA ARG E 102 5.95 0.21 35.62
C ARG E 102 5.52 -0.66 34.45
N GLU E 103 6.47 -0.97 33.56
CA GLU E 103 6.17 -1.85 32.44
C GLU E 103 5.83 -3.26 32.90
N GLN E 104 6.59 -3.77 33.87
CA GLN E 104 6.33 -5.13 34.36
C GLN E 104 4.98 -5.23 35.06
N LEU E 105 4.60 -4.22 35.83
CA LEU E 105 3.36 -4.23 36.58
C LEU E 105 2.17 -3.73 35.78
N SER E 106 2.37 -3.41 34.49
CA SER E 106 1.30 -2.83 33.69
C SER E 106 0.11 -3.77 33.58
N SER E 107 0.37 -5.07 33.40
CA SER E 107 -0.69 -6.07 33.30
C SER E 107 -0.19 -7.35 33.95
N VAL E 108 -0.88 -7.82 34.98
CA VAL E 108 -0.54 -9.07 35.64
C VAL E 108 -1.75 -9.99 35.59
N SER E 109 -1.48 -11.29 35.60
CA SER E 109 -2.53 -12.31 35.59
C SER E 109 -2.82 -12.87 36.98
N SER E 110 -1.82 -12.90 37.86
CA SER E 110 -2.00 -13.27 39.25
C SER E 110 -1.12 -12.37 40.10
N PHE E 111 -1.67 -11.89 41.22
CA PHE E 111 -0.99 -10.91 42.05
C PHE E 111 -1.35 -11.18 43.50
N GLU E 112 -0.35 -11.52 44.32
CA GLU E 112 -0.60 -11.85 45.72
C GLU E 112 0.43 -11.18 46.60
N ARG E 113 -0.03 -10.46 47.61
CA ARG E 113 0.84 -9.86 48.62
C ARG E 113 1.08 -10.87 49.73
N PHE E 114 2.34 -11.03 50.13
CA PHE E 114 2.66 -11.95 51.21
C PHE E 114 3.84 -11.43 52.01
N GLU E 115 3.77 -11.66 53.33
CA GLU E 115 4.80 -11.18 54.25
C GLU E 115 6.09 -11.94 54.00
N ILE E 116 7.07 -11.29 53.37
CA ILE E 116 8.35 -11.91 53.12
C ILE E 116 9.12 -12.10 54.43
N PHE E 117 9.10 -11.08 55.30
CA PHE E 117 9.76 -11.11 56.60
C PHE E 117 8.79 -10.57 57.63
N PRO E 118 8.25 -11.42 58.50
CA PRO E 118 7.30 -10.94 59.51
C PRO E 118 7.94 -9.90 60.41
N LYS E 119 7.13 -8.90 60.80
CA LYS E 119 7.65 -7.82 61.63
C LYS E 119 7.89 -8.28 63.07
N GLU E 120 6.93 -9.03 63.64
CA GLU E 120 7.05 -9.47 65.02
C GLU E 120 8.25 -10.38 65.20
N SER E 121 8.46 -11.30 64.28
CA SER E 121 9.66 -12.14 64.29
C SER E 121 10.70 -11.53 63.35
N SER E 122 11.77 -12.27 63.10
CA SER E 122 12.76 -12.03 62.05
C SER E 122 13.65 -10.82 62.30
N TRP E 123 13.37 -10.00 63.31
CA TRP E 123 14.26 -8.91 63.67
C TRP E 123 14.39 -8.82 65.18
N PRO E 124 14.97 -9.82 65.84
CA PRO E 124 15.03 -9.79 67.31
C PRO E 124 16.06 -8.83 67.86
N ASN E 125 17.06 -8.43 67.07
CA ASN E 125 18.14 -7.60 67.57
C ASN E 125 18.10 -6.17 67.04
N HIS E 126 16.98 -5.75 66.44
CA HIS E 126 16.86 -4.40 65.90
C HIS E 126 15.49 -3.83 66.27
N THR E 127 15.38 -2.52 66.17
CA THR E 127 14.12 -1.81 66.39
C THR E 127 13.44 -1.59 65.04
N THR E 128 12.17 -1.98 64.95
CA THR E 128 11.44 -1.97 63.69
C THR E 128 10.34 -0.90 63.66
N THR E 129 10.41 0.08 64.54
CA THR E 129 9.38 1.10 64.66
C THR E 129 9.84 2.44 64.09
N GLY E 130 10.72 2.40 63.09
CA GLY E 130 11.12 3.61 62.41
C GLY E 130 9.94 4.31 61.77
N VAL E 131 9.85 5.61 61.99
CA VAL E 131 8.71 6.41 61.57
C VAL E 131 9.20 7.79 61.15
N SER E 132 8.66 8.30 60.05
CA SER E 132 9.06 9.59 59.50
C SER E 132 7.84 10.51 59.38
N ALA E 133 8.07 11.81 59.56
CA ALA E 133 6.99 12.78 59.48
C ALA E 133 6.52 13.02 58.05
N SER E 134 7.39 12.78 57.06
CA SER E 134 6.99 12.96 55.67
C SER E 134 6.00 11.93 55.21
N CYS E 135 5.85 10.82 55.94
CA CYS E 135 4.91 9.76 55.61
C CYS E 135 3.75 9.74 56.61
N SER E 136 3.29 10.93 57.00
CA SER E 136 2.24 11.03 58.00
C SER E 136 0.92 10.49 57.47
N HIS E 137 0.23 9.73 58.32
CA HIS E 137 -1.07 9.17 58.00
C HIS E 137 -2.07 9.69 59.02
N ASN E 138 -3.09 10.41 58.54
CA ASN E 138 -4.13 11.03 59.37
C ASN E 138 -3.55 11.63 60.65
N GLY E 139 -2.62 12.56 60.48
CA GLY E 139 -2.05 13.28 61.61
C GLY E 139 -0.77 12.67 62.15
N GLU E 140 -0.84 11.45 62.69
CA GLU E 140 0.34 10.83 63.26
C GLU E 140 1.27 10.36 62.15
N SER E 141 2.58 10.48 62.40
CA SER E 141 3.56 10.06 61.41
C SER E 141 3.63 8.55 61.33
N SER E 142 3.89 8.05 60.12
CA SER E 142 3.94 6.62 59.86
C SER E 142 5.04 6.34 58.85
N PHE E 143 5.05 5.13 58.30
CA PHE E 143 6.02 4.72 57.30
C PHE E 143 5.33 3.78 56.32
N TYR E 144 6.10 3.32 55.33
CA TYR E 144 5.56 2.45 54.30
C TYR E 144 5.08 1.13 54.90
N LYS E 145 3.99 0.61 54.33
CA LYS E 145 3.47 -0.67 54.80
C LYS E 145 4.34 -1.83 54.34
N ASN E 146 4.88 -1.75 53.14
CA ASN E 146 5.66 -2.84 52.55
C ASN E 146 7.13 -2.80 52.91
N LEU E 147 7.59 -1.77 53.62
CA LEU E 147 8.98 -1.63 54.03
C LEU E 147 9.06 -1.55 55.54
N LEU E 148 10.28 -1.66 56.06
CA LEU E 148 10.50 -1.63 57.50
C LEU E 148 11.82 -0.92 57.78
N TRP E 149 11.76 0.19 58.50
CA TRP E 149 12.94 0.96 58.86
C TRP E 149 13.56 0.34 60.10
N LEU E 150 14.79 -0.14 59.97
CA LEU E 150 15.48 -0.78 61.08
C LEU E 150 16.49 0.17 61.70
N THR E 151 16.44 0.32 63.01
CA THR E 151 17.35 1.16 63.76
C THR E 151 17.96 0.33 64.88
N GLY E 152 19.12 0.77 65.36
CA GLY E 152 19.83 -0.01 66.36
C GLY E 152 19.05 -0.12 67.66
N LYS E 153 19.00 -1.33 68.19
CA LYS E 153 18.44 -1.62 69.50
C LYS E 153 19.54 -1.57 70.55
N ASN E 154 19.14 -1.25 71.77
CA ASN E 154 20.09 -1.04 72.88
C ASN E 154 21.01 0.10 72.44
N GLY E 155 22.31 -0.11 72.36
CA GLY E 155 23.19 0.94 71.89
C GLY E 155 24.06 0.52 70.72
N LEU E 156 23.73 -0.63 70.12
CA LEU E 156 24.53 -1.16 69.02
C LEU E 156 23.61 -1.68 67.92
N TYR E 157 24.15 -1.75 66.71
CA TYR E 157 23.45 -2.26 65.53
C TYR E 157 24.12 -3.56 65.11
N PRO E 158 23.55 -4.71 65.44
CA PRO E 158 24.20 -5.99 65.11
C PRO E 158 24.23 -6.25 63.62
N ASN E 159 25.14 -7.12 63.18
CA ASN E 159 25.17 -7.53 61.78
C ASN E 159 23.88 -8.25 61.43
N LEU E 160 23.42 -8.04 60.21
CA LEU E 160 22.15 -8.54 59.71
C LEU E 160 22.37 -9.46 58.53
N SER E 161 21.77 -10.65 58.59
CA SER E 161 21.85 -11.59 57.49
C SER E 161 20.54 -12.36 57.42
N LYS E 162 19.73 -12.08 56.40
CA LYS E 162 18.43 -12.71 56.21
C LYS E 162 18.38 -13.35 54.83
N SER E 163 17.64 -14.44 54.71
CA SER E 163 17.52 -15.17 53.46
C SER E 163 16.07 -15.57 53.22
N TYR E 164 15.64 -15.50 51.96
CA TYR E 164 14.30 -15.92 51.56
C TYR E 164 14.40 -16.84 50.36
N ALA E 165 13.73 -17.99 50.42
CA ALA E 165 13.70 -18.95 49.33
C ALA E 165 12.34 -18.90 48.66
N ASN E 166 12.34 -18.77 47.33
CA ASN E 166 11.10 -18.69 46.58
C ASN E 166 10.54 -20.09 46.37
N ASN E 167 9.30 -20.30 46.83
CA ASN E 167 8.66 -21.60 46.72
C ASN E 167 7.19 -21.49 46.32
N LYS E 168 6.85 -20.42 45.60
CA LYS E 168 5.46 -20.15 45.23
C LYS E 168 5.16 -20.49 43.78
N GLU E 169 6.11 -21.09 43.06
CA GLU E 169 5.98 -21.45 41.65
C GLU E 169 5.71 -20.25 40.75
N LYS E 170 5.81 -19.04 41.28
CA LYS E 170 5.66 -17.82 40.51
C LYS E 170 6.79 -16.88 40.88
N GLU E 171 7.13 -15.99 39.95
CA GLU E 171 8.15 -14.99 40.24
C GLU E 171 7.65 -14.02 41.29
N VAL E 172 8.58 -13.54 42.11
CA VAL E 172 8.25 -12.74 43.29
C VAL E 172 9.02 -11.42 43.20
N LEU E 173 8.29 -10.32 43.17
CA LEU E 173 8.88 -8.99 43.24
C LEU E 173 9.20 -8.67 44.70
N VAL E 174 10.45 -8.32 44.95
CA VAL E 174 10.94 -7.97 46.27
C VAL E 174 11.45 -6.54 46.20
N LEU E 175 11.00 -5.70 47.13
CA LEU E 175 11.37 -4.30 47.17
C LEU E 175 12.13 -4.01 48.46
N TRP E 176 13.15 -3.16 48.37
CA TRP E 176 13.90 -2.74 49.53
C TRP E 176 14.46 -1.34 49.29
N GLY E 177 15.13 -0.81 50.30
CA GLY E 177 15.68 0.52 50.21
C GLY E 177 16.95 0.66 51.02
N VAL E 178 17.71 1.69 50.67
CA VAL E 178 18.94 2.03 51.37
C VAL E 178 18.85 3.49 51.79
N HIS E 179 19.12 3.75 53.07
CA HIS E 179 18.93 5.08 53.66
C HIS E 179 20.25 5.85 53.63
N HIS E 180 20.19 7.09 53.15
CA HIS E 180 21.34 8.00 53.11
C HIS E 180 21.06 9.15 54.07
N PRO E 181 21.67 9.16 55.25
CA PRO E 181 21.42 10.24 56.20
C PRO E 181 22.03 11.54 55.71
N PRO E 182 21.52 12.69 56.18
CA PRO E 182 22.04 13.96 55.67
C PRO E 182 23.41 14.32 56.23
N ASN E 183 23.63 14.12 57.53
CA ASN E 183 24.89 14.44 58.15
C ASN E 183 25.41 13.21 58.89
N ILE E 184 26.70 13.28 59.26
CA ILE E 184 27.32 12.14 59.93
C ILE E 184 26.68 11.90 61.28
N GLY E 185 26.25 12.95 61.97
CA GLY E 185 25.61 12.78 63.27
C GLY E 185 24.39 11.90 63.21
N ASP E 186 23.55 12.07 62.17
CA ASP E 186 22.39 11.21 62.00
C ASP E 186 22.80 9.77 61.75
N GLN E 187 23.85 9.57 60.95
CA GLN E 187 24.35 8.23 60.69
C GLN E 187 24.76 7.53 61.99
N ARG E 188 25.52 8.22 62.83
CA ARG E 188 25.94 7.64 64.10
C ARG E 188 24.74 7.41 65.03
N ALA E 189 23.80 8.35 65.04
CA ALA E 189 22.64 8.24 65.92
C ALA E 189 21.78 7.04 65.56
N LEU E 190 21.59 6.79 64.26
CA LEU E 190 20.68 5.73 63.84
C LEU E 190 21.37 4.37 63.79
N TYR E 191 22.56 4.31 63.20
CA TYR E 191 23.16 3.02 62.88
C TYR E 191 24.47 2.73 63.61
N HIS E 192 25.02 3.71 64.33
CA HIS E 192 26.18 3.54 65.21
C HIS E 192 27.44 3.10 64.47
N LYS E 193 27.46 3.18 63.15
CA LYS E 193 28.65 2.84 62.36
C LYS E 193 28.99 4.01 61.46
N GLU E 194 30.29 4.29 61.32
CA GLU E 194 30.73 5.37 60.46
C GLU E 194 30.35 5.12 59.01
N ASN E 195 30.58 3.90 58.53
CA ASN E 195 30.25 3.50 57.17
C ASN E 195 29.68 2.10 57.20
N ALA E 196 28.52 1.91 56.59
CA ALA E 196 27.84 0.63 56.55
C ALA E 196 27.83 0.09 55.12
N TYR E 197 27.28 -1.12 54.97
CA TYR E 197 27.16 -1.77 53.68
C TYR E 197 25.87 -2.57 53.65
N VAL E 198 25.26 -2.63 52.47
CA VAL E 198 24.06 -3.44 52.24
C VAL E 198 24.31 -4.25 50.98
N SER E 199 24.39 -5.57 51.14
CA SER E 199 24.64 -6.48 50.03
C SER E 199 23.39 -7.32 49.78
N VAL E 200 22.90 -7.29 48.54
CA VAL E 200 21.77 -8.10 48.11
C VAL E 200 22.27 -9.06 47.06
N VAL E 201 22.07 -10.36 47.30
CA VAL E 201 22.62 -11.41 46.45
C VAL E 201 21.54 -12.43 46.15
N SER E 202 21.37 -12.75 44.86
CA SER E 202 20.52 -13.83 44.42
C SER E 202 21.24 -14.55 43.29
N SER E 203 20.52 -15.43 42.60
CA SER E 203 21.14 -16.19 41.52
C SER E 203 21.46 -15.32 40.32
N HIS E 204 20.64 -14.29 40.06
CA HIS E 204 20.80 -13.48 38.86
C HIS E 204 20.85 -11.99 39.20
N TYR E 205 21.17 -11.65 40.44
CA TYR E 205 21.24 -10.27 40.88
C TYR E 205 22.28 -10.18 41.98
N SER E 206 23.05 -9.10 41.98
CA SER E 206 24.10 -8.95 43.00
C SER E 206 24.51 -7.50 43.05
N ARG E 207 24.33 -6.86 44.20
CA ARG E 207 24.71 -5.47 44.32
C ARG E 207 25.07 -5.12 45.75
N LYS E 208 26.08 -4.26 45.88
CA LYS E 208 26.50 -3.69 47.16
C LYS E 208 26.21 -2.20 47.17
N PHE E 209 25.70 -1.72 48.31
CA PHE E 209 25.35 -0.33 48.49
C PHE E 209 26.09 0.21 49.72
N THR E 210 26.52 1.45 49.62
CA THR E 210 27.10 2.17 50.73
C THR E 210 26.38 3.50 50.93
N PRO E 211 26.16 3.91 52.17
CA PRO E 211 25.54 5.22 52.41
C PRO E 211 26.41 6.36 51.88
N GLU E 212 25.74 7.38 51.35
CA GLU E 212 26.40 8.55 50.78
C GLU E 212 25.89 9.77 51.54
N ILE E 213 26.63 10.17 52.58
CA ILE E 213 26.22 11.28 53.43
C ILE E 213 26.39 12.58 52.66
N ALA E 214 25.30 13.32 52.51
CA ALA E 214 25.33 14.62 51.85
C ALA E 214 24.12 15.41 52.29
N LYS E 215 24.20 16.72 52.13
CA LYS E 215 23.13 17.64 52.51
C LYS E 215 22.36 18.03 51.25
N ARG E 216 21.42 17.19 50.86
CA ARG E 216 20.64 17.44 49.66
C ARG E 216 19.59 18.52 49.95
N PRO E 217 19.06 19.18 48.92
CA PRO E 217 18.03 20.19 49.14
C PRO E 217 16.81 19.61 49.84
N LYS E 218 16.24 20.40 50.74
CA LYS E 218 15.15 19.93 51.58
C LYS E 218 13.85 19.88 50.80
N VAL E 219 13.35 18.67 50.58
CA VAL E 219 12.03 18.47 49.98
C VAL E 219 11.23 17.54 50.88
N ARG E 220 9.95 17.84 51.04
CA ARG E 220 9.06 17.12 51.96
C ARG E 220 9.64 17.08 53.37
N ASP E 221 10.24 18.20 53.78
CA ASP E 221 10.78 18.37 55.14
C ASP E 221 11.81 17.30 55.48
N GLN E 222 12.62 16.91 54.50
CA GLN E 222 13.64 15.89 54.70
C GLN E 222 14.86 16.25 53.87
N GLU E 223 16.04 16.08 54.45
CA GLU E 223 17.30 16.29 53.74
C GLU E 223 18.00 14.98 53.41
N GLY E 224 17.83 13.94 54.22
CA GLY E 224 18.30 12.62 53.86
C GLY E 224 17.38 11.97 52.83
N ARG E 225 17.85 10.87 52.27
CA ARG E 225 17.16 10.24 51.16
C ARG E 225 17.03 8.74 51.40
N ILE E 226 16.16 8.11 50.62
CA ILE E 226 16.06 6.64 50.59
C ILE E 226 16.03 6.21 49.14
N ASN E 227 17.03 5.43 48.74
CA ASN E 227 17.10 4.89 47.39
C ASN E 227 16.40 3.55 47.35
N TYR E 228 15.43 3.41 46.45
CA TYR E 228 14.55 2.25 46.41
C TYR E 228 15.00 1.33 45.28
N TYR E 229 15.13 0.05 45.58
CA TYR E 229 15.56 -0.96 44.63
C TYR E 229 14.59 -2.13 44.65
N TRP E 230 14.49 -2.83 43.52
CA TRP E 230 13.58 -3.94 43.37
C TRP E 230 14.23 -5.05 42.57
N THR E 231 13.75 -6.27 42.79
CA THR E 231 14.25 -7.42 42.04
C THR E 231 13.11 -8.41 41.85
N LEU E 232 13.27 -9.29 40.86
CA LEU E 232 12.29 -10.33 40.56
C LEU E 232 12.95 -11.68 40.75
N LEU E 233 12.65 -12.33 41.88
CA LEU E 233 13.15 -13.67 42.14
C LEU E 233 12.37 -14.69 41.31
N GLU E 234 13.11 -15.56 40.62
CA GLU E 234 12.54 -16.64 39.85
C GLU E 234 12.10 -17.77 40.77
N PRO E 235 11.24 -18.67 40.30
CA PRO E 235 10.90 -19.85 41.10
C PRO E 235 12.13 -20.68 41.38
N GLY E 236 12.20 -21.23 42.60
CA GLY E 236 13.34 -22.01 43.02
C GLY E 236 14.61 -21.19 43.12
N ASP E 237 14.51 -19.99 43.69
CA ASP E 237 15.65 -19.11 43.86
C ASP E 237 15.54 -18.43 45.21
N THR E 238 16.68 -18.00 45.73
CA THR E 238 16.73 -17.36 47.04
C THR E 238 17.45 -16.02 46.94
N ILE E 239 17.10 -15.14 47.88
CA ILE E 239 17.68 -13.81 48.01
C ILE E 239 18.26 -13.67 49.41
N ILE E 240 19.41 -13.00 49.49
CA ILE E 240 20.15 -12.84 50.73
C ILE E 240 20.42 -11.36 50.93
N PHE E 241 20.02 -10.84 52.10
CA PHE E 241 20.29 -9.48 52.51
C PHE E 241 21.31 -9.51 53.64
N GLU E 242 22.43 -8.82 53.47
CA GLU E 242 23.43 -8.67 54.52
C GLU E 242 23.70 -7.20 54.73
N ALA E 243 23.52 -6.72 55.96
CA ALA E 243 23.66 -5.29 56.21
C ALA E 243 24.02 -5.05 57.66
N ASN E 244 24.94 -4.12 57.90
CA ASN E 244 25.26 -3.62 59.23
C ASN E 244 24.79 -2.18 59.40
N GLY E 245 23.83 -1.74 58.61
CA GLY E 245 23.29 -0.40 58.70
C GLY E 245 22.73 0.04 57.38
N ASN E 246 21.81 1.02 57.45
CA ASN E 246 21.24 1.67 56.27
C ASN E 246 20.47 0.69 55.39
N LEU E 247 19.59 -0.08 56.01
CA LEU E 247 18.75 -1.03 55.29
C LEU E 247 17.29 -0.80 55.64
N ILE E 248 16.50 -0.47 54.63
CA ILE E 248 15.04 -0.41 54.77
C ILE E 248 14.54 -1.77 54.30
N ALA E 249 14.38 -2.68 55.25
CA ALA E 249 14.18 -4.09 54.92
C ALA E 249 12.82 -4.31 54.28
N PRO E 250 12.71 -5.29 53.39
CA PRO E 250 11.39 -5.66 52.88
C PRO E 250 10.52 -6.27 53.96
N ARG E 251 9.22 -6.00 53.87
CA ARG E 251 8.25 -6.58 54.78
C ARG E 251 7.25 -7.42 53.99
N TYR E 252 6.80 -6.91 52.86
CA TYR E 252 5.88 -7.62 51.98
C TYR E 252 6.49 -7.74 50.59
N ALA E 253 6.24 -8.86 49.95
CA ALA E 253 6.69 -9.03 48.57
C ALA E 253 5.43 -9.34 47.78
N PHE E 254 5.58 -9.62 46.50
CA PHE E 254 4.39 -9.82 45.65
C PHE E 254 4.67 -10.90 44.67
N ALA E 255 3.89 -11.98 44.68
CA ALA E 255 4.03 -13.05 43.68
C ALA E 255 3.19 -12.69 42.47
N LEU E 256 3.80 -12.56 41.30
CA LEU E 256 3.05 -12.09 40.14
C LEU E 256 3.25 -13.01 38.96
N SER E 257 2.18 -13.23 38.21
CA SER E 257 2.34 -13.96 36.94
C SER E 257 1.99 -12.91 35.88
N ARG E 258 3.00 -12.47 35.12
CA ARG E 258 2.79 -11.39 34.11
C ARG E 258 1.86 -11.94 33.01
N GLY E 259 0.98 -11.08 32.49
CA GLY E 259 0.08 -11.50 31.42
C GLY E 259 0.45 -10.85 30.11
N PHE E 260 -0.43 -9.99 29.60
CA PHE E 260 -0.18 -9.34 28.29
C PHE E 260 0.89 -8.28 28.48
N GLY E 261 1.02 -7.40 27.49
CA GLY E 261 1.97 -6.28 27.63
C GLY E 261 1.21 -4.98 27.52
N SER E 262 0.48 -4.61 28.57
CA SER E 262 -0.35 -3.39 28.47
C SER E 262 0.45 -2.20 28.97
N GLY E 263 -0.23 -1.15 29.43
CA GLY E 263 0.49 0.03 29.88
C GLY E 263 -0.30 0.85 30.87
N ILE E 264 0.07 2.12 31.04
CA ILE E 264 -0.57 2.99 32.05
C ILE E 264 -1.23 4.16 31.33
N ILE E 265 -2.54 4.30 31.44
CA ILE E 265 -3.28 5.42 30.81
C ILE E 265 -3.30 6.58 31.81
N ASN E 266 -2.55 7.64 31.53
CA ASN E 266 -2.50 8.82 32.40
C ASN E 266 -3.69 9.69 32.07
N SER E 267 -4.80 9.46 32.77
CA SER E 267 -6.04 10.17 32.49
C SER E 267 -6.90 10.24 33.73
N ASN E 268 -7.79 11.23 33.77
CA ASN E 268 -8.82 11.36 34.80
C ASN E 268 -10.17 11.27 34.11
N ALA E 269 -10.65 10.05 33.92
CA ALA E 269 -11.92 9.76 33.29
C ALA E 269 -12.71 8.77 34.14
N PRO E 270 -14.03 8.81 34.07
CA PRO E 270 -14.84 7.86 34.85
C PRO E 270 -14.54 6.41 34.46
N MET E 271 -14.64 5.54 35.45
CA MET E 271 -14.40 4.12 35.29
C MET E 271 -15.75 3.41 35.38
N ASP E 272 -16.27 2.95 34.25
CA ASP E 272 -17.56 2.30 34.19
C ASP E 272 -17.39 0.82 33.87
N GLU E 273 -18.54 0.13 33.79
CA GLU E 273 -18.58 -1.32 33.62
C GLU E 273 -18.64 -1.74 32.16
N CYS E 274 -18.45 -0.81 31.22
CA CYS E 274 -18.48 -1.15 29.81
C CYS E 274 -17.37 -2.13 29.46
N ASP E 275 -17.59 -2.91 28.41
CA ASP E 275 -16.59 -3.82 27.88
C ASP E 275 -16.20 -3.34 26.49
N ALA E 276 -14.92 -3.10 26.28
CA ALA E 276 -14.42 -2.53 25.04
C ALA E 276 -13.22 -3.32 24.54
N LYS E 277 -12.75 -2.94 23.35
CA LYS E 277 -11.57 -3.54 22.76
C LYS E 277 -10.38 -2.60 22.67
N CYS E 278 -10.61 -1.29 22.57
CA CYS E 278 -9.52 -0.32 22.56
C CYS E 278 -9.82 0.83 23.52
N GLN E 279 -8.82 1.22 24.28
CA GLN E 279 -8.93 2.33 25.22
C GLN E 279 -7.89 3.41 24.88
N THR E 280 -8.34 4.65 24.88
CA THR E 280 -7.53 5.85 24.76
C THR E 280 -7.65 6.66 26.04
N PRO E 281 -6.68 7.54 26.30
CA PRO E 281 -6.76 8.38 27.52
C PRO E 281 -8.05 9.17 27.65
N GLN E 282 -8.89 9.26 26.62
CA GLN E 282 -10.15 9.97 26.72
C GLN E 282 -11.37 9.07 26.67
N GLY E 283 -11.20 7.76 26.49
CA GLY E 283 -12.34 6.88 26.47
C GLY E 283 -12.17 5.64 25.61
N ALA E 284 -13.22 4.84 25.49
CA ALA E 284 -13.12 3.59 24.75
C ALA E 284 -13.63 3.78 23.32
N ILE E 285 -12.93 3.17 22.38
CA ILE E 285 -13.35 3.16 20.98
C ILE E 285 -14.00 1.83 20.68
N ASN E 286 -15.26 1.87 20.26
CA ASN E 286 -16.04 0.67 19.92
C ASN E 286 -16.38 0.75 18.44
N SER E 287 -15.58 0.10 17.61
CA SER E 287 -15.83 0.10 16.17
C SER E 287 -15.13 -1.06 15.52
N SER E 288 -15.76 -1.59 14.47
CA SER E 288 -15.08 -2.47 13.54
C SER E 288 -14.32 -1.71 12.48
N LEU E 289 -14.41 -0.38 12.49
CA LEU E 289 -13.74 0.44 11.49
C LEU E 289 -12.23 0.28 11.60
N PRO E 290 -11.53 0.21 10.46
CA PRO E 290 -10.08 -0.07 10.51
C PRO E 290 -9.22 1.12 10.87
N PHE E 291 -9.76 2.33 10.90
CA PHE E 291 -8.97 3.54 11.09
C PHE E 291 -9.61 4.43 12.15
N GLN E 292 -8.76 5.13 12.89
CA GLN E 292 -9.18 6.04 13.94
C GLN E 292 -8.33 7.31 13.89
N ASN E 293 -8.86 8.38 14.46
CA ASN E 293 -8.15 9.64 14.54
C ASN E 293 -8.32 10.30 15.91
N VAL E 294 -8.57 9.49 16.94
CA VAL E 294 -8.77 10.03 18.28
C VAL E 294 -7.43 10.28 18.98
N HIS E 295 -6.62 9.24 19.12
CA HIS E 295 -5.37 9.36 19.85
C HIS E 295 -4.37 8.31 19.39
N PRO E 296 -3.13 8.71 19.11
CA PRO E 296 -2.12 7.72 18.70
C PRO E 296 -1.76 6.73 19.80
N VAL E 297 -1.91 7.10 21.06
CA VAL E 297 -1.58 6.23 22.18
C VAL E 297 -2.85 5.48 22.58
N THR E 298 -2.82 4.16 22.45
CA THR E 298 -4.00 3.33 22.70
C THR E 298 -3.55 2.02 23.31
N ILE E 299 -4.49 1.35 23.98
CA ILE E 299 -4.25 0.04 24.57
C ILE E 299 -5.34 -0.91 24.06
N GLY E 300 -4.93 -2.07 23.60
CA GLY E 300 -5.84 -3.09 23.11
C GLY E 300 -5.81 -3.19 21.59
N GLU E 301 -6.66 -4.07 21.08
CA GLU E 301 -6.84 -4.22 19.63
C GLU E 301 -7.57 -2.99 19.12
N CYS E 302 -6.85 -2.09 18.46
CA CYS E 302 -7.34 -0.77 18.13
C CYS E 302 -7.21 -0.51 16.64
N PRO E 303 -8.10 0.31 16.07
CA PRO E 303 -7.89 0.76 14.70
C PRO E 303 -6.63 1.58 14.59
N LYS E 304 -6.07 1.56 13.37
CA LYS E 304 -4.80 2.27 13.13
C LYS E 304 -5.07 3.77 13.12
N TYR E 305 -4.12 4.54 13.69
CA TYR E 305 -4.22 5.99 13.76
C TYR E 305 -3.74 6.62 12.46
N VAL E 306 -4.55 7.54 11.93
CA VAL E 306 -4.22 8.26 10.72
C VAL E 306 -4.42 9.75 10.96
N ARG E 307 -3.68 10.56 10.21
CA ARG E 307 -3.80 12.02 10.29
C ARG E 307 -4.79 12.56 9.26
N SER E 308 -5.99 11.99 9.24
CA SER E 308 -7.01 12.35 8.27
C SER E 308 -8.29 12.71 9.03
N ALA E 309 -8.99 13.74 8.55
CA ALA E 309 -10.21 14.20 9.18
C ALA E 309 -11.47 13.64 8.56
N LYS E 310 -11.36 13.02 7.37
CA LYS E 310 -12.52 12.54 6.62
C LYS E 310 -12.06 11.44 5.67
N LEU E 311 -12.54 10.23 5.88
CA LEU E 311 -12.21 9.09 5.04
C LEU E 311 -13.51 8.34 4.73
N ARG E 312 -14.21 8.76 3.68
CA ARG E 312 -15.53 8.25 3.37
C ARG E 312 -15.51 7.46 2.07
N MET E 313 -16.10 6.27 2.10
CA MET E 313 -16.15 5.36 0.95
C MET E 313 -17.53 5.44 0.33
N VAL E 314 -17.59 5.74 -0.97
CA VAL E 314 -18.87 5.89 -1.65
C VAL E 314 -19.48 4.52 -1.89
N THR E 315 -20.75 4.37 -1.55
CA THR E 315 -21.49 3.15 -1.81
C THR E 315 -22.63 3.34 -2.80
N GLY E 316 -23.19 4.53 -2.88
CA GLY E 316 -24.15 4.89 -3.91
C GLY E 316 -23.47 5.39 -5.15
N LEU E 317 -24.19 6.21 -5.91
CA LEU E 317 -23.66 6.75 -7.16
C LEU E 317 -23.76 8.27 -7.13
N ARG E 318 -23.33 8.89 -8.23
CA ARG E 318 -23.32 10.34 -8.31
C ARG E 318 -24.74 10.88 -8.24
N ASN E 319 -24.93 11.90 -7.41
CA ASN E 319 -26.25 12.50 -7.21
C ASN E 319 -26.41 13.65 -8.20
N ILE E 320 -27.25 13.44 -9.21
CA ILE E 320 -27.55 14.48 -10.19
C ILE E 320 -29.06 14.62 -10.30
N PRO E 321 -29.72 15.29 -9.34
CA PRO E 321 -31.17 15.47 -9.40
C PRO E 321 -31.57 16.73 -10.16
N LEU F 2 -14.43 5.24 -17.25
CA LEU F 2 -15.66 5.99 -17.49
C LEU F 2 -16.36 5.43 -18.71
N PHE F 3 -17.58 4.93 -18.53
CA PHE F 3 -18.31 4.25 -19.59
C PHE F 3 -19.33 5.14 -20.29
N GLY F 4 -19.46 6.39 -19.88
CA GLY F 4 -20.24 7.36 -20.63
C GLY F 4 -21.74 7.32 -20.44
N ALA F 5 -22.24 6.54 -19.49
CA ALA F 5 -23.69 6.49 -19.26
C ALA F 5 -24.13 7.53 -18.24
N ILE F 6 -23.61 7.44 -17.02
CA ILE F 6 -23.97 8.41 -15.98
C ILE F 6 -23.25 9.72 -16.26
N ALA F 7 -24.01 10.81 -16.28
CA ALA F 7 -23.52 12.14 -16.66
C ALA F 7 -22.97 12.13 -18.08
N GLY F 8 -23.41 11.16 -18.88
CA GLY F 8 -23.00 11.06 -20.27
C GLY F 8 -24.17 11.28 -21.21
N PHE F 9 -24.68 10.22 -21.81
CA PHE F 9 -25.89 10.35 -22.61
C PHE F 9 -27.17 10.24 -21.78
N ILE F 10 -27.03 9.98 -20.48
CA ILE F 10 -28.12 10.11 -19.52
C ILE F 10 -27.68 11.20 -18.55
N GLU F 11 -28.24 12.41 -18.72
CA GLU F 11 -27.72 13.58 -18.02
C GLU F 11 -28.04 13.60 -16.53
N GLY F 12 -29.25 13.24 -16.14
CA GLY F 12 -29.62 13.36 -14.74
C GLY F 12 -30.24 12.12 -14.14
N GLY F 13 -30.33 12.09 -12.81
CA GLY F 13 -30.95 10.98 -12.11
C GLY F 13 -32.43 11.17 -11.92
N TRP F 14 -33.04 10.14 -11.32
CA TRP F 14 -34.48 10.14 -11.07
C TRP F 14 -34.71 10.15 -9.57
N THR F 15 -35.34 11.21 -9.08
CA THR F 15 -35.67 11.32 -7.67
C THR F 15 -36.85 10.44 -7.28
N GLY F 16 -37.73 10.14 -8.22
CA GLY F 16 -38.91 9.35 -7.98
C GLY F 16 -38.71 7.85 -8.01
N MET F 17 -37.51 7.38 -8.31
CA MET F 17 -37.20 5.95 -8.31
C MET F 17 -36.28 5.70 -7.12
N VAL F 18 -36.89 5.35 -5.98
CA VAL F 18 -36.17 5.29 -4.71
C VAL F 18 -35.91 3.88 -4.22
N ASP F 19 -36.48 2.86 -4.86
CA ASP F 19 -36.30 1.48 -4.42
C ASP F 19 -35.28 0.72 -5.26
N GLY F 20 -34.43 1.42 -5.98
CA GLY F 20 -33.39 0.79 -6.75
C GLY F 20 -32.40 1.81 -7.26
N TRP F 21 -31.32 1.31 -7.85
CA TRP F 21 -30.31 2.18 -8.45
C TRP F 21 -30.49 2.34 -9.95
N TYR F 22 -30.90 1.28 -10.64
CA TYR F 22 -31.10 1.30 -12.08
C TYR F 22 -32.51 0.84 -12.39
N GLY F 23 -33.20 1.54 -13.27
CA GLY F 23 -34.58 1.22 -13.52
C GLY F 23 -35.03 1.66 -14.90
N TYR F 24 -36.33 1.53 -15.12
CA TYR F 24 -36.99 1.88 -16.36
C TYR F 24 -38.13 2.85 -16.08
N HIS F 25 -38.45 3.66 -17.09
CA HIS F 25 -39.59 4.57 -17.05
C HIS F 25 -40.38 4.33 -18.33
N HIS F 26 -41.60 3.80 -18.20
CA HIS F 26 -42.41 3.49 -19.35
C HIS F 26 -43.58 4.44 -19.46
N GLN F 27 -43.92 4.81 -20.70
CA GLN F 27 -45.02 5.72 -20.98
C GLN F 27 -45.87 5.11 -22.08
N ASN F 28 -47.10 4.75 -21.75
CA ASN F 28 -48.02 4.05 -22.64
C ASN F 28 -49.30 4.85 -22.78
N GLU F 29 -50.28 4.26 -23.49
CA GLU F 29 -51.63 4.80 -23.45
C GLU F 29 -52.30 4.49 -22.12
N GLN F 30 -51.94 3.37 -21.49
CA GLN F 30 -52.49 3.00 -20.20
C GLN F 30 -51.97 3.89 -19.07
N GLY F 31 -50.74 4.36 -19.17
CA GLY F 31 -50.17 5.21 -18.15
C GLY F 31 -48.66 5.12 -18.12
N SER F 32 -48.06 6.02 -17.36
CA SER F 32 -46.61 6.09 -17.21
C SER F 32 -46.20 5.72 -15.80
N GLY F 33 -45.01 5.14 -15.67
CA GLY F 33 -44.54 4.74 -14.36
C GLY F 33 -43.10 4.27 -14.38
N TYR F 34 -42.53 4.20 -13.17
CA TYR F 34 -41.18 3.75 -12.93
C TYR F 34 -41.19 2.27 -12.53
N ALA F 35 -40.05 1.61 -12.74
CA ALA F 35 -39.87 0.23 -12.32
C ALA F 35 -38.39 -0.04 -12.20
N ALA F 36 -37.90 -0.20 -10.98
CA ALA F 36 -36.48 -0.45 -10.79
C ALA F 36 -36.12 -1.88 -11.20
N ASP F 37 -34.95 -2.03 -11.81
CA ASP F 37 -34.43 -3.35 -12.14
C ASP F 37 -33.86 -3.99 -10.87
N GLN F 38 -34.55 -5.01 -10.35
CA GLN F 38 -34.18 -5.57 -9.07
C GLN F 38 -32.92 -6.43 -9.15
N LYS F 39 -32.73 -7.17 -10.25
CA LYS F 39 -31.60 -8.08 -10.37
C LYS F 39 -30.27 -7.34 -10.41
N SER F 40 -30.16 -6.34 -11.28
CA SER F 40 -28.92 -5.58 -11.39
C SER F 40 -28.64 -4.81 -10.11
N THR F 41 -29.68 -4.22 -9.51
CA THR F 41 -29.51 -3.50 -8.27
C THR F 41 -29.03 -4.42 -7.15
N GLN F 42 -29.60 -5.63 -7.07
CA GLN F 42 -29.17 -6.58 -6.06
C GLN F 42 -27.73 -7.02 -6.27
N ASN F 43 -27.34 -7.27 -7.52
CA ASN F 43 -25.97 -7.65 -7.80
C ASN F 43 -25.00 -6.52 -7.43
N ALA F 44 -25.35 -5.28 -7.76
CA ALA F 44 -24.52 -4.14 -7.40
C ALA F 44 -24.42 -3.99 -5.89
N ILE F 45 -25.53 -4.18 -5.18
CA ILE F 45 -25.52 -4.07 -3.72
C ILE F 45 -24.62 -5.15 -3.12
N ASN F 46 -24.70 -6.37 -3.65
CA ASN F 46 -23.83 -7.43 -3.16
C ASN F 46 -22.37 -7.09 -3.39
N GLY F 47 -22.04 -6.56 -4.57
CA GLY F 47 -20.67 -6.17 -4.85
C GLY F 47 -20.17 -5.08 -3.92
N ILE F 48 -21.00 -4.06 -3.69
CA ILE F 48 -20.60 -2.96 -2.83
C ILE F 48 -20.43 -3.44 -1.39
N THR F 49 -21.33 -4.30 -0.93
CA THR F 49 -21.21 -4.86 0.42
C THR F 49 -19.92 -5.65 0.56
N ASN F 50 -19.58 -6.45 -0.46
CA ASN F 50 -18.33 -7.19 -0.43
C ASN F 50 -17.13 -6.27 -0.39
N LYS F 51 -17.18 -5.18 -1.17
CA LYS F 51 -16.08 -4.22 -1.16
C LYS F 51 -15.89 -3.61 0.21
N VAL F 52 -16.98 -3.15 0.83
CA VAL F 52 -16.90 -2.51 2.14
C VAL F 52 -16.40 -3.51 3.18
N ASN F 53 -16.91 -4.74 3.14
CA ASN F 53 -16.46 -5.75 4.09
C ASN F 53 -14.99 -6.09 3.90
N SER F 54 -14.54 -6.16 2.65
CA SER F 54 -13.13 -6.43 2.38
C SER F 54 -12.24 -5.33 2.93
N VAL F 55 -12.68 -4.08 2.82
CA VAL F 55 -11.91 -2.98 3.40
C VAL F 55 -11.91 -3.07 4.92
N ILE F 56 -13.07 -3.35 5.52
CA ILE F 56 -13.21 -3.26 6.97
C ILE F 56 -12.71 -4.52 7.65
N GLU F 57 -13.20 -5.68 7.20
CA GLU F 57 -12.98 -6.95 7.90
C GLU F 57 -11.66 -7.61 7.51
N LYS F 58 -10.70 -6.84 7.02
CA LYS F 58 -9.40 -7.37 6.66
C LYS F 58 -8.28 -6.78 7.51
N MET F 59 -8.61 -5.88 8.44
CA MET F 59 -7.65 -5.35 9.40
C MET F 59 -7.73 -6.21 10.66
N ASN F 60 -6.89 -7.25 10.71
CA ASN F 60 -6.81 -8.14 11.86
C ASN F 60 -5.60 -7.70 12.69
N THR F 61 -5.86 -7.01 13.79
CA THR F 61 -4.81 -6.48 14.65
C THR F 61 -4.63 -7.36 15.87
N GLN F 62 -3.42 -7.27 16.44
CA GLN F 62 -3.05 -8.02 17.64
C GLN F 62 -3.01 -7.06 18.82
N PHE F 63 -3.19 -7.63 20.02
CA PHE F 63 -3.19 -6.83 21.23
C PHE F 63 -1.84 -6.16 21.42
N THR F 64 -1.84 -4.83 21.40
CA THR F 64 -0.61 -4.05 21.60
C THR F 64 -0.91 -2.89 22.52
N ALA F 65 0.15 -2.34 23.11
CA ALA F 65 0.08 -1.13 23.92
C ALA F 65 1.06 -0.12 23.34
N VAL F 66 0.54 0.84 22.57
CA VAL F 66 1.38 1.88 21.98
C VAL F 66 1.73 2.88 23.06
N GLY F 67 3.01 3.02 23.35
CA GLY F 67 3.45 3.98 24.35
C GLY F 67 4.44 3.41 25.33
N LYS F 68 5.61 4.04 25.43
CA LYS F 68 6.66 3.60 26.32
C LYS F 68 7.18 4.79 27.11
N GLU F 69 7.72 4.51 28.29
CA GLU F 69 8.26 5.54 29.16
C GLU F 69 9.77 5.38 29.24
N PHE F 70 10.49 6.47 28.97
CA PHE F 70 11.94 6.47 28.98
C PHE F 70 12.42 7.68 29.78
N ASN F 71 13.47 7.48 30.57
CA ASN F 71 14.02 8.60 31.33
C ASN F 71 14.93 9.45 30.45
N LYS F 72 15.55 10.46 31.07
CA LYS F 72 16.42 11.37 30.34
C LYS F 72 17.73 10.72 29.93
N LEU F 73 18.10 9.60 30.52
CA LEU F 73 19.33 8.91 30.16
C LEU F 73 19.15 7.98 28.96
N GLU F 74 17.91 7.77 28.51
CA GLU F 74 17.64 7.02 27.28
C GLU F 74 16.85 7.94 26.37
N ARG F 75 17.58 8.78 25.61
CA ARG F 75 16.94 9.62 24.62
C ARG F 75 16.94 8.97 23.25
N ARG F 76 17.99 8.19 22.95
CA ARG F 76 18.04 7.48 21.68
C ARG F 76 16.86 6.55 21.53
N MET F 77 16.42 5.92 22.63
CA MET F 77 15.29 5.02 22.51
C MET F 77 13.95 5.73 22.47
N GLU F 78 13.80 6.85 23.17
CA GLU F 78 12.59 7.64 22.98
C GLU F 78 12.48 8.07 21.52
N ASN F 79 13.63 8.44 20.93
CA ASN F 79 13.65 8.81 19.52
C ASN F 79 13.34 7.63 18.61
N LEU F 80 13.87 6.45 18.90
CA LEU F 80 13.59 5.29 18.05
C LEU F 80 12.11 4.88 18.13
N ASN F 81 11.55 4.90 19.35
CA ASN F 81 10.13 4.61 19.51
C ASN F 81 9.28 5.61 18.75
N LYS F 82 9.72 6.90 18.80
CA LYS F 82 8.98 7.97 18.10
C LYS F 82 9.09 7.72 16.61
N LYS F 83 10.23 7.30 16.15
CA LYS F 83 10.45 7.01 14.74
C LYS F 83 9.54 5.89 14.26
N VAL F 84 9.45 4.82 15.05
CA VAL F 84 8.59 3.69 14.70
C VAL F 84 7.13 4.15 14.61
N ASP F 85 6.69 4.90 15.62
CA ASP F 85 5.30 5.34 15.66
C ASP F 85 4.99 6.26 14.48
N ASP F 86 5.86 7.23 14.22
CA ASP F 86 5.63 8.16 13.13
C ASP F 86 5.64 7.45 11.78
N GLY F 87 6.55 6.49 11.59
CA GLY F 87 6.59 5.75 10.35
C GLY F 87 5.31 4.99 10.11
N PHE F 88 4.82 4.30 11.14
CA PHE F 88 3.58 3.55 10.98
C PHE F 88 2.40 4.48 10.70
N ILE F 89 2.36 5.63 11.40
CA ILE F 89 1.27 6.57 11.19
C ILE F 89 1.30 7.10 9.76
N ASP F 90 2.48 7.45 9.26
CA ASP F 90 2.60 7.96 7.90
C ASP F 90 2.18 6.92 6.88
N ILE F 91 2.64 5.68 7.06
CA ILE F 91 2.29 4.60 6.13
C ILE F 91 0.78 4.42 6.09
N TRP F 92 0.16 4.31 7.26
CA TRP F 92 -1.27 4.04 7.31
C TRP F 92 -2.08 5.21 6.75
N THR F 93 -1.68 6.44 7.05
CA THR F 93 -2.39 7.61 6.52
C THR F 93 -2.35 7.61 5.00
N TYR F 94 -1.14 7.49 4.43
CA TYR F 94 -1.00 7.49 2.98
C TYR F 94 -1.81 6.37 2.34
N ASN F 95 -1.67 5.15 2.88
CA ASN F 95 -2.31 3.99 2.28
C ASN F 95 -3.83 4.11 2.34
N ALA F 96 -4.37 4.47 3.51
CA ALA F 96 -5.82 4.59 3.64
C ALA F 96 -6.37 5.67 2.72
N GLU F 97 -5.71 6.83 2.68
CA GLU F 97 -6.24 7.92 1.87
C GLU F 97 -6.23 7.57 0.39
N LEU F 98 -5.10 7.06 -0.13
CA LEU F 98 -5.05 6.71 -1.54
C LEU F 98 -5.97 5.54 -1.86
N LEU F 99 -6.11 4.61 -0.92
CA LEU F 99 -6.97 3.45 -1.13
C LEU F 99 -8.41 3.87 -1.32
N VAL F 100 -8.93 4.69 -0.41
CA VAL F 100 -10.30 5.17 -0.55
C VAL F 100 -10.45 6.01 -1.81
N LEU F 101 -9.44 6.83 -2.12
CA LEU F 101 -9.50 7.65 -3.32
C LEU F 101 -9.65 6.80 -4.58
N LEU F 102 -8.93 5.68 -4.67
CA LEU F 102 -9.06 4.84 -5.85
C LEU F 102 -10.35 4.03 -5.86
N GLU F 103 -10.79 3.51 -4.71
CA GLU F 103 -12.02 2.72 -4.74
C GLU F 103 -13.24 3.56 -5.02
N ASN F 104 -13.20 4.85 -4.69
CA ASN F 104 -14.33 5.71 -5.03
C ASN F 104 -14.49 5.78 -6.55
N GLU F 105 -13.37 5.95 -7.27
CA GLU F 105 -13.41 5.94 -8.73
C GLU F 105 -13.89 4.59 -9.24
N ARG F 106 -13.42 3.51 -8.62
CA ARG F 106 -13.83 2.18 -9.06
C ARG F 106 -15.33 1.97 -8.89
N THR F 107 -15.90 2.44 -7.77
CA THR F 107 -17.33 2.30 -7.52
C THR F 107 -18.14 3.11 -8.52
N LEU F 108 -17.71 4.34 -8.79
CA LEU F 108 -18.44 5.16 -9.77
C LEU F 108 -18.39 4.51 -11.16
N ASP F 109 -17.23 3.99 -11.55
CA ASP F 109 -17.14 3.27 -12.81
C ASP F 109 -18.01 2.02 -12.83
N PHE F 110 -18.13 1.33 -11.69
CA PHE F 110 -18.99 0.15 -11.61
C PHE F 110 -20.45 0.51 -11.87
N HIS F 111 -20.92 1.58 -11.22
CA HIS F 111 -22.31 2.00 -11.45
C HIS F 111 -22.53 2.43 -12.90
N ASP F 112 -21.56 3.17 -13.45
CA ASP F 112 -21.66 3.56 -14.86
C ASP F 112 -21.72 2.35 -15.78
N SER F 113 -20.91 1.33 -15.49
CA SER F 113 -20.91 0.12 -16.29
C SER F 113 -22.27 -0.59 -16.19
N ASN F 114 -22.85 -0.62 -14.99
CA ASN F 114 -24.16 -1.23 -14.83
C ASN F 114 -25.21 -0.54 -15.68
N VAL F 115 -25.23 0.80 -15.64
CA VAL F 115 -26.23 1.55 -16.41
C VAL F 115 -26.02 1.33 -17.91
N LYS F 116 -24.76 1.38 -18.35
CA LYS F 116 -24.45 1.18 -19.76
C LYS F 116 -24.84 -0.21 -20.24
N ASN F 117 -24.61 -1.22 -19.40
CA ASN F 117 -24.96 -2.58 -19.78
C ASN F 117 -26.47 -2.76 -19.86
N LEU F 118 -27.21 -2.13 -18.94
CA LEU F 118 -28.67 -2.18 -19.03
C LEU F 118 -29.17 -1.56 -20.32
N TYR F 119 -28.63 -0.39 -20.68
CA TYR F 119 -28.99 0.26 -21.92
C TYR F 119 -28.65 -0.59 -23.14
N GLU F 120 -27.46 -1.20 -23.16
CA GLU F 120 -27.09 -2.05 -24.28
C GLU F 120 -27.99 -3.27 -24.38
N LYS F 121 -28.38 -3.85 -23.25
CA LYS F 121 -29.28 -5.00 -23.28
C LYS F 121 -30.61 -4.63 -23.91
N VAL F 122 -31.22 -3.53 -23.45
CA VAL F 122 -32.51 -3.14 -24.01
C VAL F 122 -32.37 -2.75 -25.49
N LYS F 123 -31.25 -2.12 -25.85
CA LYS F 123 -31.03 -1.75 -27.26
C LYS F 123 -30.95 -2.98 -28.15
N SER F 124 -30.10 -3.95 -27.79
CA SER F 124 -29.96 -5.17 -28.56
C SER F 124 -31.24 -5.98 -28.57
N GLN F 125 -32.08 -5.85 -27.55
CA GLN F 125 -33.34 -6.57 -27.52
C GLN F 125 -34.36 -5.94 -28.45
N LEU F 126 -34.43 -4.60 -28.49
CA LEU F 126 -35.41 -3.95 -29.34
C LEU F 126 -34.99 -3.91 -30.80
N LYS F 127 -33.69 -3.96 -31.08
CA LYS F 127 -33.18 -3.92 -32.45
C LYS F 127 -33.69 -2.70 -33.19
N ASN F 128 -34.33 -2.90 -34.34
CA ASN F 128 -34.85 -1.81 -35.16
C ASN F 128 -36.33 -1.55 -34.96
N ASN F 129 -36.94 -2.16 -33.95
CA ASN F 129 -38.33 -1.87 -33.64
C ASN F 129 -38.51 -0.60 -32.83
N ALA F 130 -37.41 0.00 -32.37
CA ALA F 130 -37.49 1.22 -31.58
C ALA F 130 -36.43 2.20 -32.08
N LYS F 131 -36.71 3.48 -31.92
CA LYS F 131 -35.84 4.56 -32.33
C LYS F 131 -35.18 5.17 -31.11
N GLU F 132 -33.87 5.37 -31.18
CA GLU F 132 -33.11 6.04 -30.13
C GLU F 132 -33.40 7.53 -30.21
N ILE F 133 -34.22 8.04 -29.29
CA ILE F 133 -34.66 9.43 -29.35
C ILE F 133 -33.79 10.30 -28.47
N GLY F 134 -32.59 9.81 -28.14
CA GLY F 134 -31.71 10.54 -27.27
C GLY F 134 -32.10 10.37 -25.81
N ASN F 135 -31.37 11.09 -24.95
CA ASN F 135 -31.54 11.00 -23.50
C ASN F 135 -31.35 9.56 -23.02
N GLY F 136 -30.70 8.75 -23.83
CA GLY F 136 -30.47 7.37 -23.49
C GLY F 136 -31.74 6.55 -23.35
N CYS F 137 -32.67 6.67 -24.29
CA CYS F 137 -33.84 5.80 -24.25
C CYS F 137 -34.53 5.78 -25.62
N PHE F 138 -35.67 5.09 -25.67
CA PHE F 138 -36.22 4.56 -26.90
C PHE F 138 -37.68 4.96 -27.06
N GLU F 139 -38.12 5.04 -28.31
CA GLU F 139 -39.53 5.22 -28.65
C GLU F 139 -39.92 4.13 -29.62
N PHE F 140 -41.00 3.41 -29.31
CA PHE F 140 -41.37 2.24 -30.09
C PHE F 140 -42.01 2.64 -31.41
N TYR F 141 -41.86 1.78 -32.40
CA TYR F 141 -42.49 1.92 -33.70
C TYR F 141 -43.85 1.24 -33.76
N HIS F 142 -44.33 0.72 -32.64
CA HIS F 142 -45.62 0.06 -32.57
C HIS F 142 -46.22 0.33 -31.20
N LYS F 143 -47.43 -0.17 -30.99
CA LYS F 143 -48.14 0.06 -29.74
C LYS F 143 -47.75 -1.04 -28.74
N CYS F 144 -47.09 -0.65 -27.66
CA CYS F 144 -46.72 -1.57 -26.59
C CYS F 144 -47.64 -1.36 -25.41
N ASN F 145 -48.43 -2.37 -25.08
CA ASN F 145 -49.20 -2.35 -23.85
C ASN F 145 -48.28 -2.70 -22.68
N ASP F 146 -48.87 -2.84 -21.49
CA ASP F 146 -48.06 -3.19 -20.32
C ASP F 146 -47.36 -4.53 -20.47
N GLU F 147 -47.94 -5.46 -21.24
CA GLU F 147 -47.27 -6.73 -21.49
C GLU F 147 -45.97 -6.54 -22.25
N CYS F 148 -45.96 -5.66 -23.25
CA CYS F 148 -44.75 -5.43 -24.03
C CYS F 148 -43.63 -4.86 -23.16
N MET F 149 -43.95 -3.83 -22.36
CA MET F 149 -42.94 -3.22 -21.51
C MET F 149 -42.48 -4.19 -20.43
N GLU F 150 -43.40 -4.97 -19.87
CA GLU F 150 -43.02 -5.98 -18.89
C GLU F 150 -42.10 -7.02 -19.50
N SER F 151 -42.35 -7.39 -20.76
CA SER F 151 -41.48 -8.33 -21.45
C SER F 151 -40.11 -7.73 -21.72
N VAL F 152 -40.06 -6.45 -22.08
CA VAL F 152 -38.77 -5.80 -22.30
C VAL F 152 -37.96 -5.77 -21.01
N LYS F 153 -38.60 -5.40 -19.90
CA LYS F 153 -37.90 -5.35 -18.62
C LYS F 153 -37.48 -6.74 -18.18
N ASN F 154 -38.34 -7.74 -18.36
CA ASN F 154 -38.04 -9.09 -17.92
C ASN F 154 -36.86 -9.67 -18.69
N GLY F 155 -36.84 -9.46 -20.01
CA GLY F 155 -35.74 -9.97 -20.82
C GLY F 155 -36.17 -10.81 -22.01
N THR F 156 -37.48 -10.85 -22.30
CA THR F 156 -38.01 -11.62 -23.43
C THR F 156 -38.96 -10.72 -24.23
N TYR F 157 -38.40 -9.95 -25.17
CA TYR F 157 -39.19 -8.98 -25.91
C TYR F 157 -40.03 -9.60 -27.01
N ASP F 158 -39.57 -10.70 -27.61
CA ASP F 158 -40.27 -11.38 -28.69
C ASP F 158 -40.43 -10.41 -29.87
N TYR F 159 -39.29 -10.11 -30.48
CA TYR F 159 -39.19 -9.21 -31.63
C TYR F 159 -40.02 -9.61 -32.85
N PRO F 160 -40.02 -10.86 -33.31
CA PRO F 160 -40.73 -11.15 -34.56
C PRO F 160 -42.25 -11.08 -34.45
N LYS F 161 -42.79 -11.03 -33.24
CA LYS F 161 -44.22 -10.77 -33.07
C LYS F 161 -44.57 -9.37 -33.55
N TYR F 162 -43.69 -8.40 -33.29
CA TYR F 162 -43.95 -7.02 -33.61
C TYR F 162 -43.19 -6.49 -34.82
N SER F 163 -42.38 -7.33 -35.47
CA SER F 163 -41.55 -6.86 -36.57
C SER F 163 -42.34 -6.30 -37.75
N GLU F 164 -43.43 -6.96 -38.14
CA GLU F 164 -44.15 -6.56 -39.34
C GLU F 164 -44.83 -5.20 -39.19
N GLU F 165 -45.53 -4.97 -38.08
CA GLU F 165 -46.16 -3.67 -37.86
C GLU F 165 -45.11 -2.58 -37.66
N SER F 166 -43.98 -2.93 -37.03
CA SER F 166 -42.89 -1.97 -36.90
C SER F 166 -42.32 -1.57 -38.24
N LYS F 167 -42.16 -2.52 -39.16
CA LYS F 167 -41.70 -2.20 -40.51
C LYS F 167 -42.73 -1.34 -41.23
N LEU F 168 -44.01 -1.66 -41.07
CA LEU F 168 -45.05 -0.87 -41.73
C LEU F 168 -45.03 0.58 -41.25
N ASN F 169 -44.88 0.78 -39.94
CA ASN F 169 -44.88 2.12 -39.36
C ASN F 169 -43.55 2.84 -39.52
N ARG F 170 -42.45 2.12 -39.77
CA ARG F 170 -41.14 2.74 -39.86
C ARG F 170 -40.86 3.25 -41.26
N GLU F 171 -41.22 2.46 -42.28
CA GLU F 171 -41.05 2.86 -43.67
C GLU F 171 -42.23 3.75 -44.10
N LYS F 172 -42.31 4.90 -43.45
CA LYS F 172 -43.38 5.85 -43.74
C LYS F 172 -42.90 6.93 -44.70
N GLU G 2 9.35 43.50 -30.11
CA GLU G 2 8.22 42.60 -30.33
C GLU G 2 6.94 43.39 -30.54
N LYS G 3 6.66 43.76 -31.78
CA LYS G 3 5.49 44.55 -32.11
C LYS G 3 4.74 43.94 -33.29
N LEU G 4 3.42 44.07 -33.26
CA LEU G 4 2.55 43.60 -34.32
C LEU G 4 1.95 44.80 -35.02
N VAL G 5 2.01 44.83 -36.35
CA VAL G 5 1.46 45.92 -37.15
C VAL G 5 0.37 45.36 -38.05
N GLU G 6 -0.79 46.00 -38.04
CA GLU G 6 -1.97 45.53 -38.76
C GLU G 6 -2.25 46.42 -39.96
N SER G 7 -2.84 45.83 -41.00
CA SER G 7 -3.13 46.56 -42.23
C SER G 7 -4.14 45.82 -43.09
N GLY G 8 -4.63 46.46 -44.14
CA GLY G 8 -5.48 45.82 -45.12
C GLY G 8 -6.97 46.02 -44.93
N GLY G 9 -7.41 46.93 -44.07
CA GLY G 9 -8.82 47.16 -43.84
C GLY G 9 -9.25 48.53 -44.34
N GLY G 10 -10.54 48.68 -44.56
CA GLY G 10 -11.09 49.94 -45.02
C GLY G 10 -12.59 49.89 -45.21
N LEU G 11 -13.10 50.68 -46.14
CA LEU G 11 -14.52 50.69 -46.46
C LEU G 11 -14.79 49.72 -47.59
N VAL G 12 -15.63 48.72 -47.33
CA VAL G 12 -15.99 47.72 -48.33
C VAL G 12 -17.50 47.58 -48.35
N GLN G 13 -18.04 47.27 -49.52
CA GLN G 13 -19.48 47.13 -49.67
C GLN G 13 -19.98 45.82 -49.07
N SER G 14 -21.27 45.80 -48.74
CA SER G 14 -21.88 44.60 -48.18
C SER G 14 -21.76 43.44 -49.16
N GLY G 15 -21.48 42.26 -48.63
CA GLY G 15 -21.28 41.09 -49.46
C GLY G 15 -19.91 40.99 -50.10
N GLY G 16 -19.00 41.91 -49.79
CA GLY G 16 -17.67 41.90 -50.35
C GLY G 16 -16.72 41.04 -49.54
N SER G 17 -15.43 41.33 -49.70
CA SER G 17 -14.39 40.58 -49.02
C SER G 17 -13.21 41.49 -48.72
N LEU G 18 -12.48 41.15 -47.66
CA LEU G 18 -11.26 41.82 -47.27
C LEU G 18 -10.23 40.79 -46.84
N ARG G 19 -8.97 41.21 -46.76
CA ARG G 19 -7.91 40.34 -46.26
C ARG G 19 -7.04 41.18 -45.33
N LEU G 20 -7.35 41.15 -44.04
CA LEU G 20 -6.52 41.85 -43.07
C LEU G 20 -5.25 41.07 -42.84
N SER G 21 -4.15 41.78 -42.65
CA SER G 21 -2.85 41.15 -42.46
C SER G 21 -2.15 41.80 -41.27
N CYS G 22 -1.43 40.97 -40.52
CA CYS G 22 -0.65 41.44 -39.38
C CYS G 22 0.76 40.89 -39.48
N VAL G 23 1.73 41.78 -39.35
CA VAL G 23 3.15 41.43 -39.44
C VAL G 23 3.78 41.63 -38.08
N GLY G 24 4.49 40.60 -37.61
CA GLY G 24 5.15 40.63 -36.32
C GLY G 24 6.66 40.77 -36.48
N SER G 25 7.21 41.78 -35.81
CA SER G 25 8.64 42.04 -35.83
C SER G 25 9.18 41.89 -34.42
N GLY G 26 10.27 41.14 -34.29
CA GLY G 26 10.88 40.89 -33.00
C GLY G 26 10.76 39.47 -32.49
N PHE G 27 10.08 38.57 -33.20
CA PHE G 27 9.91 37.19 -32.75
C PHE G 27 9.51 36.34 -33.95
N ASP G 28 9.45 35.03 -33.71
CA ASP G 28 9.08 34.06 -34.73
C ASP G 28 7.68 33.53 -34.45
N LEU G 29 6.90 33.35 -35.52
CA LEU G 29 5.53 32.90 -35.39
C LEU G 29 5.40 31.38 -35.27
N SER G 30 6.50 30.65 -35.43
CA SER G 30 6.41 29.19 -35.46
C SER G 30 6.09 28.56 -34.11
N ASP G 31 6.18 29.33 -33.02
CA ASP G 31 5.94 28.76 -31.70
C ASP G 31 4.97 29.58 -30.87
N ASN G 32 4.10 30.38 -31.50
CA ASN G 32 3.13 31.19 -30.80
C ASN G 32 1.76 31.02 -31.45
N ALA G 33 0.72 31.09 -30.62
CA ALA G 33 -0.65 31.05 -31.09
C ALA G 33 -1.20 32.47 -31.17
N PHE G 34 -2.07 32.70 -32.15
CA PHE G 34 -2.52 34.05 -32.45
C PHE G 34 -4.03 34.10 -32.48
N THR G 35 -4.57 35.32 -32.41
CA THR G 35 -6.01 35.51 -32.42
C THR G 35 -6.35 36.86 -33.04
N TRP G 36 -7.54 36.93 -33.61
CA TRP G 36 -8.13 38.16 -34.09
C TRP G 36 -9.36 38.45 -33.26
N VAL G 37 -9.44 39.68 -32.72
CA VAL G 37 -10.50 40.13 -31.84
C VAL G 37 -11.05 41.42 -32.42
N ARG G 38 -12.34 41.69 -32.18
CA ARG G 38 -12.93 42.91 -32.72
C ARG G 38 -13.70 43.64 -31.63
N GLN G 39 -13.68 44.96 -31.71
CA GLN G 39 -14.51 45.83 -30.90
C GLN G 39 -15.53 46.52 -31.80
N ALA G 40 -16.80 46.19 -31.61
CA ALA G 40 -17.85 46.87 -32.34
C ALA G 40 -18.10 48.24 -31.74
N PRO G 41 -18.53 49.22 -32.55
CA PRO G 41 -18.86 50.53 -31.99
C PRO G 41 -20.01 50.45 -31.00
N GLY G 42 -19.78 50.89 -29.77
CA GLY G 42 -20.79 50.78 -28.74
C GLY G 42 -20.92 49.40 -28.12
N LYS G 43 -19.88 48.58 -28.22
CA LYS G 43 -19.89 47.24 -27.66
C LYS G 43 -18.50 46.89 -27.14
N GLY G 44 -18.43 45.84 -26.34
CA GLY G 44 -17.18 45.39 -25.79
C GLY G 44 -16.37 44.54 -26.76
N LEU G 45 -15.18 44.15 -26.31
CA LEU G 45 -14.33 43.31 -27.13
C LEU G 45 -14.95 41.94 -27.35
N GLU G 46 -14.91 41.46 -28.58
CA GLU G 46 -15.50 40.18 -28.95
C GLU G 46 -14.45 39.34 -29.67
N TRP G 47 -14.32 38.09 -29.25
CA TRP G 47 -13.43 37.15 -29.92
C TRP G 47 -13.95 36.84 -31.32
N VAL G 48 -13.03 36.76 -32.29
CA VAL G 48 -13.38 36.49 -33.68
C VAL G 48 -12.79 35.16 -34.15
N ALA G 49 -11.47 35.02 -34.06
CA ALA G 49 -10.84 33.80 -34.54
C ALA G 49 -9.54 33.57 -33.79
N THR G 50 -9.06 32.32 -33.83
CA THR G 50 -7.77 31.99 -33.24
C THR G 50 -7.12 30.84 -34.01
N ILE G 51 -5.79 30.85 -34.01
CA ILE G 51 -4.96 29.87 -34.68
C ILE G 51 -3.88 29.40 -33.72
N SER G 52 -3.57 28.11 -33.80
CA SER G 52 -2.68 27.45 -32.86
C SER G 52 -1.22 27.76 -33.18
N THR G 53 -0.32 27.10 -32.45
CA THR G 53 1.10 27.40 -32.56
C THR G 53 1.66 27.00 -33.93
N ASN G 54 1.31 25.81 -34.40
CA ASN G 54 1.79 25.31 -35.67
C ASN G 54 0.86 25.61 -36.84
N GLY G 55 -0.27 26.26 -36.59
CA GLY G 55 -1.22 26.57 -37.64
C GLY G 55 -2.19 25.46 -37.97
N GLY G 56 -2.05 24.30 -37.36
CA GLY G 56 -2.93 23.18 -37.65
C GLY G 56 -4.36 23.38 -37.16
N SER G 57 -4.50 23.85 -35.94
CA SER G 57 -5.81 24.03 -35.31
C SER G 57 -6.31 25.44 -35.54
N THR G 58 -7.61 25.55 -35.83
CA THR G 58 -8.24 26.83 -36.11
C THR G 58 -9.63 26.87 -35.50
N TYR G 59 -9.94 27.96 -34.80
CA TYR G 59 -11.24 28.11 -34.17
C TYR G 59 -11.84 29.45 -34.53
N TYR G 60 -13.15 29.45 -34.76
CA TYR G 60 -13.90 30.62 -35.19
C TYR G 60 -15.08 30.85 -34.26
N ALA G 61 -15.44 32.12 -34.11
CA ALA G 61 -16.64 32.46 -33.36
C ALA G 61 -17.88 31.95 -34.07
N ASP G 62 -18.91 31.65 -33.29
CA ASP G 62 -20.14 31.08 -33.86
C ASP G 62 -20.86 32.06 -34.79
N SER G 63 -20.59 33.36 -34.67
CA SER G 63 -21.26 34.34 -35.50
C SER G 63 -20.58 34.54 -36.85
N VAL G 64 -19.30 34.22 -36.97
CA VAL G 64 -18.53 34.45 -38.19
C VAL G 64 -18.05 33.15 -38.81
N THR G 65 -18.52 32.01 -38.32
CA THR G 65 -18.09 30.72 -38.86
C THR G 65 -18.56 30.56 -40.31
N GLY G 66 -17.70 29.95 -41.12
CA GLY G 66 -17.99 29.73 -42.52
C GLY G 66 -17.68 30.89 -43.43
N ARG G 67 -17.39 32.07 -42.88
CA ARG G 67 -17.07 33.25 -43.68
C ARG G 67 -15.68 33.80 -43.44
N PHE G 68 -15.05 33.48 -42.32
CA PHE G 68 -13.74 33.99 -41.96
C PHE G 68 -12.74 32.85 -42.03
N THR G 69 -11.50 33.16 -42.44
CA THR G 69 -10.44 32.17 -42.51
C THR G 69 -9.15 32.80 -42.00
N ILE G 70 -8.63 32.30 -40.89
CA ILE G 70 -7.38 32.79 -40.35
C ILE G 70 -6.27 31.83 -40.72
N SER G 71 -5.19 32.36 -41.30
CA SER G 71 -4.08 31.56 -41.76
C SER G 71 -2.77 32.21 -41.31
N LYS G 72 -1.70 31.43 -41.34
CA LYS G 72 -0.38 31.88 -40.92
C LYS G 72 0.62 31.60 -42.02
N ASP G 73 1.42 32.61 -42.35
CA ASP G 73 2.54 32.47 -43.27
C ASP G 73 3.82 32.71 -42.49
N ASN G 74 4.53 31.63 -42.16
CA ASN G 74 5.73 31.74 -41.34
C ASN G 74 6.89 32.34 -42.09
N SER G 75 6.95 32.13 -43.41
CA SER G 75 8.05 32.68 -44.20
C SER G 75 8.05 34.20 -44.17
N ARG G 76 6.87 34.81 -44.29
CA ARG G 76 6.74 36.26 -44.29
C ARG G 76 6.46 36.82 -42.89
N ASN G 77 6.33 35.94 -41.90
CA ASN G 77 5.95 36.33 -40.54
C ASN G 77 4.67 37.14 -40.56
N THR G 78 3.62 36.54 -41.11
CA THR G 78 2.36 37.25 -41.30
C THR G 78 1.20 36.36 -40.87
N ILE G 79 0.15 36.99 -40.35
CA ILE G 79 -1.09 36.34 -39.98
C ILE G 79 -2.20 37.00 -40.79
N TYR G 80 -2.96 36.21 -41.53
CA TYR G 80 -3.98 36.70 -42.42
C TYR G 80 -5.37 36.35 -41.89
N LEU G 81 -6.29 37.29 -42.02
CA LEU G 81 -7.71 37.06 -41.76
C LEU G 81 -8.44 37.39 -43.06
N GLN G 82 -8.85 36.35 -43.78
CA GLN G 82 -9.62 36.51 -45.00
C GLN G 82 -11.10 36.52 -44.64
N MET G 83 -11.74 37.66 -44.85
CA MET G 83 -13.14 37.87 -44.50
C MET G 83 -13.99 37.93 -45.76
N ASN G 84 -15.00 37.07 -45.80
CA ASN G 84 -15.82 36.91 -46.98
C ASN G 84 -17.29 37.06 -46.61
N SER G 85 -18.08 37.55 -47.56
CA SER G 85 -19.52 37.72 -47.39
C SER G 85 -19.82 38.59 -46.17
N LEU G 86 -19.21 39.76 -46.14
CA LEU G 86 -19.34 40.66 -45.00
C LEU G 86 -20.73 41.25 -44.91
N ARG G 87 -21.22 41.36 -43.69
CA ARG G 87 -22.56 41.90 -43.40
C ARG G 87 -22.38 43.18 -42.58
N THR G 88 -23.46 43.90 -42.30
CA THR G 88 -23.41 45.18 -41.60
C THR G 88 -22.90 45.04 -40.18
N GLU G 89 -23.11 43.87 -39.56
CA GLU G 89 -22.66 43.64 -38.19
C GLU G 89 -21.14 43.51 -38.08
N ASP G 90 -20.43 43.45 -39.20
CA ASP G 90 -18.99 43.28 -39.19
C ASP G 90 -18.22 44.58 -39.00
N THR G 91 -18.91 45.72 -38.95
CA THR G 91 -18.25 47.00 -38.70
C THR G 91 -17.61 46.99 -37.32
N ALA G 92 -16.29 47.16 -37.28
CA ALA G 92 -15.60 47.06 -36.00
C ALA G 92 -14.18 47.59 -36.14
N HIS G 93 -13.45 47.52 -35.03
CA HIS G 93 -12.02 47.78 -34.95
C HIS G 93 -11.36 46.45 -34.63
N TYR G 94 -10.47 45.99 -35.50
CA TYR G 94 -9.90 44.65 -35.42
C TYR G 94 -8.49 44.71 -34.86
N TYR G 95 -8.21 43.86 -33.90
CA TYR G 95 -6.90 43.74 -33.27
C TYR G 95 -6.37 42.33 -33.48
N CYS G 96 -5.08 42.24 -33.78
CA CYS G 96 -4.38 40.96 -33.83
C CYS G 96 -3.55 40.82 -32.57
N ALA G 97 -3.75 39.73 -31.84
CA ALA G 97 -3.11 39.54 -30.55
C ALA G 97 -2.39 38.20 -30.54
N ARG G 98 -1.35 38.12 -29.73
CA ARG G 98 -0.54 36.93 -29.57
C ARG G 98 -0.75 36.34 -28.19
N TYR G 99 -1.08 35.06 -28.14
CA TYR G 99 -1.31 34.38 -26.88
C TYR G 99 0.00 34.19 -26.14
N LYS G 100 -0.06 34.34 -24.81
CA LYS G 100 1.09 34.07 -23.97
C LYS G 100 1.43 32.58 -23.97
N VAL G 101 2.72 32.29 -23.87
CA VAL G 101 3.17 30.90 -23.96
C VAL G 101 2.82 30.18 -22.66
N CYS G 102 1.97 29.17 -22.76
CA CYS G 102 1.71 28.24 -21.67
C CYS G 102 1.82 26.82 -22.21
N HIS G 103 2.30 25.91 -21.38
CA HIS G 103 2.50 24.51 -21.75
C HIS G 103 1.95 23.65 -20.62
N ARG G 104 0.79 23.05 -20.86
CA ARG G 104 0.16 22.17 -19.88
C ARG G 104 0.26 20.73 -20.37
N TYR G 105 1.12 19.95 -19.72
CA TYR G 105 1.26 18.51 -20.00
C TYR G 105 1.60 18.26 -21.47
N GLY G 106 2.50 19.09 -22.01
CA GLY G 106 2.95 18.96 -23.36
C GLY G 106 2.06 19.61 -24.40
N LEU G 107 0.98 20.26 -23.99
CA LEU G 107 0.06 20.91 -24.90
C LEU G 107 0.18 22.43 -24.81
N SER G 108 -0.04 23.09 -25.93
CA SER G 108 -0.09 24.54 -25.94
C SER G 108 -1.39 25.03 -25.30
N CYS G 109 -1.30 26.18 -24.65
CA CYS G 109 -2.37 26.69 -23.81
C CYS G 109 -3.08 27.86 -24.50
N TYR G 110 -4.20 28.24 -23.90
CA TYR G 110 -4.86 29.52 -24.14
C TYR G 110 -5.33 30.11 -22.81
N TYR G 111 -4.56 29.88 -21.75
CA TYR G 111 -4.95 30.29 -20.40
C TYR G 111 -4.74 31.76 -20.14
N TYR G 112 -3.49 32.24 -20.26
CA TYR G 112 -3.08 33.53 -19.74
C TYR G 112 -3.54 34.71 -20.57
N GLY G 113 -4.13 34.46 -21.74
CA GLY G 113 -4.62 35.54 -22.55
C GLY G 113 -3.61 36.00 -23.58
N MET G 114 -3.64 37.29 -23.92
CA MET G 114 -2.82 37.85 -24.99
C MET G 114 -1.82 38.82 -24.39
N ASP G 115 -0.55 38.66 -24.76
CA ASP G 115 0.49 39.52 -24.20
C ASP G 115 0.81 40.69 -25.13
N ARG G 116 0.88 40.45 -26.43
CA ARG G 116 1.15 41.49 -27.41
C ARG G 116 -0.07 41.71 -28.27
N TRP G 117 -0.60 42.92 -28.27
CA TRP G 117 -1.71 43.30 -29.12
C TRP G 117 -1.20 44.17 -30.27
N GLY G 118 -2.10 44.47 -31.20
CA GLY G 118 -1.78 45.34 -32.30
C GLY G 118 -2.54 46.64 -32.21
N PRO G 119 -2.10 47.66 -32.95
CA PRO G 119 -2.78 48.95 -32.91
C PRO G 119 -4.23 48.88 -33.37
N GLY G 120 -4.55 48.01 -34.31
CA GLY G 120 -5.91 47.84 -34.77
C GLY G 120 -6.13 48.45 -36.15
N VAL G 121 -7.16 47.96 -36.82
CA VAL G 121 -7.54 48.41 -38.15
C VAL G 121 -9.05 48.55 -38.17
N GLU G 122 -9.54 49.70 -38.63
CA GLU G 122 -10.97 49.97 -38.62
C GLU G 122 -11.60 49.47 -39.91
N VAL G 123 -12.48 48.47 -39.80
CA VAL G 123 -13.17 47.93 -40.96
C VAL G 123 -14.63 48.35 -40.88
N VAL G 124 -15.11 49.04 -41.92
CA VAL G 124 -16.48 49.54 -41.97
C VAL G 124 -17.13 49.04 -43.25
N VAL G 125 -18.36 48.55 -43.14
CA VAL G 125 -19.16 48.13 -44.28
C VAL G 125 -20.47 48.89 -44.24
N SER G 126 -21.08 49.03 -45.42
CA SER G 126 -22.32 49.77 -45.54
C SER G 126 -22.99 49.38 -46.85
N SER G 127 -24.23 49.81 -47.02
CA SER G 127 -24.99 49.59 -48.25
C SER G 127 -25.64 50.89 -48.71
N ALA G 128 -24.87 51.97 -48.73
CA ALA G 128 -25.36 53.28 -49.10
C ALA G 128 -24.50 53.86 -50.21
N GLU H 2 8.71 -43.77 -29.89
CA GLU H 2 7.83 -42.72 -30.39
C GLU H 2 8.23 -42.31 -31.80
N LYS H 3 7.56 -42.88 -32.80
CA LYS H 3 7.86 -42.58 -34.19
C LYS H 3 6.56 -42.39 -34.98
N LEU H 4 6.65 -41.53 -36.00
CA LEU H 4 5.56 -41.25 -36.91
C LEU H 4 5.87 -41.80 -38.28
N VAL H 5 4.93 -42.52 -38.87
CA VAL H 5 5.10 -43.12 -40.19
C VAL H 5 4.03 -42.57 -41.11
N GLU H 6 4.43 -42.08 -42.27
CA GLU H 6 3.53 -41.39 -43.20
C GLU H 6 3.34 -42.21 -44.46
N SER H 7 2.15 -42.10 -45.05
CA SER H 7 1.81 -42.83 -46.26
C SER H 7 0.62 -42.16 -46.93
N GLY H 8 0.21 -42.71 -48.06
CA GLY H 8 -0.97 -42.27 -48.75
C GLY H 8 -0.76 -41.28 -49.87
N GLY H 9 0.48 -41.00 -50.25
CA GLY H 9 0.72 -40.05 -51.32
C GLY H 9 1.39 -40.65 -52.54
N GLY H 10 1.30 -39.96 -53.66
CA GLY H 10 1.91 -40.43 -54.89
C GLY H 10 1.71 -39.47 -56.05
N LEU H 11 1.54 -40.02 -57.24
CA LEU H 11 1.30 -39.21 -58.43
C LEU H 11 -0.20 -39.03 -58.62
N VAL H 12 -0.67 -37.79 -58.57
CA VAL H 12 -2.07 -37.46 -58.79
C VAL H 12 -2.13 -36.34 -59.82
N GLN H 13 -3.25 -36.27 -60.52
CA GLN H 13 -3.45 -35.28 -61.56
C GLN H 13 -4.00 -33.98 -60.98
N SER H 14 -3.84 -32.90 -61.75
CA SER H 14 -4.32 -31.60 -61.32
C SER H 14 -5.83 -31.63 -61.11
N GLY H 15 -6.28 -30.95 -60.06
CA GLY H 15 -7.70 -30.94 -59.74
C GLY H 15 -8.20 -32.18 -59.05
N GLY H 16 -7.31 -33.10 -58.69
CA GLY H 16 -7.71 -34.34 -58.05
C GLY H 16 -7.71 -34.22 -56.53
N SER H 17 -7.60 -35.36 -55.87
CA SER H 17 -7.63 -35.40 -54.42
C SER H 17 -6.75 -36.52 -53.90
N LEU H 18 -6.23 -36.34 -52.69
CA LEU H 18 -5.41 -37.31 -52.00
C LEU H 18 -5.74 -37.30 -50.53
N ARG H 19 -5.28 -38.32 -49.81
CA ARG H 19 -5.48 -38.41 -48.36
C ARG H 19 -4.18 -38.90 -47.74
N LEU H 20 -3.36 -37.97 -47.28
CA LEU H 20 -2.14 -38.33 -46.56
C LEU H 20 -2.52 -38.82 -45.17
N SER H 21 -1.82 -39.85 -44.70
CA SER H 21 -2.14 -40.47 -43.42
C SER H 21 -0.85 -40.72 -42.64
N CYS H 22 -0.86 -40.35 -41.37
CA CYS H 22 0.28 -40.56 -40.48
C CYS H 22 -0.16 -41.38 -39.28
N VAL H 23 0.67 -42.35 -38.91
CA VAL H 23 0.40 -43.25 -37.80
C VAL H 23 1.50 -43.06 -36.76
N GLY H 24 1.09 -42.90 -35.51
CA GLY H 24 2.05 -42.70 -34.44
C GLY H 24 2.14 -43.87 -33.49
N SER H 25 3.34 -44.40 -33.31
CA SER H 25 3.58 -45.54 -32.45
C SER H 25 4.47 -45.12 -31.29
N GLY H 26 4.08 -45.49 -30.07
CA GLY H 26 4.83 -45.15 -28.89
C GLY H 26 4.24 -44.07 -28.03
N PHE H 27 3.07 -43.53 -28.38
CA PHE H 27 2.44 -42.49 -27.59
C PHE H 27 0.98 -42.39 -27.98
N ASP H 28 0.25 -41.52 -27.30
CA ASP H 28 -1.15 -41.28 -27.54
C ASP H 28 -1.35 -39.89 -28.14
N LEU H 29 -2.30 -39.79 -29.06
CA LEU H 29 -2.59 -38.52 -29.73
C LEU H 29 -3.61 -37.67 -28.98
N SER H 30 -4.10 -38.13 -27.82
CA SER H 30 -5.16 -37.42 -27.13
C SER H 30 -4.69 -36.13 -26.48
N ASP H 31 -3.38 -35.95 -26.25
CA ASP H 31 -2.88 -34.78 -25.55
C ASP H 31 -1.68 -34.19 -26.29
N ASN H 32 -1.70 -34.30 -27.62
CA ASN H 32 -0.61 -33.79 -28.44
C ASN H 32 -1.20 -33.06 -29.64
N ALA H 33 -0.57 -31.95 -30.02
CA ALA H 33 -0.94 -31.18 -31.19
C ALA H 33 -0.06 -31.59 -32.36
N PHE H 34 -0.64 -31.64 -33.55
CA PHE H 34 0.08 -32.15 -34.71
C PHE H 34 -0.01 -31.15 -35.85
N THR H 35 0.88 -31.32 -36.83
CA THR H 35 0.97 -30.39 -37.93
C THR H 35 1.47 -31.09 -39.18
N TRP H 36 1.11 -30.54 -40.33
CA TRP H 36 1.63 -30.95 -41.62
C TRP H 36 2.40 -29.78 -42.22
N VAL H 37 3.65 -30.05 -42.61
CA VAL H 37 4.56 -29.04 -43.15
C VAL H 37 5.21 -29.60 -44.40
N ARG H 38 5.27 -28.80 -45.46
CA ARG H 38 5.75 -29.27 -46.74
C ARG H 38 7.01 -28.54 -47.15
N GLN H 39 7.87 -29.24 -47.89
CA GLN H 39 9.05 -28.66 -48.51
C GLN H 39 8.91 -28.79 -50.03
N ALA H 40 8.91 -27.65 -50.71
CA ALA H 40 8.82 -27.66 -52.17
C ALA H 40 10.22 -27.82 -52.76
N PRO H 41 10.32 -28.38 -53.97
CA PRO H 41 11.63 -28.46 -54.64
C PRO H 41 12.27 -27.09 -54.81
N GLY H 42 13.44 -26.90 -54.21
CA GLY H 42 14.14 -25.63 -54.32
C GLY H 42 13.65 -24.56 -53.38
N LYS H 43 12.82 -24.91 -52.40
CA LYS H 43 12.31 -23.96 -51.42
C LYS H 43 12.47 -24.55 -50.02
N GLY H 44 12.28 -23.71 -49.02
CA GLY H 44 12.38 -24.15 -47.64
C GLY H 44 11.10 -24.79 -47.15
N LEU H 45 11.14 -25.24 -45.89
CA LEU H 45 9.98 -25.87 -45.28
C LEU H 45 8.90 -24.83 -45.05
N GLU H 46 7.66 -25.17 -45.39
CA GLU H 46 6.53 -24.27 -45.26
C GLU H 46 5.40 -24.96 -44.52
N TRP H 47 4.87 -24.28 -43.51
CA TRP H 47 3.76 -24.79 -42.71
C TRP H 47 2.50 -24.88 -43.55
N VAL H 48 1.78 -25.99 -43.42
CA VAL H 48 0.57 -26.26 -44.19
C VAL H 48 -0.67 -26.27 -43.30
N ALA H 49 -0.67 -27.10 -42.27
CA ALA H 49 -1.84 -27.20 -41.42
C ALA H 49 -1.44 -27.60 -40.01
N THR H 50 -2.32 -27.32 -39.06
CA THR H 50 -2.09 -27.74 -37.68
C THR H 50 -3.42 -28.02 -36.99
N ILE H 51 -3.42 -29.03 -36.13
CA ILE H 51 -4.57 -29.42 -35.34
C ILE H 51 -4.16 -29.47 -33.87
N SER H 52 -5.06 -29.04 -33.01
CA SER H 52 -4.76 -28.85 -31.59
C SER H 52 -4.79 -30.19 -30.87
N THR H 53 -4.70 -30.14 -29.53
CA THR H 53 -4.56 -31.35 -28.75
C THR H 53 -5.83 -32.19 -28.76
N ASN H 54 -6.98 -31.56 -28.56
CA ASN H 54 -8.25 -32.25 -28.52
C ASN H 54 -8.93 -32.34 -29.88
N GLY H 55 -8.35 -31.72 -30.92
CA GLY H 55 -8.93 -31.74 -32.24
C GLY H 55 -9.92 -30.64 -32.51
N GLY H 56 -10.30 -29.86 -31.50
CA GLY H 56 -11.28 -28.81 -31.68
C GLY H 56 -10.81 -27.67 -32.56
N SER H 57 -9.57 -27.24 -32.38
CA SER H 57 -9.01 -26.14 -33.14
C SER H 57 -8.27 -26.66 -34.36
N THR H 58 -8.30 -25.86 -35.43
CA THR H 58 -7.69 -26.23 -36.69
C THR H 58 -7.25 -24.97 -37.42
N TYR H 59 -6.01 -24.97 -37.90
CA TYR H 59 -5.47 -23.80 -38.59
C TYR H 59 -4.84 -24.24 -39.90
N TYR H 60 -4.99 -23.41 -40.92
CA TYR H 60 -4.54 -23.72 -42.27
C TYR H 60 -3.73 -22.56 -42.82
N ALA H 61 -2.76 -22.88 -43.67
CA ALA H 61 -2.00 -21.85 -44.36
C ALA H 61 -2.89 -21.11 -45.35
N ASP H 62 -2.51 -19.88 -45.65
CA ASP H 62 -3.31 -19.05 -46.55
C ASP H 62 -3.40 -19.63 -47.96
N SER H 63 -2.39 -20.38 -48.38
CA SER H 63 -2.37 -20.91 -49.74
C SER H 63 -3.19 -22.19 -49.90
N VAL H 64 -3.60 -22.82 -48.81
CA VAL H 64 -4.30 -24.10 -48.90
C VAL H 64 -5.61 -24.06 -48.12
N THR H 65 -6.07 -22.85 -47.80
CA THR H 65 -7.33 -22.71 -47.10
C THR H 65 -8.50 -23.04 -48.02
N GLY H 66 -9.46 -23.80 -47.49
CA GLY H 66 -10.61 -24.22 -48.26
C GLY H 66 -10.39 -25.47 -49.10
N ARG H 67 -9.16 -25.98 -49.17
CA ARG H 67 -8.85 -27.18 -49.92
C ARG H 67 -8.31 -28.30 -49.07
N PHE H 68 -7.74 -27.99 -47.92
CA PHE H 68 -7.07 -28.97 -47.07
C PHE H 68 -7.89 -29.14 -45.79
N THR H 69 -8.04 -30.39 -45.35
CA THR H 69 -8.75 -30.68 -44.11
C THR H 69 -7.90 -31.63 -43.29
N ILE H 70 -7.44 -31.18 -42.12
CA ILE H 70 -6.67 -32.01 -41.21
C ILE H 70 -7.60 -32.53 -40.13
N SER H 71 -7.53 -33.82 -39.86
CA SER H 71 -8.38 -34.46 -38.87
C SER H 71 -7.57 -35.47 -38.08
N LYS H 72 -8.12 -35.90 -36.95
CA LYS H 72 -7.44 -36.82 -36.05
C LYS H 72 -8.39 -37.93 -35.64
N ASP H 73 -7.91 -39.18 -35.75
CA ASP H 73 -8.61 -40.35 -35.25
C ASP H 73 -7.81 -40.91 -34.08
N ASN H 74 -8.28 -40.64 -32.86
CA ASN H 74 -7.57 -41.07 -31.67
C ASN H 74 -7.63 -42.57 -31.48
N SER H 75 -8.75 -43.19 -31.87
CA SER H 75 -8.89 -44.64 -31.70
C SER H 75 -7.86 -45.39 -32.54
N ARG H 76 -7.63 -44.96 -33.77
CA ARG H 76 -6.68 -45.60 -34.66
C ARG H 76 -5.28 -45.01 -34.54
N ASN H 77 -5.08 -44.00 -33.70
CA ASN H 77 -3.81 -43.28 -33.59
C ASN H 77 -3.34 -42.80 -34.96
N THR H 78 -4.22 -42.07 -35.64
CA THR H 78 -3.96 -41.67 -37.02
C THR H 78 -4.28 -40.19 -37.21
N ILE H 79 -3.55 -39.55 -38.11
CA ILE H 79 -3.73 -38.15 -38.45
C ILE H 79 -3.89 -38.05 -39.96
N TYR H 80 -4.97 -37.40 -40.39
CA TYR H 80 -5.35 -37.37 -41.80
C TYR H 80 -5.22 -35.96 -42.35
N LEU H 81 -4.65 -35.86 -43.55
CA LEU H 81 -4.62 -34.62 -44.32
C LEU H 81 -5.33 -34.91 -45.63
N GLN H 82 -6.60 -34.46 -45.71
CA GLN H 82 -7.39 -34.63 -46.94
C GLN H 82 -7.10 -33.43 -47.83
N MET H 83 -6.48 -33.66 -48.96
CA MET H 83 -6.15 -32.58 -49.91
C MET H 83 -7.08 -32.69 -51.10
N ASN H 84 -7.93 -31.68 -51.29
CA ASN H 84 -8.87 -31.63 -52.44
C ASN H 84 -8.43 -30.45 -53.30
N SER H 85 -8.75 -30.43 -54.59
CA SER H 85 -8.30 -29.38 -55.52
C SER H 85 -6.77 -29.26 -55.47
N LEU H 86 -6.07 -30.25 -56.02
CA LEU H 86 -4.60 -30.24 -55.92
C LEU H 86 -4.02 -29.55 -57.15
N ARG H 87 -3.52 -28.33 -56.99
CA ARG H 87 -2.85 -27.59 -58.08
C ARG H 87 -1.39 -28.03 -58.18
N THR H 88 -0.59 -27.37 -59.01
CA THR H 88 0.80 -27.80 -59.29
C THR H 88 1.74 -27.29 -58.23
N GLU H 89 1.39 -26.21 -57.55
CA GLU H 89 2.22 -25.68 -56.46
C GLU H 89 2.19 -26.60 -55.23
N ASP H 90 1.41 -27.67 -55.29
CA ASP H 90 1.27 -28.61 -54.16
C ASP H 90 2.33 -29.71 -54.27
N THR H 91 3.12 -29.71 -55.34
CA THR H 91 4.19 -30.70 -55.50
C THR H 91 5.17 -30.44 -54.41
N ALA H 92 5.27 -31.35 -53.44
CA ALA H 92 6.15 -31.11 -52.31
C ALA H 92 6.34 -32.37 -51.48
N HIS H 93 7.35 -32.42 -50.63
CA HIS H 93 7.60 -33.48 -49.68
C HIS H 93 6.93 -33.10 -48.37
N TYR H 94 5.98 -33.91 -47.93
CA TYR H 94 5.13 -33.59 -46.78
C TYR H 94 5.63 -34.31 -45.53
N TYR H 95 5.58 -33.61 -44.41
CA TYR H 95 6.02 -34.12 -43.13
C TYR H 95 4.90 -33.93 -42.11
N CYS H 96 4.66 -34.95 -41.30
CA CYS H 96 3.75 -34.86 -40.18
C CYS H 96 4.56 -34.78 -38.90
N ALA H 97 4.32 -33.74 -38.12
CA ALA H 97 5.16 -33.44 -36.97
C ALA H 97 4.30 -33.24 -35.73
N ARG H 98 4.85 -33.61 -34.59
CA ARG H 98 4.22 -33.44 -33.29
C ARG H 98 4.81 -32.22 -32.60
N TYR H 99 3.95 -31.41 -32.01
CA TYR H 99 4.41 -30.27 -31.25
C TYR H 99 4.92 -30.71 -29.89
N LYS H 100 6.00 -30.08 -29.43
CA LYS H 100 6.47 -30.30 -28.08
C LYS H 100 5.43 -29.81 -27.08
N VAL H 101 5.29 -30.53 -25.97
CA VAL H 101 4.24 -30.26 -25.00
C VAL H 101 4.64 -29.03 -24.19
N CYS H 102 3.77 -28.03 -24.17
CA CYS H 102 3.91 -26.88 -23.30
C CYS H 102 2.53 -26.44 -22.84
N HIS H 103 2.51 -25.71 -21.73
CA HIS H 103 1.27 -25.26 -21.12
C HIS H 103 1.49 -23.88 -20.54
N ARG H 104 0.77 -22.88 -21.06
CA ARG H 104 0.86 -21.51 -20.58
C ARG H 104 -0.50 -21.13 -19.99
N TYR H 105 -0.55 -21.05 -18.66
CA TYR H 105 -1.73 -20.61 -17.93
C TYR H 105 -2.96 -21.47 -18.29
N GLY H 106 -2.77 -22.78 -18.29
CA GLY H 106 -3.84 -23.71 -18.52
C GLY H 106 -4.17 -23.96 -19.98
N LEU H 107 -3.42 -23.38 -20.90
CA LEU H 107 -3.65 -23.54 -22.32
C LEU H 107 -2.61 -24.49 -22.90
N SER H 108 -2.68 -24.69 -24.22
CA SER H 108 -1.70 -25.48 -24.95
C SER H 108 -1.07 -24.59 -26.01
N CYS H 109 0.22 -24.35 -25.86
CA CYS H 109 0.89 -23.39 -26.74
C CYS H 109 1.62 -24.12 -27.87
N TYR H 110 2.25 -23.35 -28.74
CA TYR H 110 3.03 -23.90 -29.83
C TYR H 110 4.45 -23.32 -29.81
N TYR H 111 4.91 -22.93 -28.62
CA TYR H 111 6.17 -22.21 -28.48
C TYR H 111 7.36 -23.06 -28.93
N TYR H 112 7.52 -24.23 -28.34
CA TYR H 112 8.79 -24.95 -28.44
C TYR H 112 9.00 -25.60 -29.79
N GLY H 113 7.97 -25.69 -30.60
CA GLY H 113 8.15 -26.20 -31.96
C GLY H 113 7.89 -27.67 -32.06
N MET H 114 8.26 -28.20 -33.29
CA MET H 114 8.01 -29.62 -33.57
C MET H 114 9.13 -30.49 -32.98
N ASP H 115 8.72 -31.61 -32.25
CA ASP H 115 9.75 -32.43 -31.58
C ASP H 115 9.93 -33.76 -32.32
N ARG H 116 8.85 -34.38 -32.77
CA ARG H 116 8.89 -35.62 -33.54
C ARG H 116 8.46 -35.33 -34.97
N TRP H 117 9.21 -35.84 -35.93
CA TRP H 117 8.88 -35.70 -37.34
C TRP H 117 8.72 -37.08 -37.95
N GLY H 118 8.28 -37.09 -39.21
CA GLY H 118 8.13 -38.32 -39.95
C GLY H 118 9.02 -38.32 -41.18
N PRO H 119 9.24 -39.50 -41.77
CA PRO H 119 10.11 -39.56 -42.95
C PRO H 119 9.58 -38.76 -44.13
N GLY H 120 8.27 -38.52 -44.20
CA GLY H 120 7.69 -37.72 -45.24
C GLY H 120 7.12 -38.56 -46.38
N VAL H 121 6.30 -37.90 -47.19
CA VAL H 121 5.68 -38.50 -48.36
C VAL H 121 5.80 -37.52 -49.52
N GLU H 122 6.28 -38.02 -50.65
CA GLU H 122 6.42 -37.18 -51.84
C GLU H 122 5.11 -37.13 -52.60
N VAL H 123 4.70 -35.92 -53.00
CA VAL H 123 3.46 -35.72 -53.73
C VAL H 123 3.78 -34.88 -54.96
N VAL H 124 3.49 -35.42 -56.14
CA VAL H 124 3.72 -34.74 -57.41
C VAL H 124 2.38 -34.57 -58.11
N VAL H 125 2.08 -33.35 -58.53
CA VAL H 125 0.84 -33.02 -59.22
C VAL H 125 1.17 -32.46 -60.59
N SER H 126 1.11 -33.32 -61.61
CA SER H 126 1.45 -32.93 -62.98
C SER H 126 0.22 -33.03 -63.86
N SER H 127 -0.07 -31.96 -64.60
CA SER H 127 -1.20 -31.94 -65.53
C SER H 127 -0.69 -32.27 -66.93
N ALA H 128 -0.20 -33.49 -67.08
CA ALA H 128 0.37 -33.94 -68.35
C ALA H 128 0.32 -35.45 -68.41
N SER H 129 0.47 -35.99 -69.61
CA SER H 129 0.45 -37.42 -69.83
C SER H 129 1.29 -37.81 -71.04
N THR I 2 10.31 -14.37 -44.27
CA THR I 2 10.54 -13.45 -43.17
C THR I 2 11.66 -13.93 -42.27
N VAL I 3 12.13 -15.15 -42.52
CA VAL I 3 13.25 -15.74 -41.79
C VAL I 3 14.36 -16.02 -42.80
N ILE I 4 15.56 -15.51 -42.51
CA ILE I 4 16.69 -15.55 -43.42
C ILE I 4 17.83 -16.32 -42.77
N GLN I 5 18.36 -17.31 -43.49
CA GLN I 5 19.55 -18.06 -43.13
C GLN I 5 20.60 -17.86 -44.22
N GLU I 6 21.71 -18.59 -44.10
CA GLU I 6 22.70 -18.56 -45.17
C GLU I 6 22.61 -19.82 -46.01
N PRO I 7 22.66 -19.71 -47.33
CA PRO I 7 22.30 -20.86 -48.18
C PRO I 7 23.16 -22.08 -47.96
N ALA I 8 24.47 -21.92 -47.73
CA ALA I 8 25.35 -23.07 -47.56
C ALA I 8 26.65 -22.63 -46.91
N MET I 9 27.18 -23.49 -46.04
CA MET I 9 28.50 -23.31 -45.45
C MET I 9 29.19 -24.67 -45.34
N SER I 10 30.50 -24.64 -45.10
CA SER I 10 31.29 -25.84 -45.01
C SER I 10 32.28 -25.72 -43.86
N VAL I 11 32.68 -26.86 -43.31
CA VAL I 11 33.65 -26.90 -42.22
C VAL I 11 34.45 -28.19 -42.33
N SER I 12 35.75 -28.12 -41.91
CA SER I 12 36.63 -29.28 -41.85
C SER I 12 36.36 -30.08 -40.58
N PRO I 13 36.56 -31.39 -40.62
CA PRO I 13 36.25 -32.21 -39.44
C PRO I 13 37.10 -31.81 -38.25
N GLY I 14 36.49 -31.86 -37.07
CA GLY I 14 37.14 -31.42 -35.86
C GLY I 14 37.12 -29.92 -35.63
N GLY I 15 36.55 -29.15 -36.55
CA GLY I 15 36.50 -27.70 -36.43
C GLY I 15 35.13 -27.24 -36.03
N THR I 16 35.07 -26.05 -35.43
CA THR I 16 33.80 -25.48 -34.98
C THR I 16 33.19 -24.61 -36.06
N VAL I 17 31.87 -24.43 -36.00
CA VAL I 17 31.13 -23.66 -36.98
C VAL I 17 29.91 -23.06 -36.30
N THR I 18 29.42 -21.95 -36.86
CA THR I 18 28.25 -21.27 -36.36
C THR I 18 27.30 -20.92 -37.50
N LEU I 19 26.03 -21.28 -37.34
CA LEU I 19 24.98 -20.98 -38.29
C LEU I 19 24.08 -19.91 -37.70
N THR I 20 23.64 -18.98 -38.55
CA THR I 20 22.88 -17.82 -38.11
C THR I 20 21.48 -17.84 -38.72
N CYS I 21 20.56 -17.22 -37.99
CA CYS I 21 19.16 -17.13 -38.38
C CYS I 21 18.63 -15.77 -37.94
N ALA I 22 17.99 -15.05 -38.85
CA ALA I 22 17.57 -13.69 -38.55
C ALA I 22 16.20 -13.42 -39.13
N PHE I 23 15.57 -12.36 -38.64
CA PHE I 23 14.32 -11.88 -39.21
C PHE I 23 14.59 -10.89 -40.33
N SER I 24 13.66 -10.83 -41.29
CA SER I 24 13.83 -9.92 -42.42
C SER I 24 13.80 -8.46 -41.95
N SER I 25 12.90 -8.12 -41.04
CA SER I 25 12.72 -6.74 -40.60
C SER I 25 12.53 -6.63 -39.09
N GLY I 26 13.23 -7.44 -38.31
CA GLY I 26 13.07 -7.37 -36.87
C GLY I 26 14.23 -8.00 -36.14
N SER I 27 14.04 -8.20 -34.85
CA SER I 27 15.05 -8.80 -33.98
C SER I 27 14.54 -10.12 -33.43
N VAL I 28 15.48 -11.03 -33.15
CA VAL I 28 15.18 -12.33 -32.59
C VAL I 28 15.51 -12.30 -31.11
N THR I 29 14.53 -12.64 -30.28
CA THR I 29 14.68 -12.64 -28.84
C THR I 29 14.29 -14.01 -28.29
N THR I 30 14.42 -14.16 -26.98
CA THR I 30 14.05 -15.42 -26.34
C THR I 30 12.54 -15.64 -26.41
N SER I 31 11.77 -14.57 -26.63
CA SER I 31 10.33 -14.71 -26.78
C SER I 31 9.97 -15.31 -28.13
N ASN I 32 10.90 -15.37 -29.07
CA ASN I 32 10.66 -16.03 -30.34
C ASN I 32 10.94 -17.53 -30.30
N TYR I 33 11.55 -18.02 -29.22
CA TYR I 33 11.81 -19.44 -29.03
C TYR I 33 12.44 -20.09 -30.26
N PRO I 34 13.70 -19.77 -30.57
CA PRO I 34 14.34 -20.35 -31.75
C PRO I 34 14.42 -21.87 -31.65
N GLY I 35 14.31 -22.53 -32.80
CA GLY I 35 14.41 -23.97 -32.84
C GLY I 35 15.22 -24.44 -34.02
N TRP I 36 16.20 -25.29 -33.78
CA TRP I 36 17.10 -25.77 -34.81
C TRP I 36 16.84 -27.24 -35.05
N TYR I 37 16.50 -27.58 -36.30
CA TYR I 37 16.20 -28.94 -36.71
C TYR I 37 17.21 -29.41 -37.75
N GLN I 38 17.65 -30.65 -37.62
CA GLN I 38 18.61 -31.27 -38.53
C GLN I 38 17.88 -32.26 -39.43
N GLN I 39 18.09 -32.14 -40.74
CA GLN I 39 17.46 -33.00 -41.72
C GLN I 39 18.56 -33.64 -42.58
N THR I 40 18.77 -34.91 -42.38
CA THR I 40 19.62 -35.71 -43.24
C THR I 40 18.80 -36.27 -44.41
N PRO I 41 19.43 -36.50 -45.56
CA PRO I 41 18.67 -37.00 -46.71
C PRO I 41 18.09 -38.37 -46.44
N GLY I 42 16.79 -38.52 -46.70
CA GLY I 42 16.11 -39.78 -46.55
C GLY I 42 15.63 -40.12 -45.15
N GLN I 43 15.84 -39.24 -44.18
CA GLN I 43 15.44 -39.47 -42.81
C GLN I 43 14.61 -38.31 -42.28
N PRO I 44 13.74 -38.54 -41.30
CA PRO I 44 12.94 -37.46 -40.75
C PRO I 44 13.81 -36.40 -40.10
N PRO I 45 13.42 -35.13 -40.18
CA PRO I 45 14.14 -34.10 -39.45
C PRO I 45 14.09 -34.35 -37.95
N ARG I 46 15.19 -34.04 -37.27
CA ARG I 46 15.30 -34.24 -35.83
C ARG I 46 15.58 -32.91 -35.17
N GLN I 47 14.80 -32.58 -34.14
CA GLN I 47 14.99 -31.32 -33.42
C GLN I 47 16.30 -31.36 -32.65
N VAL I 48 17.26 -30.54 -33.06
CA VAL I 48 18.54 -30.50 -32.38
C VAL I 48 18.48 -29.57 -31.17
N ILE I 49 17.88 -28.41 -31.33
CA ILE I 49 17.81 -27.42 -30.25
C ILE I 49 16.38 -26.90 -30.17
N TYR I 50 15.80 -26.92 -28.99
CA TYR I 50 14.52 -26.29 -28.73
C TYR I 50 14.71 -25.18 -27.70
N SER I 51 13.88 -24.15 -27.82
CA SER I 51 14.09 -22.88 -27.11
C SER I 51 15.45 -22.31 -27.49
N THR I 52 15.91 -21.29 -26.75
CA THR I 52 17.15 -20.62 -27.13
C THR I 52 18.34 -21.56 -27.08
N ASN I 53 18.48 -22.32 -26.00
CA ASN I 53 19.68 -23.12 -25.77
C ASN I 53 19.42 -24.53 -25.29
N SER I 54 18.19 -24.87 -24.93
CA SER I 54 17.89 -26.19 -24.41
C SER I 54 18.15 -27.26 -25.47
N ARG I 55 18.68 -28.39 -25.03
CA ARG I 55 19.05 -29.47 -25.92
C ARG I 55 18.51 -30.79 -25.38
N PRO I 56 17.92 -31.63 -26.23
CA PRO I 56 17.47 -32.95 -25.78
C PRO I 56 18.64 -33.83 -25.39
N THR I 57 18.34 -34.83 -24.55
CA THR I 57 19.37 -35.73 -24.05
C THR I 57 20.00 -36.54 -25.18
N VAL I 58 19.19 -36.98 -26.14
CA VAL I 58 19.70 -37.81 -27.22
C VAL I 58 20.67 -37.03 -28.10
N VAL I 59 20.43 -35.73 -28.29
CA VAL I 59 21.26 -34.93 -29.19
C VAL I 59 22.69 -34.88 -28.64
N PRO I 60 23.73 -35.15 -29.48
CA PRO I 60 25.13 -35.02 -29.05
C PRO I 60 25.36 -33.69 -28.37
N SER I 61 26.44 -33.60 -27.61
CA SER I 61 26.67 -32.37 -26.82
C SER I 61 27.53 -31.36 -27.57
N ARG I 62 27.84 -31.61 -28.84
CA ARG I 62 28.61 -30.64 -29.65
C ARG I 62 27.70 -29.50 -30.05
N PHE I 63 26.39 -29.65 -29.84
CA PHE I 63 25.41 -28.63 -30.31
C PHE I 63 25.07 -27.66 -29.22
N SER I 64 25.27 -26.38 -29.49
CA SER I 64 24.90 -25.31 -28.57
C SER I 64 24.08 -24.27 -29.31
N GLY I 65 23.22 -23.58 -28.58
CA GLY I 65 22.39 -22.54 -29.15
C GLY I 65 22.46 -21.27 -28.33
N ALA I 66 22.36 -20.14 -29.02
CA ALA I 66 22.43 -18.86 -28.33
C ALA I 66 21.77 -17.79 -29.18
N ILE I 67 21.63 -16.61 -28.58
CA ILE I 67 21.20 -15.41 -29.28
C ILE I 67 22.31 -14.38 -29.17
N SER I 68 22.86 -13.98 -30.32
CA SER I 68 23.92 -13.00 -30.39
C SER I 68 23.63 -12.04 -31.53
N GLY I 69 23.84 -10.75 -31.28
CA GLY I 69 23.59 -9.76 -32.31
C GLY I 69 22.19 -9.80 -32.87
N ASN I 70 21.18 -9.90 -32.00
CA ASN I 70 19.77 -10.05 -32.36
C ASN I 70 19.55 -11.15 -33.41
N LYS I 71 20.41 -12.18 -33.40
CA LYS I 71 20.29 -13.29 -34.32
C LYS I 71 20.46 -14.60 -33.57
N ALA I 72 19.74 -15.63 -34.01
CA ALA I 72 19.84 -16.94 -33.40
C ALA I 72 20.99 -17.72 -34.01
N THR I 73 21.85 -18.28 -33.15
CA THR I 73 23.08 -18.94 -33.60
C THR I 73 23.12 -20.36 -33.08
N LEU I 74 23.43 -21.29 -33.97
CA LEU I 74 23.71 -22.68 -33.61
C LEU I 74 25.19 -22.95 -33.80
N THR I 75 25.87 -23.38 -32.74
CA THR I 75 27.29 -23.67 -32.78
C THR I 75 27.53 -25.17 -32.68
N ILE I 76 28.35 -25.68 -33.61
CA ILE I 76 28.77 -27.07 -33.63
C ILE I 76 30.27 -27.10 -33.43
N THR I 77 30.71 -27.68 -32.32
CA THR I 77 32.13 -27.77 -31.98
C THR I 77 32.60 -29.19 -32.26
N GLY I 78 33.57 -29.33 -33.17
CA GLY I 78 34.05 -30.64 -33.54
C GLY I 78 33.08 -31.39 -34.43
N ALA I 79 32.84 -30.86 -35.63
CA ALA I 79 31.86 -31.43 -36.54
C ALA I 79 32.36 -32.78 -37.05
N GLN I 80 31.69 -33.85 -36.64
CA GLN I 80 32.02 -35.17 -37.14
C GLN I 80 31.37 -35.39 -38.51
N ALA I 81 31.43 -36.63 -38.99
CA ALA I 81 30.92 -36.95 -40.31
C ALA I 81 29.40 -37.07 -40.34
N GLU I 82 28.75 -37.20 -39.19
CA GLU I 82 27.30 -37.32 -39.14
C GLU I 82 26.58 -35.98 -39.09
N ASP I 83 27.32 -34.87 -39.13
CA ASP I 83 26.74 -33.54 -39.09
C ASP I 83 26.64 -32.92 -40.49
N GLU I 84 26.63 -33.74 -41.53
CA GLU I 84 26.46 -33.28 -42.90
C GLU I 84 24.97 -33.37 -43.23
N ALA I 85 24.24 -32.29 -42.98
CA ALA I 85 22.80 -32.29 -43.19
C ALA I 85 22.34 -30.85 -43.42
N ASP I 86 21.04 -30.67 -43.58
CA ASP I 86 20.45 -29.35 -43.73
C ASP I 86 19.87 -28.91 -42.39
N TYR I 87 20.21 -27.70 -41.96
CA TYR I 87 19.78 -27.18 -40.67
C TYR I 87 18.76 -26.09 -40.89
N PHE I 88 17.59 -26.25 -40.30
CA PHE I 88 16.48 -25.32 -40.45
C PHE I 88 16.20 -24.62 -39.12
N CYS I 89 15.95 -23.33 -39.22
CA CYS I 89 15.64 -22.48 -38.06
C CYS I 89 14.16 -22.13 -38.10
N GLY I 90 13.41 -22.67 -37.15
CA GLY I 90 12.00 -22.34 -36.98
C GLY I 90 11.83 -21.36 -35.84
N LEU I 91 11.08 -20.29 -36.10
CA LEU I 91 10.86 -19.24 -35.13
C LEU I 91 9.39 -19.13 -34.80
N TYR I 92 9.09 -18.52 -33.66
CA TYR I 92 7.73 -18.38 -33.18
C TYR I 92 7.32 -16.91 -33.27
N LYS I 93 6.22 -16.64 -33.97
CA LYS I 93 5.68 -15.28 -34.09
C LYS I 93 4.18 -15.31 -33.76
N ASN I 94 3.86 -15.26 -32.46
CA ASN I 94 2.50 -15.05 -31.96
C ASN I 94 1.45 -15.87 -32.71
N SER I 95 1.81 -17.08 -33.12
CA SER I 95 0.90 -17.91 -33.89
C SER I 95 1.44 -19.33 -33.96
N ALA I 96 0.57 -20.25 -34.37
CA ALA I 96 0.95 -21.63 -34.62
C ALA I 96 1.70 -21.81 -35.92
N ASN I 97 1.69 -20.80 -36.80
CA ASN I 97 2.49 -20.81 -38.01
C ASN I 97 3.93 -20.52 -37.63
N ILE I 98 4.79 -21.51 -37.77
CA ILE I 98 6.21 -21.38 -37.44
C ILE I 98 6.96 -21.05 -38.74
N PRO I 99 7.46 -19.83 -38.90
CA PRO I 99 8.30 -19.54 -40.07
C PRO I 99 9.62 -20.28 -39.99
N PHE I 100 10.01 -20.89 -41.11
CA PHE I 100 11.22 -21.68 -41.22
C PHE I 100 12.22 -20.96 -42.12
N GLY I 101 13.50 -21.21 -41.87
CA GLY I 101 14.52 -20.65 -42.72
C GLY I 101 14.61 -21.36 -44.05
N GLY I 102 15.35 -20.73 -44.98
CA GLY I 102 15.53 -21.31 -46.29
C GLY I 102 16.31 -22.60 -46.25
N GLY I 103 17.13 -22.79 -45.21
CA GLY I 103 17.92 -24.00 -45.08
C GLY I 103 19.39 -23.74 -45.27
N THR I 104 20.22 -24.34 -44.42
CA THR I 104 21.67 -24.23 -44.51
C THR I 104 22.26 -25.61 -44.69
N HIS I 105 23.02 -25.79 -45.77
CA HIS I 105 23.65 -27.07 -46.08
C HIS I 105 25.08 -27.04 -45.54
N LEU I 106 25.33 -27.83 -44.52
CA LEU I 106 26.65 -27.96 -43.93
C LEU I 106 27.40 -29.09 -44.60
N THR I 107 28.61 -28.80 -45.06
CA THR I 107 29.43 -29.76 -45.80
C THR I 107 30.69 -30.05 -44.99
N VAL I 108 30.66 -31.15 -44.24
CA VAL I 108 31.86 -31.60 -43.56
C VAL I 108 32.84 -32.11 -44.61
N LEU I 109 33.93 -31.37 -44.81
CA LEU I 109 34.83 -31.62 -45.93
C LEU I 109 35.61 -32.91 -45.70
N GLY I 110 35.54 -33.82 -46.67
CA GLY I 110 36.30 -35.06 -46.61
C GLY I 110 37.17 -35.25 -47.83
N GLN I 111 37.11 -34.30 -48.75
CA GLN I 111 37.88 -34.32 -49.98
C GLN I 111 38.42 -32.93 -50.23
N PRO I 112 39.54 -32.81 -50.96
CA PRO I 112 40.05 -31.47 -51.28
C PRO I 112 39.08 -30.70 -52.17
N LYS I 113 39.08 -29.39 -52.00
CA LYS I 113 38.12 -28.55 -52.69
C LYS I 113 38.34 -28.58 -54.19
N ALA I 114 37.25 -28.64 -54.94
CA ALA I 114 37.27 -28.68 -56.41
C ALA I 114 38.17 -29.80 -56.93
N THR J 2 -21.58 35.33 -19.08
CA THR J 2 -20.84 36.44 -19.66
C THR J 2 -20.17 37.29 -18.58
N VAL J 3 -19.30 38.20 -19.00
CA VAL J 3 -18.54 39.01 -18.07
C VAL J 3 -19.20 40.37 -17.90
N ILE J 4 -19.32 40.81 -16.64
CA ILE J 4 -19.95 42.08 -16.31
C ILE J 4 -18.93 42.98 -15.62
N GLN J 5 -18.81 44.20 -16.10
CA GLN J 5 -17.93 45.21 -15.51
C GLN J 5 -18.74 46.47 -15.24
N GLU J 6 -18.06 47.51 -14.77
CA GLU J 6 -18.81 48.74 -14.56
C GLU J 6 -18.57 49.71 -15.71
N PRO J 7 -19.61 50.41 -16.15
CA PRO J 7 -19.47 51.24 -17.36
C PRO J 7 -18.41 52.33 -17.24
N ALA J 8 -18.27 52.96 -16.08
CA ALA J 8 -17.30 54.04 -15.93
C ALA J 8 -17.08 54.32 -14.45
N MET J 9 -15.84 54.64 -14.10
CA MET J 9 -15.48 55.02 -12.75
C MET J 9 -14.47 56.15 -12.81
N SER J 10 -14.26 56.81 -11.66
CA SER J 10 -13.37 57.96 -11.60
C SER J 10 -12.50 57.87 -10.36
N VAL J 11 -11.33 58.48 -10.41
CA VAL J 11 -10.41 58.52 -9.27
C VAL J 11 -9.60 59.81 -9.34
N SER J 12 -9.37 60.41 -8.17
CA SER J 12 -8.52 61.58 -8.07
C SER J 12 -7.05 61.15 -8.10
N PRO J 13 -6.17 62.02 -8.60
CA PRO J 13 -4.75 61.66 -8.66
C PRO J 13 -4.19 61.35 -7.28
N GLY J 14 -3.33 60.34 -7.22
CA GLY J 14 -2.81 59.90 -5.94
C GLY J 14 -3.78 59.10 -5.11
N GLY J 15 -4.94 58.73 -5.66
CA GLY J 15 -5.94 57.97 -4.94
C GLY J 15 -5.99 56.53 -5.42
N THR J 16 -6.38 55.64 -4.52
CA THR J 16 -6.48 54.21 -4.84
C THR J 16 -7.89 53.89 -5.30
N VAL J 17 -7.98 53.11 -6.36
CA VAL J 17 -9.26 52.74 -6.96
C VAL J 17 -9.27 51.24 -7.22
N THR J 18 -10.46 50.66 -7.29
CA THR J 18 -10.63 49.25 -7.55
C THR J 18 -11.67 49.03 -8.64
N LEU J 19 -11.36 48.11 -9.55
CA LEU J 19 -12.24 47.75 -10.66
C LEU J 19 -12.61 46.28 -10.51
N THR J 20 -13.88 45.97 -10.73
CA THR J 20 -14.40 44.63 -10.50
C THR J 20 -14.75 43.95 -11.82
N CYS J 21 -14.72 42.62 -11.79
CA CYS J 21 -15.04 41.79 -12.94
C CYS J 21 -15.68 40.51 -12.42
N ALA J 22 -16.90 40.24 -12.87
CA ALA J 22 -17.65 39.10 -12.36
C ALA J 22 -18.41 38.43 -13.49
N PHE J 23 -18.72 37.16 -13.29
CA PHE J 23 -19.55 36.41 -14.22
C PHE J 23 -21.02 36.73 -14.01
N SER J 24 -21.80 36.60 -15.08
CA SER J 24 -23.23 36.88 -14.98
C SER J 24 -23.96 35.84 -14.15
N SER J 25 -23.51 34.58 -14.21
CA SER J 25 -24.22 33.51 -13.51
C SER J 25 -23.29 32.53 -12.81
N GLY J 26 -22.14 32.96 -12.31
CA GLY J 26 -21.24 32.05 -11.64
C GLY J 26 -20.24 32.79 -10.78
N SER J 27 -19.16 32.09 -10.45
CA SER J 27 -18.09 32.62 -9.62
C SER J 27 -16.78 32.63 -10.38
N VAL J 28 -15.90 33.53 -10.01
CA VAL J 28 -14.59 33.68 -10.65
C VAL J 28 -13.54 33.16 -9.67
N THR J 29 -12.84 32.11 -10.07
CA THR J 29 -11.79 31.50 -9.26
C THR J 29 -10.44 31.64 -9.96
N THR J 30 -9.41 31.09 -9.32
CA THR J 30 -8.06 31.20 -9.85
C THR J 30 -7.91 30.39 -11.14
N SER J 31 -8.78 29.41 -11.35
CA SER J 31 -8.74 28.62 -12.58
C SER J 31 -9.30 29.37 -13.77
N ASN J 32 -9.93 30.53 -13.56
CA ASN J 32 -10.39 31.35 -14.66
C ASN J 32 -9.31 32.26 -15.22
N TYR J 33 -8.17 32.39 -14.53
CA TYR J 33 -7.03 33.20 -14.95
C TYR J 33 -7.48 34.60 -15.36
N PRO J 34 -7.92 35.43 -14.42
CA PRO J 34 -8.44 36.75 -14.80
C PRO J 34 -7.32 37.68 -15.25
N GLY J 35 -7.34 38.01 -16.54
CA GLY J 35 -6.38 38.95 -17.12
C GLY J 35 -7.01 40.32 -17.23
N TRP J 36 -6.17 41.34 -17.09
CA TRP J 36 -6.59 42.74 -17.12
C TRP J 36 -5.79 43.45 -18.21
N TYR J 37 -6.51 44.05 -19.16
CA TYR J 37 -5.92 44.72 -20.31
C TYR J 37 -6.26 46.20 -20.29
N GLN J 38 -5.25 47.03 -20.51
CA GLN J 38 -5.42 48.48 -20.57
C GLN J 38 -5.38 48.92 -22.02
N GLN J 39 -6.36 49.73 -22.42
CA GLN J 39 -6.47 50.22 -23.78
C GLN J 39 -6.61 51.74 -23.76
N THR J 40 -5.61 52.42 -24.27
CA THR J 40 -5.62 53.85 -24.52
C THR J 40 -6.00 54.11 -25.96
N PRO J 41 -6.65 55.23 -26.27
CA PRO J 41 -7.09 55.46 -27.65
C PRO J 41 -5.91 55.70 -28.57
N GLY J 42 -5.92 55.01 -29.71
CA GLY J 42 -4.88 55.14 -30.70
C GLY J 42 -3.67 54.25 -30.50
N GLN J 43 -3.64 53.46 -29.43
CA GLN J 43 -2.53 52.58 -29.12
C GLN J 43 -3.02 51.17 -28.85
N PRO J 44 -2.18 50.16 -29.07
CA PRO J 44 -2.59 48.78 -28.84
C PRO J 44 -2.90 48.53 -27.39
N PRO J 45 -3.86 47.65 -27.09
CA PRO J 45 -4.09 47.24 -25.71
C PRO J 45 -2.84 46.58 -25.12
N ARG J 46 -2.67 46.76 -23.82
CA ARG J 46 -1.51 46.24 -23.10
C ARG J 46 -1.99 45.36 -21.96
N GLN J 47 -1.39 44.18 -21.82
CA GLN J 47 -1.75 43.27 -20.74
C GLN J 47 -1.19 43.79 -19.43
N VAL J 48 -2.03 44.44 -18.64
CA VAL J 48 -1.62 44.93 -17.33
C VAL J 48 -1.40 43.78 -16.37
N ILE J 49 -2.32 42.80 -16.36
CA ILE J 49 -2.27 41.67 -15.43
C ILE J 49 -2.55 40.39 -16.19
N TYR J 50 -1.72 39.38 -15.95
CA TYR J 50 -2.00 38.01 -16.38
C TYR J 50 -2.04 37.12 -15.15
N SER J 51 -2.85 36.06 -15.23
CA SER J 51 -3.22 35.25 -14.08
C SER J 51 -3.87 36.14 -13.02
N THR J 52 -4.05 35.61 -11.81
CA THR J 52 -4.75 36.36 -10.77
C THR J 52 -3.97 37.62 -10.37
N ASN J 53 -2.67 37.50 -10.15
CA ASN J 53 -1.91 38.60 -9.54
C ASN J 53 -0.60 38.89 -10.26
N SER J 54 -0.18 37.99 -11.15
CA SER J 54 1.12 38.16 -11.82
C SER J 54 1.12 39.41 -12.68
N ARG J 55 2.21 40.17 -12.60
CA ARG J 55 2.33 41.43 -13.31
C ARG J 55 3.62 41.46 -14.12
N PRO J 56 3.57 41.94 -15.37
CA PRO J 56 4.80 42.04 -16.17
C PRO J 56 5.77 43.04 -15.60
N THR J 57 7.02 42.92 -16.02
CA THR J 57 8.08 43.83 -15.56
C THR J 57 7.77 45.24 -15.99
N VAL J 58 7.59 45.47 -17.28
CA VAL J 58 7.39 46.84 -17.80
C VAL J 58 6.24 47.53 -17.05
N VAL J 59 5.14 46.85 -16.80
CA VAL J 59 3.96 47.51 -16.18
C VAL J 59 4.39 48.08 -14.83
N PRO J 60 4.06 49.34 -14.51
CA PRO J 60 4.35 49.93 -13.18
C PRO J 60 3.78 49.08 -12.06
N SER J 61 4.27 49.27 -10.84
CA SER J 61 3.82 48.44 -9.70
C SER J 61 2.60 49.05 -8.99
N ARG J 62 2.05 50.13 -9.52
CA ARG J 62 0.81 50.69 -8.92
C ARG J 62 -0.34 49.75 -9.20
N PHE J 63 -0.17 48.86 -10.19
CA PHE J 63 -1.27 47.95 -10.61
C PHE J 63 -1.09 46.59 -9.97
N SER J 64 -1.98 46.21 -9.07
CA SER J 64 -1.96 44.83 -8.52
C SER J 64 -3.39 44.29 -8.63
N GLY J 65 -3.55 42.97 -8.61
CA GLY J 65 -4.88 42.37 -8.79
C GLY J 65 -5.04 41.16 -7.92
N ALA J 66 -6.29 40.76 -7.66
CA ALA J 66 -6.55 39.63 -6.77
C ALA J 66 -8.00 39.21 -6.92
N ILE J 67 -8.35 38.03 -6.40
CA ILE J 67 -9.76 37.55 -6.45
C ILE J 67 -10.33 37.82 -5.07
N SER J 68 -11.38 38.62 -5.01
CA SER J 68 -11.98 39.00 -3.72
C SER J 68 -13.50 38.86 -3.83
N GLY J 69 -14.07 37.97 -3.03
CA GLY J 69 -15.51 37.81 -3.06
C GLY J 69 -16.03 37.28 -4.38
N ASN J 70 -15.45 36.17 -4.84
CA ASN J 70 -15.75 35.55 -6.14
C ASN J 70 -15.83 36.59 -7.26
N LYS J 71 -14.97 37.61 -7.18
CA LYS J 71 -14.90 38.64 -8.21
C LYS J 71 -13.45 39.04 -8.41
N ALA J 72 -13.03 39.11 -9.66
CA ALA J 72 -11.69 39.59 -9.97
C ALA J 72 -11.62 41.09 -9.75
N THR J 73 -10.50 41.58 -9.22
CA THR J 73 -10.37 42.98 -8.88
C THR J 73 -9.00 43.48 -9.33
N LEU J 74 -8.99 44.69 -9.91
CA LEU J 74 -7.75 45.38 -10.25
C LEU J 74 -7.65 46.62 -9.35
N THR J 75 -6.56 46.71 -8.60
CA THR J 75 -6.38 47.85 -7.71
C THR J 75 -5.27 48.75 -8.20
N ILE J 76 -5.56 50.04 -8.32
CA ILE J 76 -4.61 51.05 -8.74
C ILE J 76 -4.37 51.97 -7.55
N THR J 77 -3.21 51.82 -6.90
CA THR J 77 -2.88 52.65 -5.74
C THR J 77 -2.02 53.82 -6.21
N GLY J 78 -2.54 55.04 -6.02
CA GLY J 78 -1.85 56.22 -6.49
C GLY J 78 -1.98 56.40 -7.99
N ALA J 79 -3.22 56.57 -8.46
CA ALA J 79 -3.48 56.68 -9.89
C ALA J 79 -2.85 57.94 -10.47
N GLN J 80 -1.89 57.76 -11.36
CA GLN J 80 -1.26 58.89 -12.05
C GLN J 80 -2.16 59.36 -13.19
N ALA J 81 -1.67 60.35 -13.94
CA ALA J 81 -2.45 60.92 -15.04
C ALA J 81 -2.38 60.08 -16.31
N GLU J 82 -1.49 59.11 -16.39
CA GLU J 82 -1.38 58.25 -17.55
C GLU J 82 -2.20 56.97 -17.42
N ASP J 83 -3.06 56.88 -16.40
CA ASP J 83 -3.91 55.72 -16.19
C ASP J 83 -5.37 56.04 -16.53
N GLU J 84 -5.57 56.92 -17.49
CA GLU J 84 -6.90 57.25 -18.00
C GLU J 84 -7.12 56.46 -19.28
N ALA J 85 -7.64 55.24 -19.14
CA ALA J 85 -7.84 54.36 -20.27
C ALA J 85 -9.02 53.44 -19.96
N ASP J 86 -9.32 52.55 -20.90
CA ASP J 86 -10.38 51.56 -20.74
C ASP J 86 -9.76 50.23 -20.29
N TYR J 87 -10.32 49.66 -19.24
CA TYR J 87 -9.78 48.44 -18.66
C TYR J 87 -10.75 47.29 -18.92
N PHE J 88 -10.24 46.23 -19.55
CA PHE J 88 -11.05 45.08 -19.93
C PHE J 88 -10.58 43.87 -19.15
N CYS J 89 -11.54 43.04 -18.73
CA CYS J 89 -11.28 41.83 -17.99
C CYS J 89 -11.52 40.62 -18.89
N GLY J 90 -10.48 39.82 -19.09
CA GLY J 90 -10.61 38.61 -19.87
C GLY J 90 -10.49 37.38 -19.00
N LEU J 91 -11.53 36.55 -19.00
CA LEU J 91 -11.58 35.33 -18.22
C LEU J 91 -11.41 34.12 -19.12
N TYR J 92 -11.08 32.99 -18.52
CA TYR J 92 -10.86 31.74 -19.24
C TYR J 92 -12.02 30.79 -18.93
N LYS J 93 -12.68 30.31 -19.97
CA LYS J 93 -13.75 29.33 -19.84
C LYS J 93 -13.49 28.16 -20.79
N ASN J 94 -12.65 27.23 -20.36
CA ASN J 94 -12.47 25.91 -20.99
C ASN J 94 -12.39 25.98 -22.51
N SER J 95 -11.79 27.04 -23.04
CA SER J 95 -11.69 27.21 -24.49
C SER J 95 -10.76 28.38 -24.79
N ALA J 96 -10.37 28.48 -26.06
CA ALA J 96 -9.64 29.64 -26.56
C ALA J 96 -10.52 30.86 -26.72
N ASN J 97 -11.84 30.71 -26.62
CA ASN J 97 -12.79 31.82 -26.65
C ASN J 97 -12.76 32.49 -25.29
N ILE J 98 -11.96 33.55 -25.18
CA ILE J 98 -11.86 34.31 -23.93
C ILE J 98 -12.98 35.34 -23.90
N PRO J 99 -13.92 35.25 -22.96
CA PRO J 99 -14.97 36.28 -22.85
C PRO J 99 -14.40 37.55 -22.23
N PHE J 100 -14.72 38.68 -22.85
CA PHE J 100 -14.24 39.98 -22.39
C PHE J 100 -15.37 40.76 -21.73
N GLY J 101 -15.01 41.60 -20.78
CA GLY J 101 -15.99 42.49 -20.18
C GLY J 101 -16.35 43.64 -21.10
N GLY J 102 -17.40 44.35 -20.74
CA GLY J 102 -17.84 45.50 -21.49
C GLY J 102 -16.78 46.58 -21.55
N GLY J 103 -16.10 46.79 -20.43
CA GLY J 103 -15.05 47.80 -20.34
C GLY J 103 -15.38 48.80 -19.25
N THR J 104 -14.34 49.32 -18.61
CA THR J 104 -14.47 50.32 -17.57
C THR J 104 -13.61 51.52 -17.94
N HIS J 105 -14.24 52.69 -18.05
CA HIS J 105 -13.53 53.92 -18.41
C HIS J 105 -13.15 54.64 -17.12
N LEU J 106 -11.89 54.52 -16.74
CA LEU J 106 -11.38 55.19 -15.56
C LEU J 106 -11.00 56.62 -15.92
N THR J 107 -11.62 57.59 -15.27
CA THR J 107 -11.39 59.01 -15.53
C THR J 107 -10.58 59.58 -14.37
N VAL J 108 -9.31 59.88 -14.62
CA VAL J 108 -8.49 60.54 -13.63
C VAL J 108 -8.87 62.02 -13.62
N LEU J 109 -9.52 62.46 -12.55
CA LEU J 109 -10.08 63.80 -12.50
C LEU J 109 -8.97 64.85 -12.46
N GLY J 110 -9.09 65.87 -13.32
CA GLY J 110 -8.15 66.95 -13.35
C GLY J 110 -8.83 68.30 -13.51
N GLN J 111 -10.16 68.28 -13.53
CA GLN J 111 -10.97 69.48 -13.66
C GLN J 111 -12.14 69.40 -12.69
N PRO J 112 -12.67 70.53 -12.25
CA PRO J 112 -13.86 70.50 -11.39
C PRO J 112 -15.06 69.91 -12.11
N LYS J 113 -15.88 69.17 -11.37
CA LYS J 113 -17.01 68.47 -11.94
C LYS J 113 -18.06 69.46 -12.44
N ALA J 114 -18.72 69.10 -13.54
CA ALA J 114 -19.78 69.93 -14.11
C ALA J 114 -21.03 69.10 -14.40
N GLU K 2 -52.23 0.46 14.68
CA GLU K 2 -51.65 0.13 13.38
C GLU K 2 -52.34 -1.09 12.78
N LYS K 3 -53.42 -0.84 12.04
CA LYS K 3 -54.18 -1.92 11.42
C LYS K 3 -54.64 -1.51 10.03
N LEU K 4 -54.72 -2.49 9.13
CA LEU K 4 -55.19 -2.29 7.77
C LEU K 4 -56.55 -2.97 7.64
N VAL K 5 -57.54 -2.23 7.15
CA VAL K 5 -58.89 -2.75 6.94
C VAL K 5 -59.21 -2.69 5.46
N GLU K 6 -59.68 -3.82 4.92
CA GLU K 6 -59.92 -3.95 3.49
C GLU K 6 -61.41 -4.00 3.21
N SER K 7 -61.79 -3.55 2.01
CA SER K 7 -63.18 -3.49 1.61
C SER K 7 -63.25 -3.39 0.10
N GLY K 8 -64.46 -3.47 -0.43
CA GLY K 8 -64.70 -3.34 -1.85
C GLY K 8 -64.75 -4.62 -2.65
N GLY K 9 -64.76 -5.78 -1.99
CA GLY K 9 -64.81 -7.04 -2.72
C GLY K 9 -66.19 -7.65 -2.73
N GLY K 10 -66.42 -8.60 -3.63
CA GLY K 10 -67.71 -9.25 -3.69
C GLY K 10 -67.81 -10.12 -4.92
N LEU K 11 -69.06 -10.42 -5.29
CA LEU K 11 -69.33 -11.23 -6.48
C LEU K 11 -69.36 -10.33 -7.70
N VAL K 12 -68.56 -10.67 -8.70
CA VAL K 12 -68.47 -9.90 -9.93
C VAL K 12 -68.52 -10.87 -11.12
N GLN K 13 -69.14 -10.43 -12.20
CA GLN K 13 -69.24 -11.26 -13.40
C GLN K 13 -67.89 -11.33 -14.11
N SER K 14 -67.73 -12.36 -14.93
CA SER K 14 -66.51 -12.51 -15.71
C SER K 14 -66.36 -11.35 -16.69
N GLY K 15 -65.13 -10.87 -16.84
CA GLY K 15 -64.89 -9.73 -17.69
C GLY K 15 -65.24 -8.39 -17.07
N GLY K 16 -65.60 -8.36 -15.79
CA GLY K 16 -65.96 -7.14 -15.11
C GLY K 16 -64.76 -6.45 -14.50
N SER K 17 -65.05 -5.60 -13.50
CA SER K 17 -64.03 -4.84 -12.82
C SER K 17 -64.39 -4.67 -11.36
N LEU K 18 -63.37 -4.44 -10.53
CA LEU K 18 -63.55 -4.18 -9.11
C LEU K 18 -62.49 -3.20 -8.65
N ARG K 19 -62.78 -2.51 -7.55
CA ARG K 19 -61.83 -1.56 -6.95
C ARG K 19 -61.74 -1.89 -5.45
N LEU K 20 -60.78 -2.73 -5.10
CA LEU K 20 -60.53 -3.05 -3.70
C LEU K 20 -59.79 -1.91 -3.03
N SER K 21 -60.15 -1.62 -1.78
CA SER K 21 -59.58 -0.51 -1.04
C SER K 21 -59.11 -0.98 0.32
N CYS K 22 -57.94 -0.49 0.73
CA CYS K 22 -57.41 -0.77 2.06
C CYS K 22 -57.10 0.54 2.76
N VAL K 23 -57.56 0.68 3.99
CA VAL K 23 -57.35 1.88 4.80
C VAL K 23 -56.49 1.49 5.99
N GLY K 24 -55.40 2.23 6.18
CA GLY K 24 -54.49 1.98 7.28
C GLY K 24 -54.64 3.04 8.36
N SER K 25 -54.90 2.58 9.59
CA SER K 25 -55.05 3.45 10.73
C SER K 25 -53.93 3.20 11.72
N GLY K 26 -53.24 4.26 12.11
CA GLY K 26 -52.11 4.17 13.02
C GLY K 26 -50.77 4.53 12.43
N PHE K 27 -50.69 4.88 11.15
CA PHE K 27 -49.43 5.23 10.52
C PHE K 27 -49.72 6.00 9.24
N ASP K 28 -48.66 6.51 8.64
CA ASP K 28 -48.75 7.24 7.38
C ASP K 28 -48.17 6.38 6.25
N LEU K 29 -48.87 6.33 5.13
CA LEU K 29 -48.44 5.48 4.02
C LEU K 29 -47.31 6.12 3.23
N SER K 30 -46.98 7.38 3.54
CA SER K 30 -46.00 8.12 2.75
C SER K 30 -44.61 7.50 2.81
N ASP K 31 -44.31 6.77 3.88
CA ASP K 31 -42.99 6.19 4.07
C ASP K 31 -43.05 4.66 4.19
N ASN K 32 -44.07 4.03 3.61
CA ASN K 32 -44.19 2.58 3.64
C ASN K 32 -44.52 2.06 2.26
N ALA K 33 -44.02 0.88 1.95
CA ALA K 33 -44.30 0.19 0.70
C ALA K 33 -45.31 -0.91 0.96
N PHE K 34 -46.34 -0.98 0.11
CA PHE K 34 -47.46 -1.88 0.36
C PHE K 34 -47.56 -2.91 -0.74
N THR K 35 -48.38 -3.93 -0.50
CA THR K 35 -48.51 -5.03 -1.45
C THR K 35 -49.89 -5.65 -1.33
N TRP K 36 -50.34 -6.25 -2.43
CA TRP K 36 -51.54 -7.06 -2.46
C TRP K 36 -51.18 -8.48 -2.83
N VAL K 37 -51.66 -9.42 -2.00
CA VAL K 37 -51.34 -10.84 -2.14
C VAL K 37 -52.63 -11.64 -1.98
N ARG K 38 -52.85 -12.61 -2.86
CA ARG K 38 -54.09 -13.37 -2.86
C ARG K 38 -53.83 -14.84 -2.51
N GLN K 39 -54.79 -15.44 -1.84
CA GLN K 39 -54.79 -16.87 -1.59
C GLN K 39 -55.96 -17.51 -2.34
N ALA K 40 -55.64 -18.40 -3.28
CA ALA K 40 -56.67 -19.12 -4.01
C ALA K 40 -57.19 -20.28 -3.18
N PRO K 41 -58.43 -20.69 -3.40
CA PRO K 41 -58.96 -21.85 -2.67
C PRO K 41 -58.21 -23.12 -3.02
N GLY K 42 -57.54 -23.71 -2.03
CA GLY K 42 -56.77 -24.91 -2.26
C GLY K 42 -55.35 -24.68 -2.71
N LYS K 43 -54.89 -23.43 -2.75
CA LYS K 43 -53.52 -23.10 -3.14
C LYS K 43 -52.91 -22.20 -2.09
N GLY K 44 -51.62 -21.89 -2.26
CA GLY K 44 -50.89 -21.05 -1.34
C GLY K 44 -50.99 -19.57 -1.70
N LEU K 45 -50.38 -18.75 -0.86
CA LEU K 45 -50.37 -17.31 -1.08
C LEU K 45 -49.54 -16.96 -2.30
N GLU K 46 -50.03 -16.02 -3.09
CA GLU K 46 -49.35 -15.57 -4.30
C GLU K 46 -49.31 -14.05 -4.34
N TRP K 47 -48.12 -13.51 -4.59
CA TRP K 47 -47.94 -12.07 -4.71
C TRP K 47 -48.63 -11.57 -5.97
N VAL K 48 -49.44 -10.53 -5.81
CA VAL K 48 -50.22 -9.97 -6.91
C VAL K 48 -49.62 -8.65 -7.37
N ALA K 49 -49.42 -7.74 -6.42
CA ALA K 49 -48.89 -6.44 -6.79
C ALA K 49 -48.15 -5.82 -5.61
N THR K 50 -47.31 -4.83 -5.91
CA THR K 50 -46.63 -4.07 -4.86
C THR K 50 -46.38 -2.64 -5.34
N ILE K 51 -46.43 -1.71 -4.40
CA ILE K 51 -46.17 -0.30 -4.63
C ILE K 51 -45.12 0.17 -3.64
N SER K 52 -44.20 1.02 -4.12
CA SER K 52 -43.06 1.47 -3.35
C SER K 52 -43.46 2.57 -2.39
N THR K 53 -42.47 3.10 -1.66
CA THR K 53 -42.74 4.10 -0.63
C THR K 53 -43.29 5.38 -1.23
N ASN K 54 -42.62 5.91 -2.26
CA ASN K 54 -43.09 7.15 -2.87
C ASN K 54 -44.32 6.94 -3.72
N GLY K 55 -44.47 5.74 -4.29
CA GLY K 55 -45.55 5.45 -5.21
C GLY K 55 -45.14 5.40 -6.66
N GLY K 56 -43.92 5.83 -6.99
CA GLY K 56 -43.49 5.83 -8.38
C GLY K 56 -43.31 4.43 -8.94
N SER K 57 -42.77 3.52 -8.13
CA SER K 57 -42.44 2.18 -8.57
C SER K 57 -43.61 1.24 -8.31
N THR K 58 -43.96 0.44 -9.31
CA THR K 58 -45.06 -0.50 -9.21
C THR K 58 -44.68 -1.79 -9.93
N TYR K 59 -44.99 -2.91 -9.29
CA TYR K 59 -44.65 -4.23 -9.83
C TYR K 59 -45.89 -5.11 -9.75
N TYR K 60 -46.13 -5.89 -10.80
CA TYR K 60 -47.24 -6.82 -10.87
C TYR K 60 -46.75 -8.21 -11.23
N ALA K 61 -47.52 -9.21 -10.83
CA ALA K 61 -47.20 -10.59 -11.18
C ALA K 61 -47.42 -10.82 -12.67
N ASP K 62 -46.75 -11.84 -13.20
CA ASP K 62 -46.84 -12.13 -14.62
C ASP K 62 -48.24 -12.57 -15.05
N SER K 63 -49.06 -13.02 -14.11
CA SER K 63 -50.40 -13.48 -14.45
C SER K 63 -51.43 -12.37 -14.47
N VAL K 64 -51.20 -11.28 -13.75
CA VAL K 64 -52.17 -10.19 -13.64
C VAL K 64 -51.64 -8.92 -14.27
N THR K 65 -50.57 -9.00 -15.06
CA THR K 65 -50.00 -7.82 -15.69
C THR K 65 -50.94 -7.30 -16.78
N GLY K 66 -51.07 -5.98 -16.88
CA GLY K 66 -51.92 -5.35 -17.85
C GLY K 66 -53.37 -5.23 -17.44
N ARG K 67 -53.79 -5.94 -16.39
CA ARG K 67 -55.17 -5.89 -15.94
C ARG K 67 -55.34 -5.30 -14.55
N PHE K 68 -54.28 -5.25 -13.75
CA PHE K 68 -54.35 -4.78 -12.37
C PHE K 68 -53.55 -3.49 -12.24
N THR K 69 -54.06 -2.57 -11.43
CA THR K 69 -53.36 -1.32 -11.16
C THR K 69 -53.49 -0.98 -9.68
N ILE K 70 -52.35 -0.88 -9.00
CA ILE K 70 -52.32 -0.55 -7.58
C ILE K 70 -51.82 0.88 -7.44
N SER K 71 -52.58 1.68 -6.70
CA SER K 71 -52.26 3.09 -6.51
C SER K 71 -52.41 3.45 -5.05
N LYS K 72 -51.86 4.60 -4.68
CA LYS K 72 -51.87 5.07 -3.30
C LYS K 72 -52.53 6.44 -3.23
N ASP K 73 -53.24 6.69 -2.14
CA ASP K 73 -53.81 8.00 -1.83
C ASP K 73 -53.36 8.36 -0.42
N ASN K 74 -52.35 9.24 -0.32
CA ASN K 74 -51.79 9.58 0.98
C ASN K 74 -52.74 10.48 1.77
N SER K 75 -53.50 11.34 1.11
CA SER K 75 -54.42 12.22 1.81
C SER K 75 -55.49 11.43 2.54
N ARG K 76 -56.05 10.41 1.90
CA ARG K 76 -57.08 9.58 2.51
C ARG K 76 -56.52 8.35 3.20
N ASN K 77 -55.20 8.14 3.15
CA ASN K 77 -54.57 6.94 3.71
C ASN K 77 -55.22 5.67 3.17
N THR K 78 -55.20 5.54 1.84
CA THR K 78 -55.87 4.42 1.19
C THR K 78 -54.96 3.83 0.11
N ILE K 79 -55.13 2.53 -0.11
CA ILE K 79 -54.41 1.80 -1.14
C ILE K 79 -55.47 1.14 -2.02
N TYR K 80 -55.43 1.42 -3.31
CA TYR K 80 -56.46 0.98 -4.25
C TYR K 80 -55.89 -0.08 -5.18
N LEU K 81 -56.61 -1.18 -5.33
CA LEU K 81 -56.30 -2.20 -6.33
C LEU K 81 -57.47 -2.24 -7.32
N GLN K 82 -57.26 -1.70 -8.51
CA GLN K 82 -58.24 -1.72 -9.57
C GLN K 82 -57.98 -2.95 -10.44
N MET K 83 -58.92 -3.88 -10.45
CA MET K 83 -58.81 -5.12 -11.21
C MET K 83 -59.79 -5.09 -12.37
N ASN K 84 -59.29 -5.33 -13.57
CA ASN K 84 -60.08 -5.28 -14.79
C ASN K 84 -59.88 -6.58 -15.57
N SER K 85 -60.87 -6.89 -16.40
CA SER K 85 -60.86 -8.09 -17.23
C SER K 85 -60.66 -9.35 -16.39
N LEU K 86 -61.50 -9.47 -15.36
CA LEU K 86 -61.38 -10.57 -14.42
C LEU K 86 -61.78 -11.89 -15.06
N ARG K 87 -61.12 -12.96 -14.64
CA ARG K 87 -61.38 -14.31 -15.12
C ARG K 87 -61.72 -15.22 -13.95
N THR K 88 -61.98 -16.50 -14.26
CA THR K 88 -62.29 -17.47 -13.23
C THR K 88 -61.09 -17.78 -12.34
N GLU K 89 -59.89 -17.51 -12.81
CA GLU K 89 -58.68 -17.75 -12.02
C GLU K 89 -58.40 -16.65 -11.02
N ASP K 90 -59.21 -15.60 -11.00
CA ASP K 90 -59.01 -14.48 -10.08
C ASP K 90 -59.82 -14.60 -8.80
N THR K 91 -60.53 -15.70 -8.61
CA THR K 91 -61.30 -15.92 -7.38
C THR K 91 -60.29 -16.23 -6.27
N ALA K 92 -60.33 -15.45 -5.20
CA ALA K 92 -59.34 -15.60 -4.15
C ALA K 92 -59.73 -14.75 -2.94
N HIS K 93 -59.03 -15.01 -1.85
CA HIS K 93 -59.07 -14.15 -0.66
C HIS K 93 -57.89 -13.18 -0.75
N TYR K 94 -58.19 -11.89 -0.87
CA TYR K 94 -57.18 -10.87 -1.12
C TYR K 94 -56.78 -10.20 0.19
N TYR K 95 -55.48 -10.04 0.38
CA TYR K 95 -54.90 -9.42 1.56
C TYR K 95 -54.06 -8.23 1.13
N CYS K 96 -54.14 -7.15 1.91
CA CYS K 96 -53.26 -6.01 1.75
C CYS K 96 -52.28 -5.99 2.90
N ALA K 97 -50.99 -5.87 2.57
CA ALA K 97 -49.95 -5.99 3.58
C ALA K 97 -48.94 -4.88 3.40
N ARG K 98 -48.22 -4.60 4.48
CA ARG K 98 -47.23 -3.54 4.53
C ARG K 98 -45.85 -4.15 4.68
N TYR K 99 -44.92 -3.74 3.83
CA TYR K 99 -43.54 -4.19 3.94
C TYR K 99 -42.90 -3.63 5.20
N LYS K 100 -42.12 -4.46 5.87
CA LYS K 100 -41.33 -3.97 7.00
C LYS K 100 -40.30 -2.98 6.50
N VAL K 101 -40.06 -1.94 7.29
CA VAL K 101 -39.18 -0.85 6.89
C VAL K 101 -37.74 -1.34 6.93
N CYS K 102 -37.08 -1.36 5.77
CA CYS K 102 -35.64 -1.55 5.72
C CYS K 102 -35.06 -0.53 4.76
N HIS K 103 -33.80 -0.18 4.98
CA HIS K 103 -33.10 0.80 4.16
C HIS K 103 -31.69 0.28 3.89
N ARG K 104 -31.43 -0.11 2.64
CA ARG K 104 -30.12 -0.60 2.25
C ARG K 104 -29.45 0.43 1.35
N TYR K 105 -28.48 1.14 1.91
CA TYR K 105 -27.62 2.06 1.17
C TYR K 105 -28.43 3.19 0.52
N GLY K 106 -29.38 3.72 1.29
CA GLY K 106 -30.22 4.81 0.82
C GLY K 106 -31.44 4.37 0.04
N LEU K 107 -31.59 3.08 -0.23
CA LEU K 107 -32.71 2.55 -0.98
C LEU K 107 -33.70 1.87 -0.04
N SER K 108 -34.94 1.75 -0.49
CA SER K 108 -35.99 1.07 0.25
C SER K 108 -36.10 -0.36 -0.28
N CYS K 109 -35.75 -1.33 0.56
CA CYS K 109 -35.73 -2.73 0.15
C CYS K 109 -37.04 -3.43 0.53
N TYR K 110 -37.12 -4.70 0.18
CA TYR K 110 -38.23 -5.57 0.54
C TYR K 110 -37.74 -6.87 1.16
N TYR K 111 -36.56 -6.84 1.78
CA TYR K 111 -35.91 -8.04 2.29
C TYR K 111 -36.69 -8.72 3.40
N TYR K 112 -37.21 -7.95 4.35
CA TYR K 112 -37.72 -8.51 5.59
C TYR K 112 -39.15 -9.02 5.50
N GLY K 113 -39.84 -8.77 4.39
CA GLY K 113 -41.18 -9.28 4.23
C GLY K 113 -42.24 -8.36 4.82
N MET K 114 -43.47 -8.87 4.86
CA MET K 114 -44.62 -8.06 5.28
C MET K 114 -44.86 -8.14 6.79
N ASP K 115 -44.94 -6.99 7.44
CA ASP K 115 -45.07 -6.92 8.89
C ASP K 115 -46.51 -6.73 9.37
N ARG K 116 -47.30 -5.95 8.65
CA ARG K 116 -48.72 -5.77 8.97
C ARG K 116 -49.57 -6.32 7.84
N TRP K 117 -50.68 -6.96 8.20
CA TRP K 117 -51.58 -7.54 7.22
C TRP K 117 -53.00 -7.07 7.51
N GLY K 118 -53.90 -7.33 6.56
CA GLY K 118 -55.29 -7.03 6.73
C GLY K 118 -56.12 -8.30 6.79
N PRO K 119 -57.36 -8.21 7.29
CA PRO K 119 -58.21 -9.39 7.35
C PRO K 119 -58.49 -10.01 6.00
N GLY K 120 -58.58 -9.21 4.96
CA GLY K 120 -58.80 -9.74 3.62
C GLY K 120 -60.23 -9.60 3.18
N VAL K 121 -60.43 -9.65 1.86
CA VAL K 121 -61.75 -9.59 1.24
C VAL K 121 -61.87 -10.73 0.25
N GLU K 122 -63.03 -11.37 0.22
CA GLU K 122 -63.25 -12.51 -0.65
C GLU K 122 -63.81 -12.04 -1.99
N VAL K 123 -63.14 -12.41 -3.07
CA VAL K 123 -63.55 -12.03 -4.42
C VAL K 123 -63.82 -13.28 -5.23
N VAL K 124 -65.02 -13.35 -5.79
CA VAL K 124 -65.46 -14.52 -6.55
C VAL K 124 -65.89 -14.06 -7.94
N VAL K 125 -65.38 -14.74 -8.97
CA VAL K 125 -65.70 -14.41 -10.35
C VAL K 125 -66.31 -15.63 -11.02
N SER K 126 -67.64 -15.67 -11.08
CA SER K 126 -68.35 -16.79 -11.70
C SER K 126 -68.94 -16.35 -13.02
N SER K 127 -68.64 -17.12 -14.08
CA SER K 127 -69.18 -16.80 -15.40
C SER K 127 -70.71 -16.92 -15.41
N ALA K 128 -71.24 -17.96 -14.79
CA ALA K 128 -72.68 -18.17 -14.76
C ALA K 128 -73.11 -18.74 -13.41
N THR L 2 -39.30 -22.34 -6.29
CA THR L 2 -40.57 -22.47 -5.55
C THR L 2 -40.29 -22.94 -4.15
N VAL L 3 -41.14 -22.56 -3.21
CA VAL L 3 -40.92 -22.92 -1.78
C VAL L 3 -41.78 -24.12 -1.42
N ILE L 4 -41.19 -25.13 -0.77
CA ILE L 4 -41.93 -26.38 -0.43
C ILE L 4 -42.01 -26.52 1.09
N GLN L 5 -43.20 -26.69 1.64
CA GLN L 5 -43.40 -26.90 3.09
C GLN L 5 -44.11 -28.24 3.28
N GLU L 6 -44.63 -28.55 4.48
CA GLU L 6 -45.26 -29.85 4.77
C GLU L 6 -46.78 -29.69 4.84
N PRO L 7 -47.59 -30.33 3.98
CA PRO L 7 -49.04 -30.07 3.92
C PRO L 7 -49.68 -29.94 5.28
N ALA L 8 -49.28 -30.73 6.27
CA ALA L 8 -49.92 -30.76 7.57
C ALA L 8 -49.03 -31.48 8.57
N MET L 9 -48.98 -30.98 9.80
CA MET L 9 -48.29 -31.65 10.89
C MET L 9 -49.09 -31.44 12.17
N SER L 10 -48.82 -32.29 13.16
CA SER L 10 -49.56 -32.29 14.41
C SER L 10 -48.60 -32.34 15.58
N VAL L 11 -49.05 -31.86 16.73
CA VAL L 11 -48.27 -31.87 17.96
C VAL L 11 -49.21 -31.90 19.15
N SER L 12 -48.78 -32.61 20.20
CA SER L 12 -49.55 -32.63 21.43
C SER L 12 -49.24 -31.38 22.27
N PRO L 13 -50.17 -30.93 23.10
CA PRO L 13 -49.93 -29.73 23.89
C PRO L 13 -48.71 -29.89 24.80
N GLY L 14 -47.93 -28.82 24.90
CA GLY L 14 -46.71 -28.84 25.68
C GLY L 14 -45.50 -29.44 24.98
N GLY L 15 -45.67 -29.92 23.74
CA GLY L 15 -44.59 -30.57 23.01
C GLY L 15 -43.98 -29.62 22.00
N THR L 16 -42.68 -29.79 21.75
CA THR L 16 -41.96 -28.98 20.79
C THR L 16 -42.15 -29.54 19.39
N VAL L 17 -42.27 -28.64 18.41
CA VAL L 17 -42.46 -29.02 17.02
C VAL L 17 -41.58 -28.13 16.15
N THR L 18 -41.24 -28.63 14.97
CA THR L 18 -40.45 -27.88 14.01
C THR L 18 -41.08 -27.95 12.62
N LEU L 19 -41.17 -26.79 11.98
CA LEU L 19 -41.72 -26.65 10.64
C LEU L 19 -40.59 -26.26 9.69
N THR L 20 -40.56 -26.89 8.53
CA THR L 20 -39.47 -26.73 7.59
C THR L 20 -39.93 -26.03 6.32
N CYS L 21 -38.98 -25.36 5.65
CA CYS L 21 -39.23 -24.63 4.43
C CYS L 21 -37.98 -24.66 3.58
N ALA L 22 -38.13 -25.05 2.31
CA ALA L 22 -36.97 -25.25 1.45
C ALA L 22 -37.31 -24.85 0.02
N PHE L 23 -36.27 -24.60 -0.76
CA PHE L 23 -36.46 -24.33 -2.17
C PHE L 23 -36.54 -25.63 -2.97
N SER L 24 -37.19 -25.56 -4.12
CA SER L 24 -37.32 -26.74 -4.97
C SER L 24 -35.97 -27.15 -5.56
N SER L 25 -35.16 -26.17 -5.99
CA SER L 25 -33.92 -26.45 -6.68
C SER L 25 -32.75 -25.60 -6.15
N GLY L 26 -32.69 -25.37 -4.84
CA GLY L 26 -31.60 -24.57 -4.30
C GLY L 26 -31.45 -24.69 -2.80
N SER L 27 -30.58 -23.86 -2.23
CA SER L 27 -30.34 -23.84 -0.79
C SER L 27 -30.83 -22.53 -0.19
N VAL L 28 -31.29 -22.61 1.05
CA VAL L 28 -31.77 -21.44 1.78
C VAL L 28 -30.68 -20.96 2.72
N THR L 29 -30.33 -19.69 2.61
CA THR L 29 -29.28 -19.09 3.42
C THR L 29 -29.83 -17.86 4.14
N THR L 30 -28.95 -17.21 4.90
CA THR L 30 -29.35 -16.00 5.62
C THR L 30 -29.61 -14.85 4.66
N SER L 31 -29.09 -14.93 3.43
CA SER L 31 -29.34 -13.92 2.42
C SER L 31 -30.75 -13.97 1.87
N ASN L 32 -31.49 -15.05 2.12
CA ASN L 32 -32.87 -15.17 1.70
C ASN L 32 -33.85 -14.59 2.71
N TYR L 33 -33.37 -14.18 3.89
CA TYR L 33 -34.20 -13.54 4.91
C TYR L 33 -35.52 -14.27 5.13
N PRO L 34 -35.48 -15.50 5.63
CA PRO L 34 -36.71 -16.27 5.78
C PRO L 34 -37.68 -15.58 6.73
N GLY L 35 -38.95 -15.71 6.44
CA GLY L 35 -39.99 -15.15 7.29
C GLY L 35 -41.11 -16.16 7.50
N TRP L 36 -41.65 -16.16 8.71
CA TRP L 36 -42.69 -17.11 9.09
C TRP L 36 -43.92 -16.34 9.54
N TYR L 37 -45.04 -16.60 8.87
CA TYR L 37 -46.30 -15.93 9.13
C TYR L 37 -47.34 -16.93 9.60
N GLN L 38 -48.17 -16.50 10.55
CA GLN L 38 -49.20 -17.34 11.15
C GLN L 38 -50.57 -16.81 10.73
N GLN L 39 -51.40 -17.69 10.20
CA GLN L 39 -52.73 -17.33 9.69
C GLN L 39 -53.77 -18.21 10.39
N THR L 40 -54.56 -17.60 11.26
CA THR L 40 -55.74 -18.19 11.86
C THR L 40 -56.99 -17.73 11.11
N PRO L 41 -57.98 -18.60 10.94
CA PRO L 41 -59.15 -18.24 10.13
C PRO L 41 -59.88 -17.02 10.69
N GLY L 42 -60.32 -16.15 9.78
CA GLY L 42 -61.08 -14.99 10.16
C GLY L 42 -60.28 -13.83 10.71
N GLN L 43 -58.96 -13.95 10.78
CA GLN L 43 -58.11 -12.92 11.35
C GLN L 43 -56.92 -12.67 10.43
N PRO L 44 -56.36 -11.47 10.44
CA PRO L 44 -55.24 -11.16 9.55
C PRO L 44 -54.01 -11.99 9.90
N PRO L 45 -53.20 -12.34 8.91
CA PRO L 45 -51.93 -13.03 9.20
C PRO L 45 -51.00 -12.16 10.02
N ARG L 46 -50.15 -12.81 10.81
CA ARG L 46 -49.24 -12.14 11.72
C ARG L 46 -47.83 -12.64 11.45
N GLN L 47 -46.88 -11.73 11.30
CA GLN L 47 -45.49 -12.10 11.06
C GLN L 47 -44.89 -12.63 12.36
N VAL L 48 -44.87 -13.95 12.50
CA VAL L 48 -44.31 -14.55 13.70
C VAL L 48 -42.81 -14.33 13.76
N ILE L 49 -42.11 -14.53 12.66
CA ILE L 49 -40.66 -14.38 12.61
C ILE L 49 -40.27 -13.60 11.36
N TYR L 50 -39.45 -12.57 11.54
CA TYR L 50 -38.84 -11.86 10.43
C TYR L 50 -37.33 -12.05 10.51
N SER L 51 -36.69 -12.07 9.34
CA SER L 51 -35.31 -12.50 9.21
C SER L 51 -35.15 -13.92 9.72
N THR L 52 -33.92 -14.41 9.81
CA THR L 52 -33.72 -15.81 10.18
C THR L 52 -34.24 -16.11 11.58
N ASN L 53 -33.97 -15.23 12.54
CA ASN L 53 -34.27 -15.55 13.93
C ASN L 53 -34.93 -14.41 14.69
N SER L 54 -34.96 -13.21 14.11
CA SER L 54 -35.54 -12.06 14.79
C SER L 54 -37.03 -12.26 15.04
N ARG L 55 -37.53 -11.73 16.15
CA ARG L 55 -38.91 -11.97 16.57
C ARG L 55 -39.52 -10.68 17.10
N PRO L 56 -40.75 -10.35 16.71
CA PRO L 56 -41.40 -9.16 17.26
C PRO L 56 -41.67 -9.30 18.75
N THR L 57 -41.76 -8.15 19.42
CA THR L 57 -41.96 -8.14 20.86
C THR L 57 -43.30 -8.76 21.26
N VAL L 58 -44.36 -8.46 20.51
CA VAL L 58 -45.69 -8.99 20.84
C VAL L 58 -45.76 -10.50 20.70
N VAL L 59 -45.00 -11.09 19.77
CA VAL L 59 -45.04 -12.52 19.49
C VAL L 59 -44.60 -13.28 20.74
N PRO L 60 -45.26 -14.39 21.08
CA PRO L 60 -44.84 -15.16 22.26
C PRO L 60 -43.42 -15.67 22.14
N SER L 61 -42.79 -15.97 23.26
CA SER L 61 -41.37 -16.39 23.21
C SER L 61 -41.20 -17.87 22.85
N ARG L 62 -42.28 -18.59 22.69
CA ARG L 62 -42.18 -20.03 22.36
C ARG L 62 -41.61 -20.19 20.95
N PHE L 63 -41.80 -19.18 20.09
CA PHE L 63 -41.38 -19.29 18.66
C PHE L 63 -39.92 -18.94 18.50
N SER L 64 -39.20 -19.75 17.72
CA SER L 64 -37.78 -19.50 17.43
C SER L 64 -37.49 -19.91 15.99
N GLY L 65 -36.52 -19.29 15.33
CA GLY L 65 -36.23 -19.53 13.94
C GLY L 65 -34.76 -19.82 13.73
N ALA L 66 -34.48 -20.64 12.71
CA ALA L 66 -33.10 -20.98 12.43
C ALA L 66 -32.98 -21.45 10.99
N ILE L 67 -31.74 -21.62 10.55
CA ILE L 67 -31.42 -22.24 9.27
C ILE L 67 -30.57 -23.46 9.54
N SER L 68 -31.08 -24.62 9.14
CA SER L 68 -30.39 -25.88 9.36
C SER L 68 -30.57 -26.77 8.14
N GLY L 69 -29.50 -27.40 7.70
CA GLY L 69 -29.56 -28.32 6.58
C GLY L 69 -30.10 -27.65 5.33
N ASN L 70 -29.58 -26.46 5.02
CA ASN L 70 -30.05 -25.60 3.93
C ASN L 70 -31.58 -25.49 3.89
N LYS L 71 -32.21 -25.49 5.06
CA LYS L 71 -33.67 -25.34 5.16
C LYS L 71 -33.99 -24.39 6.30
N ALA L 72 -34.98 -23.51 6.08
CA ALA L 72 -35.44 -22.65 7.15
C ALA L 72 -36.37 -23.42 8.07
N THR L 73 -36.23 -23.20 9.37
CA THR L 73 -36.98 -23.95 10.38
C THR L 73 -37.57 -23.03 11.42
N LEU L 74 -38.82 -23.29 11.77
CA LEU L 74 -39.52 -22.59 12.85
C LEU L 74 -39.83 -23.60 13.95
N THR L 75 -39.36 -23.33 15.15
CA THR L 75 -39.54 -24.23 16.28
C THR L 75 -40.47 -23.61 17.32
N ILE L 76 -41.49 -24.39 17.71
CA ILE L 76 -42.41 -24.00 18.77
C ILE L 76 -42.14 -24.92 19.94
N THR L 77 -41.68 -24.35 21.06
CA THR L 77 -41.40 -25.11 22.27
C THR L 77 -42.56 -24.95 23.23
N GLY L 78 -43.30 -26.03 23.45
CA GLY L 78 -44.47 -25.98 24.30
C GLY L 78 -45.67 -25.41 23.58
N ALA L 79 -46.11 -26.09 22.52
CA ALA L 79 -47.22 -25.60 21.71
C ALA L 79 -48.50 -25.59 22.53
N GLN L 80 -49.13 -24.43 22.61
CA GLN L 80 -50.41 -24.29 23.29
C GLN L 80 -51.56 -24.44 22.29
N ALA L 81 -52.78 -24.36 22.81
CA ALA L 81 -53.96 -24.55 21.98
C ALA L 81 -54.22 -23.39 21.03
N GLU L 82 -53.63 -22.22 21.27
CA GLU L 82 -53.83 -21.07 20.41
C GLU L 82 -52.83 -20.98 19.27
N ASP L 83 -51.96 -21.99 19.13
CA ASP L 83 -51.02 -22.06 18.02
C ASP L 83 -51.52 -23.00 16.92
N GLU L 84 -52.84 -23.17 16.83
CA GLU L 84 -53.45 -24.02 15.81
C GLU L 84 -53.84 -23.14 14.64
N ALA L 85 -52.87 -22.93 13.74
CA ALA L 85 -53.08 -22.07 12.58
C ALA L 85 -52.27 -22.62 11.42
N ASP L 86 -52.35 -21.93 10.28
CA ASP L 86 -51.57 -22.27 9.10
C ASP L 86 -50.31 -21.40 9.07
N TYR L 87 -49.16 -22.04 8.90
CA TYR L 87 -47.89 -21.34 8.95
C TYR L 87 -47.28 -21.29 7.57
N PHE L 88 -46.95 -20.10 7.11
CA PHE L 88 -46.42 -19.87 5.77
C PHE L 88 -44.98 -19.37 5.85
N CYS L 89 -44.16 -19.83 4.92
CA CYS L 89 -42.76 -19.41 4.83
C CYS L 89 -42.61 -18.52 3.60
N GLY L 90 -42.19 -17.27 3.83
CA GLY L 90 -41.91 -16.34 2.76
C GLY L 90 -40.42 -16.05 2.69
N LEU L 91 -39.83 -16.37 1.55
CA LEU L 91 -38.41 -16.19 1.31
C LEU L 91 -38.17 -14.99 0.40
N TYR L 92 -36.91 -14.56 0.33
CA TYR L 92 -36.52 -13.45 -0.52
C TYR L 92 -35.64 -13.97 -1.64
N LYS L 93 -36.01 -13.63 -2.88
CA LYS L 93 -35.37 -14.13 -4.09
C LYS L 93 -34.97 -12.96 -4.99
N ASN L 94 -34.14 -12.06 -4.48
CA ASN L 94 -33.57 -10.96 -5.33
C ASN L 94 -34.61 -9.93 -5.73
N SER L 95 -35.90 -10.16 -5.53
CA SER L 95 -36.89 -9.18 -6.05
C SER L 95 -38.00 -8.91 -5.04
N ALA L 96 -38.91 -8.01 -5.39
CA ALA L 96 -40.08 -7.73 -4.57
C ALA L 96 -41.12 -8.83 -4.62
N ASN L 97 -40.99 -9.77 -5.56
CA ASN L 97 -41.89 -10.92 -5.66
C ASN L 97 -41.42 -11.96 -4.64
N ILE L 98 -41.93 -11.84 -3.43
CA ILE L 98 -41.56 -12.78 -2.36
C ILE L 98 -42.31 -14.09 -2.60
N PRO L 99 -41.61 -15.20 -2.79
CA PRO L 99 -42.32 -16.49 -2.95
C PRO L 99 -42.78 -17.01 -1.61
N PHE L 100 -44.03 -17.48 -1.58
CA PHE L 100 -44.62 -18.03 -0.37
C PHE L 100 -44.77 -19.55 -0.50
N GLY L 101 -44.71 -20.22 0.65
CA GLY L 101 -44.92 -21.65 0.68
C GLY L 101 -46.38 -22.03 0.61
N GLY L 102 -46.61 -23.33 0.45
CA GLY L 102 -47.98 -23.82 0.39
C GLY L 102 -48.74 -23.63 1.68
N GLY L 103 -48.06 -23.76 2.81
CA GLY L 103 -48.70 -23.62 4.10
C GLY L 103 -48.73 -24.93 4.85
N THR L 104 -48.41 -24.86 6.15
CA THR L 104 -48.43 -26.01 7.02
C THR L 104 -49.50 -25.81 8.08
N HIS L 105 -50.44 -26.74 8.16
CA HIS L 105 -51.56 -26.67 9.09
C HIS L 105 -51.16 -27.42 10.36
N LEU L 106 -50.76 -26.68 11.38
CA LEU L 106 -50.37 -27.27 12.65
C LEU L 106 -51.62 -27.58 13.46
N THR L 107 -51.91 -28.87 13.62
CA THR L 107 -53.09 -29.35 14.34
C THR L 107 -52.66 -29.75 15.74
N VAL L 108 -52.90 -28.89 16.71
CA VAL L 108 -52.65 -29.24 18.11
C VAL L 108 -53.73 -30.22 18.55
N LEU L 109 -53.31 -31.45 18.87
CA LEU L 109 -54.26 -32.52 19.13
C LEU L 109 -54.99 -32.27 20.44
#